data_2IUU
#
_entry.id   2IUU
#
_cell.length_a   140.012
_cell.length_b   221.757
_cell.length_c   134.075
_cell.angle_alpha   90.00
_cell.angle_beta   90.00
_cell.angle_gamma   90.00
#
_symmetry.space_group_name_H-M   'P 21 21 2'
#
loop_
_entity.id
_entity.type
_entity.pdbx_description
1 polymer 'DNA TRANSLOCASE FTSK'
2 non-polymer "ADENOSINE-5'-DIPHOSPHATE"
#
_entity_poly.entity_id   1
_entity_poly.type   'polypeptide(L)'
_entity_poly.pdbx_seq_one_letter_code
;MVPDRREQSKAKERLLEREEALAKHMSEREKRPPPKIDPPPSPKAPEPSKRVLKEKQAPLFVDTAVEGTLPPLSLLDPAE
VKQKSYSPESLEAMSRLLEIKLKEFGVEVSVDSVHPGPVITRFEIQPAAGVKVSRISNLAKDLARSLAVISVRVVEVIPG
KTTVGIEIPNEDRQMVRFSEVLSSPEYDEHKSTVPLALGHDIGGRPIITDLAKMPHLLVAGTTGSGKSVGVNAMLLSILF
KSTPSEARLIMIDPKMLELSIYEGIPHLLCPVVTDMKEAANALRWSVAEMERRYRLMAAMGVRNLAGFNRKVKDAEEAGT
PLTDPLFRRESPDDEPPQLSTLPTIVVVVDEFADMMMIVGKKVEELIARIAQKARAAGIHLILATQRPSVDVITGLIKAN
IPTRIAFQVSSKIDSRTILDQGGAEQLLGHGDMLYLPPGTGLPIRVHGAFVSDDEVHRVVEAWKLRGAPDYIEDILAGVD
EGGKLHHHHHH
;
_entity_poly.pdbx_strand_id   A,B,C,D,E,F
#
# COMPACT_ATOMS: atom_id res chain seq x y z
N LEU A 70 38.63 9.65 -43.15
CA LEU A 70 37.72 8.72 -42.41
C LEU A 70 38.45 7.39 -42.11
N PRO A 71 38.71 7.10 -40.80
CA PRO A 71 39.40 5.86 -40.37
C PRO A 71 38.93 4.56 -41.02
N PRO A 72 39.89 3.69 -41.38
CA PRO A 72 39.70 2.37 -42.01
C PRO A 72 39.35 1.23 -41.07
N LEU A 73 38.45 0.37 -41.52
CA LEU A 73 38.00 -0.78 -40.74
C LEU A 73 39.20 -1.70 -40.49
N SER A 74 40.33 -1.33 -41.07
CA SER A 74 41.55 -2.10 -40.94
C SER A 74 42.10 -2.02 -39.52
N LEU A 75 41.63 -1.03 -38.78
CA LEU A 75 42.11 -0.84 -37.41
C LEU A 75 41.54 -1.89 -36.47
N LEU A 76 40.50 -2.60 -36.92
CA LEU A 76 39.85 -3.62 -36.09
C LEU A 76 40.47 -5.01 -36.17
N ASP A 77 40.59 -5.68 -35.03
CA ASP A 77 41.15 -7.03 -34.99
C ASP A 77 40.28 -7.89 -35.92
N PRO A 78 40.89 -8.90 -36.57
CA PRO A 78 40.25 -9.83 -37.51
C PRO A 78 39.40 -10.92 -36.86
N ALA A 79 38.44 -11.42 -37.62
CA ALA A 79 37.58 -12.49 -37.11
C ALA A 79 38.40 -13.74 -36.83
N GLU A 80 38.45 -14.13 -35.55
CA GLU A 80 39.19 -15.31 -35.13
C GLU A 80 38.61 -16.56 -35.79
N VAL A 81 39.43 -17.60 -35.95
CA VAL A 81 39.01 -18.84 -36.59
C VAL A 81 37.69 -19.38 -36.03
N LYS A 82 36.63 -19.26 -36.81
CA LYS A 82 35.32 -19.73 -36.39
C LYS A 82 35.24 -21.25 -36.34
N GLN A 83 35.82 -21.85 -35.31
CA GLN A 83 35.78 -23.30 -35.18
C GLN A 83 34.43 -23.71 -34.63
N LYS A 84 33.43 -23.63 -35.50
CA LYS A 84 32.04 -23.95 -35.15
C LYS A 84 31.66 -25.38 -35.59
N SER A 85 30.52 -25.47 -36.29
CA SER A 85 30.00 -26.72 -36.81
C SER A 85 29.75 -27.80 -35.77
N TYR A 86 28.48 -28.18 -35.66
CA TYR A 86 28.06 -29.22 -34.72
C TYR A 86 27.51 -30.35 -35.60
N SER A 87 28.24 -31.45 -35.67
CA SER A 87 27.84 -32.58 -36.49
C SER A 87 26.34 -32.86 -36.40
N PRO A 88 25.69 -33.16 -37.54
CA PRO A 88 24.25 -33.44 -37.60
C PRO A 88 23.85 -34.44 -36.51
N GLU A 89 24.82 -35.26 -36.12
CA GLU A 89 24.63 -36.26 -35.08
C GLU A 89 24.60 -35.62 -33.69
N SER A 90 25.51 -34.68 -33.45
CA SER A 90 25.57 -33.99 -32.15
C SER A 90 24.24 -33.28 -31.90
N LEU A 91 23.81 -32.49 -32.89
CA LEU A 91 22.56 -31.75 -32.79
C LEU A 91 21.39 -32.70 -32.57
N GLU A 92 21.41 -33.84 -33.24
CA GLU A 92 20.32 -34.80 -33.11
C GLU A 92 20.35 -35.44 -31.71
N ALA A 93 21.55 -35.56 -31.13
CA ALA A 93 21.70 -36.14 -29.80
C ALA A 93 21.07 -35.21 -28.76
N MET A 94 21.46 -33.94 -28.81
CA MET A 94 20.93 -32.93 -27.89
C MET A 94 19.41 -32.87 -28.03
N SER A 95 18.93 -33.00 -29.27
CA SER A 95 17.49 -32.98 -29.54
C SER A 95 16.76 -34.03 -28.74
N ARG A 96 17.26 -35.25 -28.74
CA ARG A 96 16.61 -36.33 -27.99
C ARG A 96 16.78 -36.10 -26.49
N LEU A 97 17.92 -35.55 -26.10
CA LEU A 97 18.20 -35.26 -24.69
C LEU A 97 17.13 -34.30 -24.19
N LEU A 98 16.95 -33.21 -24.94
CA LEU A 98 15.95 -32.21 -24.60
C LEU A 98 14.62 -32.93 -24.41
N GLU A 99 14.21 -33.68 -25.42
CA GLU A 99 12.94 -34.41 -25.35
C GLU A 99 12.85 -35.27 -24.10
N ILE A 100 13.93 -35.98 -23.80
CA ILE A 100 13.98 -36.86 -22.63
C ILE A 100 13.83 -36.11 -21.32
N LYS A 101 14.64 -35.07 -21.13
CA LYS A 101 14.59 -34.28 -19.92
C LYS A 101 13.22 -33.64 -19.66
N LEU A 102 12.58 -33.08 -20.70
CA LEU A 102 11.27 -32.47 -20.54
C LEU A 102 10.27 -33.55 -20.17
N LYS A 103 10.48 -34.74 -20.72
CA LYS A 103 9.62 -35.87 -20.48
C LYS A 103 9.77 -36.30 -19.03
N GLU A 104 10.99 -36.27 -18.52
CA GLU A 104 11.28 -36.65 -17.14
C GLU A 104 10.42 -35.76 -16.26
N PHE A 105 10.32 -34.48 -16.63
CA PHE A 105 9.47 -33.54 -15.90
C PHE A 105 8.07 -33.76 -16.51
N GLY A 106 7.14 -32.88 -16.22
CA GLY A 106 5.81 -33.10 -16.77
C GLY A 106 5.58 -33.20 -18.28
N VAL A 107 6.10 -32.24 -19.04
CA VAL A 107 5.88 -32.17 -20.48
C VAL A 107 6.47 -33.13 -21.51
N GLU A 108 5.62 -33.46 -22.48
CA GLU A 108 5.99 -34.34 -23.57
C GLU A 108 6.02 -33.47 -24.83
N VAL A 109 7.21 -33.34 -25.40
CA VAL A 109 7.36 -32.53 -26.58
C VAL A 109 8.33 -33.20 -27.56
N SER A 110 8.40 -32.71 -28.79
CA SER A 110 9.31 -33.30 -29.76
C SER A 110 9.96 -32.21 -30.59
N VAL A 111 11.28 -32.30 -30.75
CA VAL A 111 12.02 -31.31 -31.53
C VAL A 111 11.52 -31.29 -32.97
N ASP A 112 11.26 -30.08 -33.47
CA ASP A 112 10.75 -29.90 -34.81
C ASP A 112 11.87 -29.46 -35.77
N SER A 113 12.89 -28.79 -35.23
CA SER A 113 14.02 -28.30 -36.01
C SER A 113 15.10 -27.70 -35.09
N VAL A 114 16.33 -27.70 -35.56
CA VAL A 114 17.43 -27.16 -34.77
C VAL A 114 18.14 -26.06 -35.55
N HIS A 115 18.46 -24.96 -34.86
CA HIS A 115 19.11 -23.83 -35.51
C HIS A 115 20.30 -23.38 -34.67
N PRO A 116 21.49 -23.90 -34.98
CA PRO A 116 22.69 -23.54 -34.22
C PRO A 116 23.16 -22.12 -34.55
N GLY A 117 23.85 -21.50 -33.60
CA GLY A 117 24.35 -20.16 -33.79
C GLY A 117 25.67 -19.97 -33.05
N PRO A 118 26.21 -18.75 -33.05
CA PRO A 118 27.48 -18.42 -32.39
C PRO A 118 27.50 -18.66 -30.87
N VAL A 119 26.44 -18.23 -30.20
CA VAL A 119 26.38 -18.37 -28.75
C VAL A 119 25.39 -19.41 -28.25
N ILE A 120 24.22 -19.51 -28.86
CA ILE A 120 23.28 -20.53 -28.41
C ILE A 120 22.73 -21.27 -29.62
N THR A 121 21.90 -22.28 -29.37
CA THR A 121 21.29 -23.06 -30.43
C THR A 121 19.81 -23.16 -30.09
N ARG A 122 18.96 -22.76 -31.02
CA ARG A 122 17.54 -22.81 -30.79
C ARG A 122 16.93 -24.12 -31.24
N PHE A 123 16.14 -24.73 -30.38
CA PHE A 123 15.46 -25.97 -30.72
C PHE A 123 13.98 -25.64 -30.75
N GLU A 124 13.40 -25.62 -31.95
CA GLU A 124 11.96 -25.35 -32.03
C GLU A 124 11.33 -26.69 -31.72
N ILE A 125 10.55 -26.74 -30.64
CA ILE A 125 9.91 -27.98 -30.27
C ILE A 125 8.41 -27.84 -30.45
N GLN A 126 7.76 -28.96 -30.74
CA GLN A 126 6.33 -28.98 -30.93
C GLN A 126 5.71 -29.68 -29.71
N PRO A 127 5.00 -28.92 -28.86
CA PRO A 127 4.36 -29.44 -27.66
C PRO A 127 3.26 -30.45 -27.99
N ALA A 128 3.16 -31.48 -27.16
CA ALA A 128 2.14 -32.50 -27.36
C ALA A 128 0.75 -31.88 -27.24
N ALA A 129 -0.28 -32.68 -27.53
CA ALA A 129 -1.65 -32.17 -27.43
C ALA A 129 -1.97 -31.79 -25.99
N GLY A 130 -2.58 -30.62 -25.84
CA GLY A 130 -2.97 -30.17 -24.51
C GLY A 130 -1.93 -29.52 -23.62
N VAL A 131 -0.64 -29.63 -23.93
CA VAL A 131 0.34 -29.01 -23.05
C VAL A 131 0.43 -27.51 -23.28
N LYS A 132 0.42 -26.73 -22.19
CA LYS A 132 0.48 -25.26 -22.26
C LYS A 132 1.91 -24.73 -22.13
N VAL A 133 2.23 -23.73 -22.95
CA VAL A 133 3.56 -23.16 -22.95
C VAL A 133 4.09 -22.84 -21.58
N SER A 134 3.23 -22.27 -20.74
CA SER A 134 3.64 -21.88 -19.39
C SER A 134 4.37 -23.03 -18.70
N ARG A 135 3.85 -24.25 -18.85
CA ARG A 135 4.48 -25.41 -18.24
C ARG A 135 5.96 -25.48 -18.63
N ILE A 136 6.26 -25.25 -19.92
CA ILE A 136 7.64 -25.27 -20.41
C ILE A 136 8.45 -24.14 -19.76
N SER A 137 7.98 -22.90 -19.89
CA SER A 137 8.65 -21.72 -19.33
C SER A 137 8.95 -21.88 -17.85
N ASN A 138 7.97 -22.42 -17.15
CA ASN A 138 8.10 -22.62 -15.72
C ASN A 138 9.24 -23.50 -15.27
N LEU A 139 9.68 -24.45 -16.08
CA LEU A 139 10.80 -25.24 -15.60
C LEU A 139 12.06 -25.06 -16.41
N ALA A 140 12.33 -23.80 -16.70
CA ALA A 140 13.51 -23.41 -17.45
C ALA A 140 14.71 -23.54 -16.52
N LYS A 141 14.48 -23.26 -15.24
CA LYS A 141 15.54 -23.34 -14.25
C LYS A 141 15.98 -24.78 -14.06
N ASP A 142 15.00 -25.67 -13.89
CA ASP A 142 15.33 -27.06 -13.69
C ASP A 142 15.87 -27.71 -14.96
N LEU A 143 15.24 -27.41 -16.11
CA LEU A 143 15.68 -27.97 -17.39
C LEU A 143 17.13 -27.61 -17.62
N ALA A 144 17.48 -26.37 -17.32
CA ALA A 144 18.85 -25.93 -17.49
C ALA A 144 19.79 -26.78 -16.64
N ARG A 145 19.40 -27.08 -15.42
CA ARG A 145 20.27 -27.88 -14.56
C ARG A 145 20.39 -29.30 -15.10
N SER A 146 19.27 -29.89 -15.51
CA SER A 146 19.31 -31.25 -16.04
C SER A 146 20.19 -31.29 -17.28
N LEU A 147 20.33 -30.17 -17.98
CA LEU A 147 21.15 -30.12 -19.18
C LEU A 147 22.56 -29.62 -18.90
N ALA A 148 22.85 -29.35 -17.62
CA ALA A 148 24.15 -28.84 -17.21
C ALA A 148 24.59 -27.55 -17.94
N VAL A 149 23.61 -26.68 -18.24
CA VAL A 149 23.89 -25.39 -18.87
C VAL A 149 23.50 -24.34 -17.84
N ILE A 150 24.14 -23.18 -17.87
CA ILE A 150 23.86 -22.13 -16.90
C ILE A 150 22.41 -21.61 -16.90
N SER A 151 21.75 -21.65 -18.05
CA SER A 151 20.37 -21.18 -18.13
C SER A 151 19.88 -21.50 -19.50
N VAL A 152 18.57 -21.44 -19.68
CA VAL A 152 17.97 -21.74 -20.96
C VAL A 152 16.87 -20.71 -21.20
N ARG A 153 16.67 -20.32 -22.45
CA ARG A 153 15.67 -19.31 -22.77
C ARG A 153 14.47 -19.84 -23.57
N VAL A 154 13.30 -19.78 -22.96
CA VAL A 154 12.08 -20.27 -23.60
C VAL A 154 11.35 -19.19 -24.40
N VAL A 155 11.34 -19.33 -25.72
CA VAL A 155 10.66 -18.38 -26.59
C VAL A 155 9.24 -18.91 -26.82
N GLU A 156 8.28 -18.37 -26.08
CA GLU A 156 6.89 -18.80 -26.14
C GLU A 156 6.16 -18.69 -27.47
N VAL A 157 6.65 -17.85 -28.36
CA VAL A 157 5.98 -17.74 -29.65
C VAL A 157 6.91 -17.54 -30.82
N ILE A 158 6.73 -18.39 -31.82
CA ILE A 158 7.52 -18.33 -33.03
C ILE A 158 6.53 -18.03 -34.15
N PRO A 159 6.52 -16.78 -34.63
CA PRO A 159 5.65 -16.29 -35.71
C PRO A 159 5.34 -17.26 -36.85
N GLY A 160 4.06 -17.48 -37.10
CA GLY A 160 3.63 -18.37 -38.16
C GLY A 160 3.55 -19.85 -37.79
N LYS A 161 4.51 -20.32 -37.00
CA LYS A 161 4.55 -21.72 -36.59
C LYS A 161 3.74 -21.97 -35.30
N THR A 162 3.48 -23.24 -35.01
CA THR A 162 2.75 -23.62 -33.81
C THR A 162 3.76 -24.17 -32.78
N THR A 163 5.05 -24.01 -33.09
CA THR A 163 6.10 -24.47 -32.22
C THR A 163 6.56 -23.42 -31.21
N VAL A 164 7.28 -23.90 -30.21
CA VAL A 164 7.84 -23.07 -29.16
C VAL A 164 9.35 -23.23 -29.32
N GLY A 165 10.12 -22.28 -28.80
CA GLY A 165 11.56 -22.38 -28.95
C GLY A 165 12.32 -22.44 -27.64
N ILE A 166 13.42 -23.18 -27.64
CA ILE A 166 14.27 -23.31 -26.46
C ILE A 166 15.70 -23.04 -26.89
N GLU A 167 16.27 -21.97 -26.39
CA GLU A 167 17.63 -21.59 -26.75
C GLU A 167 18.62 -22.03 -25.68
N ILE A 168 19.40 -23.04 -26.02
CA ILE A 168 20.40 -23.61 -25.10
C ILE A 168 21.79 -23.07 -25.41
N PRO A 169 22.55 -22.71 -24.37
CA PRO A 169 23.91 -22.18 -24.56
C PRO A 169 24.84 -23.26 -25.12
N ASN A 170 25.61 -22.90 -26.15
CA ASN A 170 26.56 -23.81 -26.74
C ASN A 170 27.70 -24.03 -25.76
N GLU A 171 28.28 -25.23 -25.76
CA GLU A 171 29.39 -25.53 -24.84
C GLU A 171 30.55 -24.57 -25.08
N ASP A 172 30.82 -24.30 -26.35
CA ASP A 172 31.89 -23.38 -26.69
C ASP A 172 31.28 -22.19 -27.40
N ARG A 173 31.18 -21.07 -26.68
CA ARG A 173 30.62 -19.87 -27.29
C ARG A 173 31.69 -19.29 -28.18
N GLN A 174 31.38 -19.13 -29.46
CA GLN A 174 32.37 -18.55 -30.32
C GLN A 174 32.11 -17.05 -30.30
N MET A 175 33.18 -16.28 -30.15
CA MET A 175 33.12 -14.83 -30.07
C MET A 175 32.69 -14.10 -31.36
N VAL A 176 32.17 -12.88 -31.18
CA VAL A 176 31.75 -12.06 -32.30
C VAL A 176 32.64 -10.82 -32.26
N ARG A 177 33.47 -10.66 -33.28
CA ARG A 177 34.39 -9.51 -33.37
C ARG A 177 33.67 -8.34 -34.04
N PHE A 178 33.95 -7.15 -33.54
CA PHE A 178 33.30 -5.97 -34.10
C PHE A 178 33.50 -5.91 -35.63
N SER A 179 34.72 -6.14 -36.08
CA SER A 179 35.03 -6.10 -37.50
C SER A 179 34.10 -7.05 -38.28
N GLU A 180 33.77 -8.16 -37.64
CA GLU A 180 32.91 -9.19 -38.21
C GLU A 180 31.48 -8.68 -38.42
N VAL A 181 31.15 -7.56 -37.77
CA VAL A 181 29.82 -7.00 -37.88
C VAL A 181 29.77 -5.82 -38.83
N LEU A 182 30.75 -4.91 -38.71
CA LEU A 182 30.80 -3.73 -39.56
C LEU A 182 31.10 -4.10 -41.01
N SER A 183 31.62 -5.31 -41.22
CA SER A 183 31.96 -5.78 -42.55
C SER A 183 30.71 -6.07 -43.37
N SER A 184 29.58 -6.26 -42.70
CA SER A 184 28.34 -6.56 -43.39
C SER A 184 27.94 -5.47 -44.39
N PRO A 185 27.13 -5.84 -45.39
CA PRO A 185 26.68 -4.86 -46.38
C PRO A 185 25.66 -3.90 -45.77
N GLU A 186 24.90 -4.39 -44.79
CA GLU A 186 23.88 -3.58 -44.12
C GLU A 186 24.53 -2.35 -43.49
N TYR A 187 25.66 -2.54 -42.83
CA TYR A 187 26.37 -1.44 -42.18
C TYR A 187 27.07 -0.56 -43.21
N ASP A 188 27.69 -1.22 -44.18
CA ASP A 188 28.43 -0.54 -45.22
C ASP A 188 27.55 0.42 -46.04
N GLU A 189 26.40 -0.09 -46.48
CA GLU A 189 25.47 0.69 -47.29
C GLU A 189 24.51 1.53 -46.46
N HIS A 190 24.66 1.51 -45.14
CA HIS A 190 23.75 2.28 -44.30
C HIS A 190 23.87 3.77 -44.57
N LYS A 191 22.71 4.38 -44.79
CA LYS A 191 22.65 5.80 -45.12
C LYS A 191 22.59 6.78 -43.93
N SER A 192 22.40 6.26 -42.72
CA SER A 192 22.31 7.11 -41.52
C SER A 192 23.66 7.63 -41.02
N THR A 193 23.62 8.77 -40.33
CA THR A 193 24.83 9.39 -39.80
C THR A 193 25.18 8.71 -38.48
N VAL A 194 24.19 8.05 -37.91
CA VAL A 194 24.36 7.39 -36.62
C VAL A 194 23.86 5.95 -36.58
N PRO A 195 24.48 5.07 -37.37
CA PRO A 195 24.04 3.67 -37.37
C PRO A 195 24.67 2.98 -36.16
N LEU A 196 23.99 1.94 -35.66
CA LEU A 196 24.48 1.19 -34.51
C LEU A 196 24.50 -0.28 -34.83
N ALA A 197 25.70 -0.82 -34.96
CA ALA A 197 25.89 -2.24 -35.26
C ALA A 197 25.92 -2.91 -33.89
N LEU A 198 24.85 -3.63 -33.57
CA LEU A 198 24.76 -4.27 -32.26
C LEU A 198 25.59 -5.55 -32.10
N GLY A 199 25.48 -6.44 -33.09
CA GLY A 199 26.19 -7.71 -33.07
C GLY A 199 25.54 -8.70 -34.01
N HIS A 200 25.46 -9.96 -33.60
CA HIS A 200 24.83 -11.01 -34.42
C HIS A 200 23.59 -11.58 -33.77
N ASP A 201 22.57 -11.91 -34.56
CA ASP A 201 21.37 -12.48 -33.98
C ASP A 201 21.68 -13.92 -33.57
N ILE A 202 20.70 -14.64 -33.00
CA ILE A 202 20.96 -16.00 -32.55
C ILE A 202 21.42 -16.92 -33.67
N GLY A 203 21.21 -16.46 -34.91
CA GLY A 203 21.61 -17.22 -36.08
C GLY A 203 22.91 -16.78 -36.73
N GLY A 204 23.62 -15.83 -36.11
CA GLY A 204 24.88 -15.36 -36.67
C GLY A 204 24.80 -14.16 -37.61
N ARG A 205 23.60 -13.76 -37.98
CA ARG A 205 23.40 -12.62 -38.89
C ARG A 205 23.61 -11.26 -38.18
N PRO A 206 24.23 -10.30 -38.86
CA PRO A 206 24.49 -8.98 -38.28
C PRO A 206 23.24 -8.11 -38.12
N ILE A 207 23.13 -7.50 -36.93
CA ILE A 207 22.02 -6.62 -36.62
C ILE A 207 22.51 -5.16 -36.60
N ILE A 208 22.12 -4.42 -37.64
CA ILE A 208 22.48 -3.02 -37.75
C ILE A 208 21.22 -2.18 -37.59
N THR A 209 21.30 -1.14 -36.77
CA THR A 209 20.14 -0.29 -36.50
C THR A 209 20.43 1.19 -36.75
N ASP A 210 19.39 2.01 -36.64
CA ASP A 210 19.52 3.46 -36.85
C ASP A 210 19.08 4.27 -35.62
N LEU A 211 20.05 4.80 -34.89
CA LEU A 211 19.77 5.59 -33.69
C LEU A 211 18.75 6.67 -34.02
N ALA A 212 18.94 7.32 -35.17
CA ALA A 212 18.05 8.40 -35.60
C ALA A 212 16.60 7.94 -35.77
N LYS A 213 16.39 6.63 -35.89
CA LYS A 213 15.02 6.15 -36.03
C LYS A 213 14.43 5.60 -34.73
N MET A 214 15.27 5.49 -33.70
CA MET A 214 14.85 4.96 -32.40
C MET A 214 13.80 5.73 -31.60
N PRO A 215 13.98 7.06 -31.42
CA PRO A 215 15.08 7.90 -31.90
C PRO A 215 15.94 8.22 -30.69
N HIS A 216 15.68 7.48 -29.62
CA HIS A 216 16.42 7.62 -28.37
C HIS A 216 16.59 6.23 -27.82
N LEU A 217 17.66 6.03 -27.05
CA LEU A 217 17.93 4.70 -26.53
C LEU A 217 18.23 4.61 -25.04
N LEU A 218 17.61 3.61 -24.42
CA LEU A 218 17.82 3.30 -23.01
C LEU A 218 18.60 1.98 -22.98
N VAL A 219 19.70 2.00 -22.24
CA VAL A 219 20.55 0.80 -22.12
C VAL A 219 20.78 0.44 -20.65
N ALA A 220 20.53 -0.82 -20.32
CA ALA A 220 20.70 -1.31 -18.96
C ALA A 220 21.42 -2.66 -18.91
N GLY A 221 22.22 -2.87 -17.87
CA GLY A 221 22.94 -4.12 -17.69
C GLY A 221 23.77 -4.06 -16.40
N THR A 222 23.69 -5.09 -15.55
CA THR A 222 24.50 -5.05 -14.31
C THR A 222 25.95 -5.28 -14.64
N THR A 223 26.84 -4.96 -13.69
CA THR A 223 28.26 -5.13 -13.95
C THR A 223 28.50 -6.57 -14.39
N GLY A 224 29.29 -6.72 -15.46
CA GLY A 224 29.61 -8.03 -16.00
C GLY A 224 28.76 -8.44 -17.19
N SER A 225 27.73 -7.66 -17.49
CA SER A 225 26.85 -8.00 -18.60
C SER A 225 27.43 -7.66 -19.95
N GLY A 226 28.38 -6.74 -19.96
CA GLY A 226 29.02 -6.32 -21.20
C GLY A 226 28.43 -5.04 -21.77
N LYS A 227 27.85 -4.23 -20.89
CA LYS A 227 27.22 -2.97 -21.27
C LYS A 227 28.23 -1.95 -21.75
N SER A 228 29.33 -1.81 -21.03
CA SER A 228 30.37 -0.85 -21.40
C SER A 228 30.93 -1.10 -22.80
N VAL A 229 31.24 -2.37 -23.07
CA VAL A 229 31.75 -2.74 -24.38
C VAL A 229 30.71 -2.38 -25.44
N GLY A 230 29.45 -2.73 -25.16
CA GLY A 230 28.37 -2.47 -26.09
C GLY A 230 28.17 -1.00 -26.39
N VAL A 231 28.50 -0.15 -25.42
CA VAL A 231 28.36 1.28 -25.63
C VAL A 231 29.52 1.65 -26.56
N ASN A 232 30.70 1.09 -26.28
CA ASN A 232 31.84 1.38 -27.13
C ASN A 232 31.51 0.96 -28.56
N ALA A 233 30.87 -0.20 -28.70
CA ALA A 233 30.52 -0.69 -30.02
C ALA A 233 29.60 0.33 -30.68
N MET A 234 28.69 0.91 -29.89
CA MET A 234 27.77 1.92 -30.39
C MET A 234 28.52 3.17 -30.87
N LEU A 235 29.41 3.69 -30.03
CA LEU A 235 30.18 4.87 -30.37
C LEU A 235 31.05 4.63 -31.62
N LEU A 236 31.73 3.49 -31.65
CA LEU A 236 32.58 3.17 -32.79
C LEU A 236 31.74 3.04 -34.06
N SER A 237 30.48 2.61 -33.94
CA SER A 237 29.63 2.49 -35.12
C SER A 237 29.48 3.86 -35.78
N ILE A 238 29.37 4.90 -34.94
CA ILE A 238 29.22 6.27 -35.44
C ILE A 238 30.54 6.71 -36.02
N LEU A 239 31.58 6.67 -35.20
CA LEU A 239 32.91 7.08 -35.60
C LEU A 239 33.46 6.44 -36.89
N PHE A 240 32.96 5.27 -37.25
CA PHE A 240 33.43 4.58 -38.47
C PHE A 240 32.62 4.95 -39.68
N LYS A 241 31.60 5.78 -39.50
CA LYS A 241 30.80 6.15 -40.63
C LYS A 241 30.59 7.65 -40.78
N SER A 242 30.77 8.42 -39.72
CA SER A 242 30.54 9.84 -39.84
C SER A 242 31.68 10.75 -39.44
N THR A 243 31.73 11.92 -40.06
CA THR A 243 32.75 12.93 -39.81
C THR A 243 32.14 13.96 -38.86
N PRO A 244 32.98 14.69 -38.13
CA PRO A 244 32.51 15.71 -37.18
C PRO A 244 31.44 16.65 -37.73
N SER A 245 31.38 16.81 -39.04
CA SER A 245 30.40 17.72 -39.63
C SER A 245 29.08 17.03 -39.91
N GLU A 246 29.06 15.72 -39.70
CA GLU A 246 27.86 14.93 -39.94
C GLU A 246 27.25 14.45 -38.63
N ALA A 247 28.12 14.29 -37.63
CA ALA A 247 27.70 13.82 -36.32
C ALA A 247 28.59 14.39 -35.23
N ARG A 248 27.97 14.99 -34.22
CA ARG A 248 28.69 15.55 -33.09
C ARG A 248 28.30 14.84 -31.79
N LEU A 249 29.20 14.84 -30.81
CA LEU A 249 28.95 14.15 -29.56
C LEU A 249 29.10 14.93 -28.27
N ILE A 250 28.23 14.64 -27.32
CA ILE A 250 28.30 15.21 -25.99
C ILE A 250 28.36 13.97 -25.10
N MET A 251 29.49 13.81 -24.41
CA MET A 251 29.69 12.65 -23.56
C MET A 251 29.72 12.97 -22.08
N ILE A 252 28.75 12.42 -21.35
CA ILE A 252 28.67 12.61 -19.91
C ILE A 252 29.14 11.32 -19.22
N ASP A 253 30.23 11.44 -18.46
CA ASP A 253 30.82 10.29 -17.76
C ASP A 253 30.87 10.55 -16.26
N PRO A 254 29.75 10.33 -15.55
CA PRO A 254 29.69 10.56 -14.09
C PRO A 254 30.82 9.87 -13.30
N LYS A 255 31.44 8.88 -13.92
CA LYS A 255 32.57 8.18 -13.34
C LYS A 255 33.70 8.50 -14.32
N MET A 256 34.70 9.30 -13.92
CA MET A 256 35.80 9.68 -14.85
C MET A 256 36.49 8.45 -15.45
N LEU A 257 35.70 7.40 -15.63
CA LEU A 257 36.14 6.10 -16.13
C LEU A 257 35.95 5.87 -17.62
N GLU A 258 34.90 5.11 -17.92
CA GLU A 258 34.55 4.68 -19.27
C GLU A 258 34.69 5.58 -20.51
N LEU A 259 34.05 6.74 -20.54
CA LEU A 259 34.12 7.57 -21.72
C LEU A 259 35.33 8.48 -21.86
N SER A 260 36.09 8.60 -20.78
CA SER A 260 37.27 9.45 -20.77
C SER A 260 38.35 9.02 -21.76
N ILE A 261 38.19 7.84 -22.34
CA ILE A 261 39.14 7.32 -23.31
C ILE A 261 38.94 8.01 -24.67
N TYR A 262 37.80 8.66 -24.87
CA TYR A 262 37.49 9.34 -26.13
C TYR A 262 37.87 10.81 -26.15
N GLU A 263 38.47 11.27 -25.06
CA GLU A 263 38.83 12.68 -24.98
C GLU A 263 39.59 13.16 -26.22
N GLY A 264 39.25 14.35 -26.70
CA GLY A 264 39.95 14.90 -27.84
C GLY A 264 39.45 14.62 -29.26
N ILE A 265 38.66 13.58 -29.48
CA ILE A 265 38.21 13.34 -30.84
C ILE A 265 37.45 14.59 -31.31
N PRO A 266 37.62 14.95 -32.60
CA PRO A 266 36.98 16.12 -33.19
C PRO A 266 35.45 16.17 -33.15
N HIS A 267 34.80 15.03 -32.96
CA HIS A 267 33.34 15.03 -32.91
C HIS A 267 32.74 15.64 -31.64
N LEU A 268 33.52 15.66 -30.57
CA LEU A 268 33.07 16.20 -29.29
C LEU A 268 32.77 17.68 -29.33
N LEU A 269 31.57 18.05 -28.89
CA LEU A 269 31.15 19.45 -28.86
C LEU A 269 31.81 20.14 -27.68
N CYS A 270 32.25 19.34 -26.72
CA CYS A 270 32.88 19.85 -25.51
C CYS A 270 33.65 18.69 -24.94
N PRO A 271 34.45 18.93 -23.89
CA PRO A 271 35.23 17.84 -23.29
C PRO A 271 34.28 16.82 -22.69
N VAL A 272 34.78 15.62 -22.41
CA VAL A 272 33.94 14.60 -21.81
C VAL A 272 33.51 15.20 -20.47
N VAL A 273 32.21 15.37 -20.29
CA VAL A 273 31.68 15.97 -19.07
C VAL A 273 31.81 15.09 -17.83
N THR A 274 32.55 15.62 -16.88
CA THR A 274 32.81 14.92 -15.63
C THR A 274 32.07 15.53 -14.45
N ASP A 275 31.95 16.86 -14.47
CA ASP A 275 31.23 17.57 -13.41
C ASP A 275 29.75 17.45 -13.73
N MET A 276 28.96 16.89 -12.82
CA MET A 276 27.53 16.74 -13.08
C MET A 276 26.75 18.04 -13.25
N LYS A 277 27.14 19.09 -12.54
CA LYS A 277 26.45 20.37 -12.70
C LYS A 277 26.62 20.81 -14.16
N GLU A 278 27.83 20.62 -14.69
CA GLU A 278 28.12 20.96 -16.08
C GLU A 278 27.30 20.10 -17.01
N ALA A 279 27.17 18.82 -16.67
CA ALA A 279 26.37 17.89 -17.47
C ALA A 279 24.94 18.42 -17.58
N ALA A 280 24.42 18.94 -16.48
CA ALA A 280 23.07 19.50 -16.46
C ALA A 280 22.99 20.64 -17.49
N ASN A 281 24.03 21.46 -17.56
CA ASN A 281 24.07 22.56 -18.52
C ASN A 281 24.15 22.02 -19.95
N ALA A 282 24.90 20.94 -20.14
CA ALA A 282 25.01 20.37 -21.47
C ALA A 282 23.61 19.99 -21.92
N LEU A 283 22.83 19.43 -21.00
CA LEU A 283 21.46 19.04 -21.33
C LEU A 283 20.62 20.28 -21.64
N ARG A 284 20.80 21.32 -20.83
CA ARG A 284 20.06 22.56 -21.05
C ARG A 284 20.44 23.13 -22.42
N TRP A 285 21.73 23.08 -22.72
CA TRP A 285 22.25 23.57 -23.99
C TRP A 285 21.54 22.84 -25.11
N SER A 286 21.42 21.53 -24.93
CA SER A 286 20.79 20.66 -25.92
C SER A 286 19.35 21.05 -26.18
N VAL A 287 18.62 21.37 -25.12
CA VAL A 287 17.23 21.76 -25.30
C VAL A 287 17.21 23.03 -26.14
N ALA A 288 18.12 23.95 -25.82
CA ALA A 288 18.21 25.21 -26.53
C ALA A 288 18.53 24.98 -28.00
N GLU A 289 19.61 24.24 -28.24
CA GLU A 289 20.03 23.97 -29.60
C GLU A 289 18.88 23.35 -30.37
N MET A 290 18.07 22.56 -29.66
CA MET A 290 16.92 21.89 -30.25
C MET A 290 15.87 22.93 -30.64
N GLU A 291 15.59 23.85 -29.73
CA GLU A 291 14.59 24.90 -29.97
C GLU A 291 15.02 25.81 -31.14
N ARG A 292 16.32 26.07 -31.22
CA ARG A 292 16.88 26.92 -32.27
C ARG A 292 16.72 26.25 -33.63
N ARG A 293 17.00 24.95 -33.67
CA ARG A 293 16.87 24.21 -34.92
C ARG A 293 15.43 24.21 -35.41
N TYR A 294 14.49 23.99 -34.51
CA TYR A 294 13.09 23.98 -34.90
C TYR A 294 12.74 25.34 -35.48
N ARG A 295 13.19 26.39 -34.81
CA ARG A 295 12.90 27.74 -35.26
C ARG A 295 13.45 27.92 -36.68
N LEU A 296 14.70 27.45 -36.86
CA LEU A 296 15.40 27.52 -38.12
C LEU A 296 14.59 26.80 -39.19
N MET A 297 14.36 25.51 -38.98
CA MET A 297 13.60 24.69 -39.92
C MET A 297 12.23 25.24 -40.27
N ALA A 298 11.62 25.94 -39.33
CA ALA A 298 10.30 26.52 -39.59
C ALA A 298 10.45 27.57 -40.69
N ALA A 299 11.40 28.49 -40.46
CA ALA A 299 11.68 29.56 -41.40
C ALA A 299 12.03 29.01 -42.78
N MET A 300 12.77 27.90 -42.82
CA MET A 300 13.19 27.26 -44.07
C MET A 300 12.08 26.44 -44.75
N GLY A 301 11.00 26.15 -44.03
CA GLY A 301 9.92 25.35 -44.60
C GLY A 301 10.35 23.89 -44.71
N VAL A 302 11.14 23.44 -43.74
CA VAL A 302 11.65 22.06 -43.70
C VAL A 302 11.10 21.32 -42.49
N ARG A 303 10.92 20.00 -42.63
CA ARG A 303 10.40 19.16 -41.56
C ARG A 303 11.42 18.56 -40.59
N ASN A 304 12.70 18.55 -40.98
CA ASN A 304 13.71 17.97 -40.11
C ASN A 304 15.14 18.22 -40.60
N LEU A 305 16.11 17.89 -39.76
CA LEU A 305 17.52 18.10 -40.07
C LEU A 305 17.88 17.64 -41.49
N ALA A 306 17.31 16.51 -41.91
CA ALA A 306 17.57 15.97 -43.23
C ALA A 306 17.14 16.97 -44.30
N GLY A 307 15.86 17.34 -44.27
CA GLY A 307 15.34 18.31 -45.21
C GLY A 307 16.10 19.61 -45.15
N PHE A 308 16.48 20.03 -43.95
CA PHE A 308 17.23 21.27 -43.78
C PHE A 308 18.53 21.18 -44.55
N ASN A 309 19.25 20.09 -44.33
CA ASN A 309 20.52 19.89 -44.99
C ASN A 309 20.44 19.76 -46.50
N ARG A 310 19.30 19.30 -47.03
CA ARG A 310 19.16 19.21 -48.50
C ARG A 310 19.12 20.65 -49.00
N LYS A 311 18.15 21.39 -48.48
CA LYS A 311 17.94 22.79 -48.80
C LYS A 311 19.28 23.53 -48.88
N VAL A 312 20.06 23.46 -47.81
CA VAL A 312 21.35 24.14 -47.74
C VAL A 312 22.40 23.58 -48.72
N LYS A 313 22.34 22.28 -48.97
CA LYS A 313 23.29 21.65 -49.90
C LYS A 313 22.95 22.05 -51.33
N ASP A 314 21.67 21.92 -51.72
CA ASP A 314 21.22 22.31 -53.05
C ASP A 314 21.65 23.74 -53.31
N ALA A 315 21.35 24.62 -52.37
CA ALA A 315 21.70 26.04 -52.47
C ALA A 315 23.18 26.21 -52.82
N GLU A 316 24.05 25.44 -52.18
CA GLU A 316 25.49 25.53 -52.44
C GLU A 316 25.88 24.96 -53.81
N GLU A 317 25.22 23.87 -54.20
CA GLU A 317 25.49 23.25 -55.48
C GLU A 317 24.96 24.12 -56.61
N ALA A 318 24.08 25.06 -56.25
CA ALA A 318 23.49 25.98 -57.22
C ALA A 318 24.14 27.36 -57.08
N GLY A 319 25.38 27.38 -56.60
CA GLY A 319 26.12 28.62 -56.44
C GLY A 319 25.49 29.71 -55.59
N THR A 320 24.20 29.58 -55.29
CA THR A 320 23.48 30.57 -54.48
C THR A 320 23.26 30.02 -53.06
N PRO A 321 24.30 30.07 -52.20
CA PRO A 321 24.18 29.56 -50.83
C PRO A 321 23.12 30.31 -50.01
N LEU A 322 22.47 29.59 -49.10
CA LEU A 322 21.43 30.18 -48.24
C LEU A 322 22.04 30.94 -47.09
N THR A 323 21.26 31.86 -46.53
CA THR A 323 21.75 32.66 -45.43
C THR A 323 20.80 32.52 -44.23
N ASP A 324 21.35 32.60 -43.02
CA ASP A 324 20.56 32.44 -41.80
C ASP A 324 19.32 33.35 -41.74
N PRO A 325 18.13 32.74 -41.86
CA PRO A 325 16.86 33.49 -41.82
C PRO A 325 16.50 34.02 -40.44
N LEU A 326 17.18 33.51 -39.42
CA LEU A 326 16.92 33.93 -38.05
C LEU A 326 17.89 35.01 -37.63
N PHE A 327 18.57 35.62 -38.59
CA PHE A 327 19.53 36.66 -38.28
C PHE A 327 18.85 38.02 -38.09
N ARG A 328 19.22 38.70 -37.01
CA ARG A 328 18.66 40.02 -36.71
C ARG A 328 19.73 41.11 -36.78
N ARG A 329 19.57 42.03 -37.73
CA ARG A 329 20.52 43.13 -37.90
C ARG A 329 20.50 44.05 -36.70
N GLU A 330 21.68 44.39 -36.20
CA GLU A 330 21.76 45.29 -35.07
C GLU A 330 22.50 46.54 -35.51
N SER A 331 23.15 46.43 -36.65
CA SER A 331 23.92 47.52 -37.22
C SER A 331 23.80 47.44 -38.75
N PRO A 332 23.96 48.58 -39.44
CA PRO A 332 23.86 48.56 -40.90
C PRO A 332 24.97 47.69 -41.48
N ASP A 333 26.01 47.49 -40.68
CA ASP A 333 27.17 46.69 -41.06
C ASP A 333 26.84 45.21 -41.02
N ASP A 334 26.30 44.74 -39.90
CA ASP A 334 25.94 43.34 -39.74
C ASP A 334 25.47 42.72 -41.05
N GLU A 335 26.05 41.57 -41.38
CA GLU A 335 25.67 40.86 -42.58
C GLU A 335 25.25 39.46 -42.18
N PRO A 336 24.16 38.97 -42.77
CA PRO A 336 23.62 37.62 -42.48
C PRO A 336 24.64 36.52 -42.71
N PRO A 337 25.02 35.80 -41.64
CA PRO A 337 25.99 34.72 -41.87
C PRO A 337 25.39 33.69 -42.81
N GLN A 338 26.26 32.96 -43.52
CA GLN A 338 25.80 31.95 -44.46
C GLN A 338 25.52 30.63 -43.73
N LEU A 339 24.48 29.91 -44.16
CA LEU A 339 24.12 28.64 -43.54
C LEU A 339 24.99 27.48 -43.99
N SER A 340 25.32 26.59 -43.06
CA SER A 340 26.10 25.42 -43.36
C SER A 340 25.32 24.25 -42.81
N THR A 341 25.58 23.06 -43.34
CA THR A 341 24.87 21.87 -42.87
C THR A 341 25.11 21.62 -41.38
N LEU A 342 24.04 21.20 -40.70
CA LEU A 342 24.09 20.90 -39.28
C LEU A 342 24.33 19.43 -39.03
N PRO A 343 25.13 19.12 -38.01
CA PRO A 343 25.44 17.72 -37.67
C PRO A 343 24.37 17.10 -36.81
N THR A 344 24.31 15.78 -36.84
CA THR A 344 23.38 15.05 -36.00
C THR A 344 24.10 15.09 -34.64
N ILE A 345 23.38 15.52 -33.60
CA ILE A 345 23.96 15.58 -32.26
C ILE A 345 23.58 14.31 -31.47
N VAL A 346 24.58 13.73 -30.80
CA VAL A 346 24.32 12.55 -29.98
C VAL A 346 24.82 12.81 -28.56
N VAL A 347 23.91 12.62 -27.61
CA VAL A 347 24.22 12.81 -26.20
C VAL A 347 24.20 11.43 -25.52
N VAL A 348 25.36 11.01 -25.03
CA VAL A 348 25.44 9.71 -24.34
C VAL A 348 25.80 9.91 -22.87
N VAL A 349 24.98 9.33 -22.01
CA VAL A 349 25.23 9.44 -20.59
C VAL A 349 25.56 8.04 -20.14
N ASP A 350 26.82 7.84 -19.78
CA ASP A 350 27.29 6.54 -19.34
C ASP A 350 26.47 5.90 -18.22
N GLU A 351 26.31 6.64 -17.13
CA GLU A 351 25.57 6.13 -15.98
C GLU A 351 24.60 7.21 -15.54
N PHE A 352 23.46 7.30 -16.23
CA PHE A 352 22.55 8.37 -15.89
C PHE A 352 21.96 8.28 -14.50
N ALA A 353 22.08 7.12 -13.84
CA ALA A 353 21.55 7.01 -12.47
C ALA A 353 22.42 7.86 -11.57
N ASP A 354 23.73 7.89 -11.86
CA ASP A 354 24.63 8.71 -11.07
C ASP A 354 24.34 10.21 -11.25
N MET A 355 23.99 10.60 -12.49
CA MET A 355 23.71 12.01 -12.77
C MET A 355 22.46 12.43 -11.99
N MET A 356 21.42 11.61 -12.07
CA MET A 356 20.19 11.87 -11.35
C MET A 356 20.49 11.97 -9.86
N MET A 357 21.29 11.04 -9.34
CA MET A 357 21.62 11.06 -7.93
C MET A 357 22.34 12.33 -7.51
N ILE A 358 23.37 12.71 -8.26
CA ILE A 358 24.13 13.89 -7.88
C ILE A 358 23.39 15.19 -8.11
N VAL A 359 22.70 15.30 -9.23
CA VAL A 359 22.02 16.55 -9.57
C VAL A 359 20.58 16.70 -9.09
N GLY A 360 19.74 15.70 -9.30
CA GLY A 360 18.38 15.82 -8.84
C GLY A 360 17.27 15.72 -9.89
N LYS A 361 16.05 16.04 -9.47
CA LYS A 361 14.86 15.95 -10.32
C LYS A 361 15.03 16.59 -11.71
N LYS A 362 15.81 17.68 -11.79
CA LYS A 362 16.00 18.36 -13.06
C LYS A 362 16.63 17.52 -14.17
N VAL A 363 17.47 16.56 -13.80
CA VAL A 363 18.10 15.72 -14.81
C VAL A 363 16.97 15.03 -15.56
N GLU A 364 16.12 14.35 -14.79
CA GLU A 364 14.98 13.64 -15.33
C GLU A 364 14.11 14.55 -16.22
N GLU A 365 13.82 15.75 -15.72
CA GLU A 365 12.98 16.67 -16.46
C GLU A 365 13.60 17.08 -17.78
N LEU A 366 14.89 17.35 -17.75
CA LEU A 366 15.58 17.74 -18.98
C LEU A 366 15.52 16.56 -19.96
N ILE A 367 15.89 15.36 -19.50
CA ILE A 367 15.86 14.17 -20.35
C ILE A 367 14.53 14.09 -21.08
N ALA A 368 13.45 14.20 -20.30
CA ALA A 368 12.08 14.11 -20.82
C ALA A 368 11.80 15.15 -21.88
N ARG A 369 12.25 16.37 -21.60
CA ARG A 369 12.05 17.49 -22.50
C ARG A 369 12.77 17.20 -23.83
N ILE A 370 14.02 16.75 -23.74
CA ILE A 370 14.81 16.40 -24.93
C ILE A 370 14.13 15.29 -25.72
N ALA A 371 13.90 14.17 -25.06
CA ALA A 371 13.31 12.98 -25.68
C ALA A 371 11.90 13.15 -26.24
N GLN A 372 11.17 14.17 -25.81
CA GLN A 372 9.81 14.36 -26.29
C GLN A 372 9.74 15.13 -27.61
N LYS A 373 10.81 15.85 -27.92
CA LYS A 373 10.79 16.71 -29.10
C LYS A 373 12.06 16.73 -29.98
N ALA A 374 13.18 16.22 -29.46
CA ALA A 374 14.46 16.25 -30.17
C ALA A 374 14.62 15.57 -31.54
N ARG A 375 13.87 14.50 -31.79
CA ARG A 375 14.00 13.76 -33.07
C ARG A 375 14.19 14.55 -34.36
N ALA A 376 13.12 15.18 -34.83
CA ALA A 376 13.16 15.97 -36.06
C ALA A 376 14.33 16.94 -36.10
N ALA A 377 14.77 17.43 -34.94
CA ALA A 377 15.89 18.39 -34.91
C ALA A 377 17.26 17.74 -35.01
N GLY A 378 17.28 16.41 -35.02
CA GLY A 378 18.55 15.70 -35.13
C GLY A 378 19.42 15.53 -33.89
N ILE A 379 18.82 15.65 -32.70
CA ILE A 379 19.55 15.45 -31.43
C ILE A 379 19.01 14.13 -30.87
N HIS A 380 19.91 13.21 -30.54
CA HIS A 380 19.48 11.90 -30.02
C HIS A 380 20.18 11.49 -28.72
N LEU A 381 19.40 10.83 -27.86
CA LEU A 381 19.84 10.37 -26.55
C LEU A 381 20.24 8.90 -26.41
N ILE A 382 21.39 8.67 -25.79
CA ILE A 382 21.87 7.30 -25.48
C ILE A 382 22.06 7.31 -23.94
N LEU A 383 21.11 6.69 -23.22
CA LEU A 383 21.20 6.65 -21.76
C LEU A 383 21.47 5.24 -21.25
N ALA A 384 22.55 5.11 -20.50
CA ALA A 384 22.88 3.79 -19.97
C ALA A 384 22.96 3.78 -18.46
N THR A 385 22.67 2.61 -17.89
CA THR A 385 22.75 2.44 -16.44
C THR A 385 22.93 0.98 -16.08
N GLN A 386 23.49 0.75 -14.88
CA GLN A 386 23.70 -0.59 -14.35
C GLN A 386 22.65 -0.81 -13.25
N ARG A 387 21.94 0.26 -12.92
CA ARG A 387 20.91 0.22 -11.90
C ARG A 387 19.50 0.35 -12.48
N PRO A 388 19.03 -0.68 -13.19
CA PRO A 388 17.69 -0.61 -13.77
C PRO A 388 16.59 -0.75 -12.74
N SER A 389 16.26 0.33 -12.04
CA SER A 389 15.20 0.25 -11.04
C SER A 389 14.10 1.25 -11.40
N VAL A 390 12.98 1.15 -10.70
CA VAL A 390 11.85 2.05 -10.94
C VAL A 390 12.24 3.50 -10.62
N ASP A 391 13.19 3.66 -9.71
CA ASP A 391 13.66 4.98 -9.31
C ASP A 391 14.50 5.60 -10.39
N VAL A 392 15.21 4.76 -11.16
CA VAL A 392 16.07 5.28 -12.21
C VAL A 392 15.38 5.39 -13.57
N ILE A 393 14.97 4.27 -14.12
CA ILE A 393 14.30 4.26 -15.40
C ILE A 393 12.85 4.59 -15.06
N THR A 394 12.60 5.87 -14.83
CA THR A 394 11.28 6.35 -14.44
C THR A 394 10.29 6.58 -15.58
N GLY A 395 9.04 6.84 -15.21
CA GLY A 395 8.00 7.09 -16.20
C GLY A 395 8.39 8.26 -17.08
N LEU A 396 8.87 9.33 -16.46
CA LEU A 396 9.29 10.50 -17.21
C LEU A 396 10.35 10.13 -18.24
N ILE A 397 11.39 9.43 -17.78
CA ILE A 397 12.48 9.03 -18.67
C ILE A 397 11.94 8.13 -19.77
N LYS A 398 11.13 7.14 -19.38
CA LYS A 398 10.60 6.20 -20.36
C LYS A 398 9.60 6.79 -21.34
N ALA A 399 8.78 7.72 -20.86
CA ALA A 399 7.74 8.36 -21.68
C ALA A 399 8.01 8.40 -23.19
N ASN A 400 9.12 8.98 -23.62
CA ASN A 400 9.37 9.05 -25.05
C ASN A 400 10.67 8.42 -25.54
N ILE A 401 11.08 7.35 -24.87
CA ILE A 401 12.27 6.62 -25.25
C ILE A 401 11.78 5.19 -25.37
N PRO A 402 11.04 4.89 -26.46
CA PRO A 402 10.45 3.57 -26.76
C PRO A 402 11.44 2.43 -27.07
N THR A 403 12.64 2.77 -27.54
CA THR A 403 13.63 1.76 -27.85
C THR A 403 14.49 1.40 -26.64
N ARG A 404 14.61 0.10 -26.40
CA ARG A 404 15.34 -0.38 -25.24
C ARG A 404 16.33 -1.50 -25.58
N ILE A 405 17.52 -1.44 -24.97
CA ILE A 405 18.51 -2.52 -25.11
C ILE A 405 18.79 -2.99 -23.69
N ALA A 406 18.68 -4.29 -23.47
CA ALA A 406 18.93 -4.84 -22.14
C ALA A 406 19.93 -5.97 -22.14
N PHE A 407 21.05 -5.74 -21.48
CA PHE A 407 22.05 -6.77 -21.34
C PHE A 407 21.58 -7.60 -20.13
N GLN A 408 22.42 -8.47 -19.60
CA GLN A 408 21.99 -9.25 -18.46
C GLN A 408 21.73 -8.39 -17.23
N VAL A 409 20.59 -8.63 -16.60
CA VAL A 409 20.16 -7.93 -15.40
C VAL A 409 19.94 -8.96 -14.28
N SER A 410 19.99 -8.48 -13.03
CA SER A 410 19.84 -9.35 -11.88
C SER A 410 18.54 -10.13 -11.70
N SER A 411 17.40 -9.59 -12.15
CA SER A 411 16.13 -10.29 -11.96
C SER A 411 15.01 -9.92 -12.94
N LYS A 412 13.93 -10.70 -12.92
CA LYS A 412 12.79 -10.40 -13.79
C LYS A 412 12.32 -8.99 -13.52
N ILE A 413 12.33 -8.61 -12.24
CA ILE A 413 11.88 -7.28 -11.86
C ILE A 413 12.75 -6.24 -12.61
N ASP A 414 14.07 -6.40 -12.53
CA ASP A 414 14.97 -5.48 -13.22
C ASP A 414 14.70 -5.48 -14.71
N SER A 415 14.49 -6.67 -15.25
CA SER A 415 14.22 -6.82 -16.68
C SER A 415 13.00 -5.97 -17.06
N ARG A 416 11.92 -6.13 -16.31
CA ARG A 416 10.70 -5.40 -16.59
C ARG A 416 10.94 -3.90 -16.52
N THR A 417 11.81 -3.48 -15.61
CA THR A 417 12.10 -2.06 -15.46
C THR A 417 12.61 -1.42 -16.73
N ILE A 418 13.45 -2.15 -17.45
CA ILE A 418 14.05 -1.65 -18.68
C ILE A 418 13.31 -2.07 -19.97
N LEU A 419 12.78 -3.29 -20.01
CA LEU A 419 12.07 -3.78 -21.20
C LEU A 419 10.56 -3.84 -21.05
N ASP A 420 10.06 -3.60 -19.84
CA ASP A 420 8.60 -3.66 -19.54
C ASP A 420 8.22 -5.09 -19.89
N GLN A 421 9.08 -6.03 -19.50
CA GLN A 421 8.89 -7.41 -19.89
C GLN A 421 10.03 -8.22 -19.27
N GLY A 422 9.76 -9.48 -18.94
CA GLY A 422 10.79 -10.31 -18.34
C GLY A 422 11.69 -10.89 -19.42
N GLY A 423 12.85 -11.43 -19.05
CA GLY A 423 13.72 -12.00 -20.05
C GLY A 423 15.19 -11.65 -19.94
N ALA A 424 15.49 -10.37 -19.78
CA ALA A 424 16.89 -9.96 -19.68
C ALA A 424 17.65 -10.69 -18.56
N GLU A 425 16.91 -11.29 -17.61
CA GLU A 425 17.56 -12.00 -16.50
C GLU A 425 18.09 -13.36 -16.99
N GLN A 426 17.53 -13.81 -18.11
CA GLN A 426 17.92 -15.08 -18.70
C GLN A 426 19.14 -14.97 -19.63
N LEU A 427 19.62 -13.75 -19.85
CA LEU A 427 20.77 -13.53 -20.72
C LEU A 427 22.06 -14.14 -20.15
N LEU A 428 22.99 -14.46 -21.03
CA LEU A 428 24.24 -15.11 -20.66
C LEU A 428 25.43 -14.24 -20.26
N GLY A 429 25.26 -12.93 -20.27
CA GLY A 429 26.38 -12.07 -19.93
C GLY A 429 27.27 -11.90 -21.15
N HIS A 430 28.40 -11.25 -20.98
CA HIS A 430 29.34 -11.01 -22.07
C HIS A 430 28.71 -10.55 -23.39
N GLY A 431 27.92 -9.48 -23.32
CA GLY A 431 27.32 -8.95 -24.52
C GLY A 431 26.01 -9.55 -24.99
N ASP A 432 25.53 -10.58 -24.31
CA ASP A 432 24.25 -11.19 -24.71
C ASP A 432 23.21 -10.12 -24.35
N MET A 433 22.34 -9.77 -25.30
CA MET A 433 21.34 -8.73 -25.06
C MET A 433 19.97 -8.96 -25.71
N LEU A 434 19.00 -8.19 -25.23
CA LEU A 434 17.65 -8.21 -25.77
C LEU A 434 17.45 -6.79 -26.29
N TYR A 435 17.21 -6.69 -27.60
CA TYR A 435 17.00 -5.40 -28.25
C TYR A 435 15.51 -5.26 -28.52
N LEU A 436 14.91 -4.20 -27.99
CA LEU A 436 13.48 -3.99 -28.14
C LEU A 436 13.13 -2.70 -28.85
N PRO A 437 12.91 -2.78 -30.18
CA PRO A 437 12.55 -1.58 -30.94
C PRO A 437 11.12 -1.21 -30.62
N PRO A 438 10.71 0.01 -30.99
CA PRO A 438 9.35 0.46 -30.72
C PRO A 438 8.19 -0.40 -31.26
N GLY A 439 7.06 -0.31 -30.56
CA GLY A 439 5.85 -1.04 -30.92
C GLY A 439 5.78 -2.45 -30.39
N THR A 440 4.69 -3.14 -30.74
CA THR A 440 4.49 -4.54 -30.34
C THR A 440 5.66 -5.29 -30.98
N GLY A 441 5.74 -6.59 -30.77
CA GLY A 441 6.84 -7.31 -31.36
C GLY A 441 7.77 -7.75 -30.27
N LEU A 442 8.18 -9.00 -30.37
CA LEU A 442 9.06 -9.59 -29.39
C LEU A 442 10.47 -9.04 -29.51
N PRO A 443 11.15 -8.84 -28.37
CA PRO A 443 12.51 -8.31 -28.45
C PRO A 443 13.40 -9.20 -29.31
N ILE A 444 14.43 -8.62 -29.89
CA ILE A 444 15.36 -9.37 -30.74
C ILE A 444 16.60 -9.72 -29.90
N ARG A 445 16.90 -11.00 -29.75
CA ARG A 445 18.09 -11.39 -28.99
C ARG A 445 19.32 -11.11 -29.85
N VAL A 446 20.31 -10.46 -29.27
CA VAL A 446 21.51 -10.11 -30.01
C VAL A 446 22.76 -10.40 -29.21
N HIS A 447 23.73 -11.03 -29.86
CA HIS A 447 25.00 -11.35 -29.23
C HIS A 447 25.95 -10.22 -29.58
N GLY A 448 26.06 -9.27 -28.65
CA GLY A 448 26.89 -8.11 -28.86
C GLY A 448 28.29 -8.41 -29.34
N ALA A 449 28.78 -7.57 -30.23
CA ALA A 449 30.13 -7.72 -30.77
C ALA A 449 31.14 -7.29 -29.72
N PHE A 450 32.30 -7.93 -29.72
CA PHE A 450 33.32 -7.57 -28.75
C PHE A 450 34.27 -6.56 -29.36
N VAL A 451 34.54 -5.51 -28.60
CA VAL A 451 35.46 -4.50 -29.07
C VAL A 451 36.41 -4.19 -27.91
N SER A 452 37.68 -4.47 -28.15
CA SER A 452 38.74 -4.27 -27.16
C SER A 452 39.11 -2.81 -26.93
N ASP A 453 39.75 -2.56 -25.81
CA ASP A 453 40.17 -1.21 -25.47
C ASP A 453 41.21 -0.73 -26.45
N ASP A 454 41.87 -1.69 -27.10
CA ASP A 454 42.87 -1.38 -28.11
C ASP A 454 42.17 -0.89 -29.37
N GLU A 455 41.21 -1.68 -29.85
CA GLU A 455 40.47 -1.30 -31.03
C GLU A 455 39.90 0.11 -30.85
N VAL A 456 39.45 0.44 -29.64
CA VAL A 456 38.89 1.76 -29.39
C VAL A 456 40.04 2.78 -29.36
N HIS A 457 41.05 2.50 -28.53
CA HIS A 457 42.19 3.38 -28.42
C HIS A 457 42.74 3.70 -29.81
N ARG A 458 42.71 2.70 -30.67
CA ARG A 458 43.19 2.82 -32.05
C ARG A 458 42.34 3.81 -32.86
N VAL A 459 41.02 3.55 -32.94
CA VAL A 459 40.11 4.40 -33.68
C VAL A 459 40.12 5.84 -33.16
N VAL A 460 40.42 6.00 -31.88
CA VAL A 460 40.47 7.33 -31.31
C VAL A 460 41.65 8.08 -31.91
N GLU A 461 42.84 7.49 -31.77
CA GLU A 461 44.06 8.10 -32.32
C GLU A 461 43.92 8.41 -33.81
N ALA A 462 43.26 7.50 -34.54
CA ALA A 462 43.03 7.66 -35.96
C ALA A 462 42.25 8.95 -36.21
N TRP A 463 41.27 9.22 -35.36
CA TRP A 463 40.47 10.43 -35.49
C TRP A 463 41.18 11.66 -34.96
N LYS A 464 41.95 11.51 -33.88
CA LYS A 464 42.68 12.64 -33.33
C LYS A 464 43.67 13.17 -34.37
N LEU A 465 44.10 12.30 -35.27
CA LEU A 465 45.03 12.71 -36.32
C LEU A 465 44.26 13.50 -37.36
N ARG A 466 43.13 12.97 -37.76
CA ARG A 466 42.29 13.63 -38.77
C ARG A 466 41.74 14.99 -38.37
N GLY A 467 42.04 15.46 -37.16
CA GLY A 467 41.53 16.76 -36.75
C GLY A 467 41.54 17.00 -35.26
N ALA A 468 41.56 18.28 -34.89
CA ALA A 468 41.59 18.69 -33.48
C ALA A 468 40.18 18.89 -32.95
N PRO A 469 40.04 18.90 -31.60
CA PRO A 469 38.74 19.08 -30.94
C PRO A 469 38.18 20.50 -31.11
N ASP A 470 37.04 20.61 -31.76
CA ASP A 470 36.39 21.90 -31.98
C ASP A 470 35.29 22.16 -30.94
N TYR A 471 35.70 22.49 -29.71
CA TYR A 471 34.77 22.73 -28.62
C TYR A 471 34.01 24.06 -28.70
N ILE A 472 32.87 24.11 -27.99
CA ILE A 472 32.03 25.30 -27.90
C ILE A 472 31.90 25.52 -26.39
N GLU A 473 32.96 26.00 -25.74
CA GLU A 473 32.98 26.24 -24.29
C GLU A 473 31.65 26.75 -23.74
N ASP A 474 30.88 27.38 -24.62
CA ASP A 474 29.57 27.93 -24.33
C ASP A 474 28.66 26.86 -23.69
N ILE A 475 28.68 25.66 -24.29
CA ILE A 475 27.86 24.53 -23.86
C ILE A 475 27.91 24.07 -22.39
N LEU A 476 29.10 23.94 -21.81
CA LEU A 476 29.22 23.50 -20.42
C LEU A 476 28.95 24.58 -19.38
N ALA A 477 28.76 25.82 -19.84
CA ALA A 477 28.49 26.95 -18.94
C ALA A 477 27.16 27.59 -19.29
N LEU B 70 57.68 -3.20 10.07
CA LEU B 70 56.37 -3.85 9.79
C LEU B 70 56.16 -5.10 10.67
N PRO B 71 55.18 -5.06 11.60
CA PRO B 71 54.88 -6.17 12.51
C PRO B 71 54.85 -7.57 11.91
N PRO B 72 55.43 -8.54 12.64
CA PRO B 72 55.55 -9.96 12.28
C PRO B 72 54.32 -10.80 12.54
N LEU B 73 54.04 -11.70 11.60
CA LEU B 73 52.90 -12.59 11.72
C LEU B 73 53.08 -13.48 12.94
N SER B 74 54.22 -13.32 13.62
CA SER B 74 54.56 -14.10 14.80
C SER B 74 53.69 -13.70 15.98
N LEU B 75 53.05 -12.55 15.87
CA LEU B 75 52.21 -12.05 16.95
C LEU B 75 50.89 -12.80 17.03
N LEU B 76 50.56 -13.56 15.99
CA LEU B 76 49.31 -14.31 15.93
C LEU B 76 49.38 -15.70 16.56
N ASP B 77 48.31 -16.08 17.28
CA ASP B 77 48.26 -17.40 17.89
C ASP B 77 48.38 -18.44 16.76
N PRO B 78 48.99 -19.59 17.07
CA PRO B 78 49.21 -20.69 16.12
C PRO B 78 47.96 -21.50 15.82
N ALA B 79 47.95 -22.15 14.66
CA ALA B 79 46.82 -22.97 14.26
C ALA B 79 46.72 -24.15 15.20
N GLU B 80 45.59 -24.25 15.90
CA GLU B 80 45.35 -25.33 16.85
C GLU B 80 45.28 -26.68 16.14
N VAL B 81 45.62 -27.75 16.86
CA VAL B 81 45.64 -29.10 16.27
C VAL B 81 44.38 -29.41 15.49
N LYS B 82 44.50 -29.45 14.17
CA LYS B 82 43.37 -29.72 13.30
C LYS B 82 42.94 -31.18 13.38
N GLN B 83 42.26 -31.53 14.47
CA GLN B 83 41.80 -32.89 14.62
C GLN B 83 40.54 -33.08 13.77
N LYS B 84 40.77 -33.19 12.47
CA LYS B 84 39.71 -33.35 11.48
C LYS B 84 39.56 -34.83 11.05
N SER B 85 39.50 -35.05 9.73
CA SER B 85 39.37 -36.36 9.12
C SER B 85 38.12 -37.15 9.51
N TYR B 86 37.26 -37.41 8.53
CA TYR B 86 36.04 -38.18 8.75
C TYR B 86 36.20 -39.44 7.93
N SER B 87 36.37 -40.57 8.61
CA SER B 87 36.57 -41.85 7.95
C SER B 87 35.65 -42.03 6.75
N PRO B 88 36.20 -42.58 5.65
CA PRO B 88 35.45 -42.82 4.42
C PRO B 88 34.11 -43.48 4.71
N GLU B 89 34.07 -44.18 5.83
CA GLU B 89 32.88 -44.90 6.28
C GLU B 89 31.87 -43.95 6.91
N SER B 90 32.36 -43.00 7.70
CA SER B 90 31.49 -42.01 8.34
C SER B 90 30.78 -41.23 7.26
N LEU B 91 31.57 -40.67 6.35
CA LEU B 91 31.02 -39.89 5.26
C LEU B 91 30.03 -40.71 4.46
N GLU B 92 30.33 -41.98 4.25
CA GLU B 92 29.44 -42.80 3.46
C GLU B 92 28.15 -43.06 4.23
N ALA B 93 28.25 -43.12 5.55
CA ALA B 93 27.07 -43.34 6.37
C ALA B 93 26.18 -42.11 6.22
N MET B 94 26.68 -40.94 6.57
CA MET B 94 25.90 -39.72 6.46
C MET B 94 25.26 -39.59 5.07
N SER B 95 25.96 -40.04 4.04
CA SER B 95 25.43 -39.96 2.68
C SER B 95 24.13 -40.76 2.52
N ARG B 96 24.10 -41.97 3.08
CA ARG B 96 22.90 -42.80 2.99
C ARG B 96 21.83 -42.22 3.88
N LEU B 97 22.22 -41.65 5.02
CA LEU B 97 21.25 -41.04 5.92
C LEU B 97 20.53 -39.95 5.16
N LEU B 98 21.32 -39.05 4.54
CA LEU B 98 20.79 -37.95 3.76
C LEU B 98 19.77 -38.51 2.78
N GLU B 99 20.19 -39.45 1.96
CA GLU B 99 19.32 -40.07 0.99
C GLU B 99 18.03 -40.56 1.64
N ILE B 100 18.17 -41.30 2.74
CA ILE B 100 17.04 -41.86 3.47
C ILE B 100 16.05 -40.79 3.93
N LYS B 101 16.54 -39.79 4.65
CA LYS B 101 15.71 -38.71 5.16
C LYS B 101 14.98 -37.96 4.06
N LEU B 102 15.65 -37.60 2.98
CA LEU B 102 14.96 -36.90 1.89
C LEU B 102 13.87 -37.81 1.32
N LYS B 103 14.17 -39.11 1.29
CA LYS B 103 13.25 -40.11 0.77
C LYS B 103 12.02 -40.19 1.69
N GLU B 104 12.23 -40.11 3.00
CA GLU B 104 11.13 -40.16 3.96
C GLU B 104 10.20 -38.99 3.64
N PHE B 105 10.77 -37.87 3.20
CA PHE B 105 9.93 -36.74 2.78
C PHE B 105 9.69 -37.00 1.30
N GLY B 106 9.13 -36.04 0.60
CA GLY B 106 8.88 -36.29 -0.81
C GLY B 106 9.96 -36.81 -1.76
N VAL B 107 11.08 -36.09 -1.84
CA VAL B 107 12.16 -36.39 -2.78
C VAL B 107 13.09 -37.60 -2.69
N GLU B 108 13.38 -38.12 -3.87
CA GLU B 108 14.29 -39.24 -4.03
C GLU B 108 15.55 -38.69 -4.69
N VAL B 109 16.68 -38.81 -4.03
CA VAL B 109 17.91 -38.28 -4.59
C VAL B 109 19.04 -39.20 -4.19
N SER B 110 20.20 -39.06 -4.82
CA SER B 110 21.34 -39.89 -4.47
C SER B 110 22.62 -39.08 -4.39
N VAL B 111 23.43 -39.31 -3.36
CA VAL B 111 24.68 -38.59 -3.20
C VAL B 111 25.61 -38.91 -4.35
N ASP B 112 26.21 -37.87 -4.91
CA ASP B 112 27.10 -38.00 -6.04
C ASP B 112 28.54 -37.86 -5.59
N SER B 113 28.77 -37.12 -4.52
CA SER B 113 30.11 -36.90 -4.01
C SER B 113 30.04 -36.14 -2.71
N VAL B 114 31.08 -36.31 -1.88
CA VAL B 114 31.12 -35.65 -0.59
C VAL B 114 32.38 -34.81 -0.47
N HIS B 115 32.26 -33.61 0.08
CA HIS B 115 33.41 -32.73 0.20
C HIS B 115 33.44 -32.14 1.59
N PRO B 116 34.16 -32.78 2.51
CA PRO B 116 34.24 -32.27 3.88
C PRO B 116 35.11 -31.02 4.01
N GLY B 117 34.80 -30.21 5.02
CA GLY B 117 35.52 -28.97 5.26
C GLY B 117 35.67 -28.69 6.74
N PRO B 118 36.21 -27.53 7.11
CA PRO B 118 36.41 -27.13 8.51
C PRO B 118 35.12 -26.98 9.30
N VAL B 119 34.13 -26.32 8.71
CA VAL B 119 32.89 -26.10 9.41
C VAL B 119 31.74 -26.97 8.89
N ILE B 120 31.61 -27.14 7.59
CA ILE B 120 30.52 -27.98 7.09
C ILE B 120 31.05 -28.97 6.08
N THR B 121 30.17 -29.83 5.59
CA THR B 121 30.54 -30.81 4.59
C THR B 121 29.46 -30.71 3.52
N ARG B 122 29.88 -30.55 2.27
CA ARG B 122 28.93 -30.44 1.18
C ARG B 122 28.70 -31.79 0.53
N PHE B 123 27.43 -32.15 0.38
CA PHE B 123 27.06 -33.40 -0.27
C PHE B 123 26.41 -33.05 -1.61
N GLU B 124 27.09 -33.28 -2.71
CA GLU B 124 26.48 -32.99 -3.98
C GLU B 124 25.58 -34.17 -4.25
N ILE B 125 24.29 -33.91 -4.36
CA ILE B 125 23.34 -34.97 -4.62
C ILE B 125 22.74 -34.81 -6.02
N GLN B 126 22.33 -35.94 -6.57
CA GLN B 126 21.74 -35.97 -7.90
C GLN B 126 20.27 -36.30 -7.78
N PRO B 127 19.41 -35.29 -8.02
CA PRO B 127 17.95 -35.46 -7.94
C PRO B 127 17.44 -36.45 -8.97
N ALA B 128 16.45 -37.23 -8.57
CA ALA B 128 15.85 -38.22 -9.45
C ALA B 128 15.17 -37.52 -10.62
N ALA B 129 14.72 -38.30 -11.59
CA ALA B 129 14.08 -37.72 -12.75
C ALA B 129 12.83 -36.99 -12.34
N GLY B 130 12.68 -35.77 -12.88
CA GLY B 130 11.51 -34.95 -12.59
C GLY B 130 11.45 -34.17 -11.28
N VAL B 131 12.35 -34.40 -10.33
CA VAL B 131 12.26 -33.66 -9.09
C VAL B 131 12.87 -32.28 -9.26
N LYS B 132 12.13 -31.26 -8.83
CA LYS B 132 12.58 -29.87 -8.94
C LYS B 132 13.31 -29.41 -7.68
N VAL B 133 14.40 -28.68 -7.87
CA VAL B 133 15.20 -28.20 -6.77
C VAL B 133 14.42 -27.56 -5.65
N SER B 134 13.39 -26.78 -6.02
CA SER B 134 12.57 -26.09 -5.02
C SER B 134 12.12 -27.05 -3.92
N ARG B 135 11.70 -28.25 -4.32
CA ARG B 135 11.25 -29.24 -3.36
C ARG B 135 12.33 -29.49 -2.31
N ILE B 136 13.60 -29.60 -2.73
CA ILE B 136 14.73 -29.81 -1.83
C ILE B 136 14.88 -28.60 -0.90
N SER B 137 15.01 -27.42 -1.48
CA SER B 137 15.17 -26.17 -0.71
C SER B 137 14.07 -26.01 0.33
N ASN B 138 12.85 -26.26 -0.10
CA ASN B 138 11.68 -26.10 0.75
C ASN B 138 11.67 -26.91 2.03
N LEU B 139 12.38 -28.02 2.09
CA LEU B 139 12.35 -28.70 3.35
C LEU B 139 13.71 -28.78 3.99
N ALA B 140 14.40 -27.65 3.98
CA ALA B 140 15.73 -27.53 4.57
C ALA B 140 15.57 -27.46 6.08
N LYS B 141 14.44 -26.89 6.49
CA LYS B 141 14.16 -26.75 7.92
C LYS B 141 13.92 -28.13 8.52
N ASP B 142 13.06 -28.91 7.86
CA ASP B 142 12.75 -30.24 8.37
C ASP B 142 13.91 -31.21 8.21
N LEU B 143 14.60 -31.14 7.07
CA LEU B 143 15.73 -32.03 6.83
C LEU B 143 16.74 -31.83 7.93
N ALA B 144 16.93 -30.56 8.27
CA ALA B 144 17.87 -30.21 9.33
C ALA B 144 17.48 -30.89 10.64
N ARG B 145 16.20 -30.83 10.98
CA ARG B 145 15.77 -31.45 12.22
C ARG B 145 15.92 -32.95 12.16
N SER B 146 15.56 -33.58 11.04
CA SER B 146 15.68 -35.02 10.94
C SER B 146 17.14 -35.45 11.07
N LEU B 147 18.05 -34.54 10.75
CA LEU B 147 19.48 -34.83 10.81
C LEU B 147 20.08 -34.35 12.11
N ALA B 148 19.26 -33.74 12.96
CA ALA B 148 19.73 -33.24 14.25
C ALA B 148 20.81 -32.17 14.14
N VAL B 149 20.79 -31.39 13.06
CA VAL B 149 21.75 -30.31 12.89
C VAL B 149 20.96 -29.00 12.95
N ILE B 150 21.61 -27.93 13.38
CA ILE B 150 20.93 -26.64 13.54
C ILE B 150 20.31 -26.06 12.27
N SER B 151 20.92 -26.34 11.14
CA SER B 151 20.39 -25.88 9.87
C SER B 151 21.16 -26.56 8.75
N VAL B 152 20.67 -26.43 7.54
CA VAL B 152 21.34 -27.05 6.41
C VAL B 152 21.22 -26.05 5.27
N ARG B 153 22.24 -25.98 4.42
CA ARG B 153 22.21 -25.01 3.33
C ARG B 153 22.09 -25.67 1.96
N VAL B 154 21.02 -25.36 1.24
CA VAL B 154 20.80 -25.93 -0.08
C VAL B 154 21.33 -25.03 -1.20
N VAL B 155 22.38 -25.49 -1.87
CA VAL B 155 22.96 -24.75 -2.99
C VAL B 155 22.33 -25.26 -4.28
N GLU B 156 21.33 -24.53 -4.75
CA GLU B 156 20.57 -24.90 -5.95
C GLU B 156 21.33 -25.09 -7.26
N VAL B 157 22.52 -24.55 -7.35
CA VAL B 157 23.26 -24.73 -8.58
C VAL B 157 24.76 -24.83 -8.37
N ILE B 158 25.33 -25.88 -8.94
CA ILE B 158 26.75 -26.16 -8.89
C ILE B 158 27.22 -26.13 -10.34
N PRO B 159 27.91 -25.04 -10.71
CA PRO B 159 28.45 -24.80 -12.06
C PRO B 159 28.98 -26.02 -12.80
N GLY B 160 28.47 -26.22 -14.02
CA GLY B 160 28.93 -27.33 -14.84
C GLY B 160 28.26 -28.67 -14.57
N LYS B 161 27.95 -28.96 -13.32
CA LYS B 161 27.32 -30.22 -12.96
C LYS B 161 25.80 -30.11 -12.98
N THR B 162 25.12 -31.25 -12.96
CA THR B 162 23.66 -31.26 -12.95
C THR B 162 23.18 -31.57 -11.55
N THR B 163 24.12 -31.58 -10.60
CA THR B 163 23.83 -31.86 -9.21
C THR B 163 23.50 -30.61 -8.41
N VAL B 164 22.90 -30.85 -7.24
CA VAL B 164 22.53 -29.80 -6.31
C VAL B 164 23.40 -30.07 -5.09
N GLY B 165 23.55 -29.10 -4.22
CA GLY B 165 24.40 -29.33 -3.06
C GLY B 165 23.72 -29.11 -1.73
N ILE B 166 24.14 -29.88 -0.73
CA ILE B 166 23.60 -29.73 0.61
C ILE B 166 24.76 -29.67 1.56
N GLU B 167 24.88 -28.54 2.24
CA GLU B 167 25.94 -28.28 3.20
C GLU B 167 25.44 -28.49 4.63
N ILE B 168 25.90 -29.58 5.23
CA ILE B 168 25.53 -29.96 6.58
C ILE B 168 26.63 -29.60 7.57
N PRO B 169 26.28 -29.02 8.72
CA PRO B 169 27.24 -28.64 9.74
C PRO B 169 27.93 -29.85 10.34
N ASN B 170 29.25 -29.80 10.45
CA ASN B 170 30.01 -30.91 11.03
C ASN B 170 29.71 -30.92 12.51
N GLU B 171 29.77 -32.11 13.13
CA GLU B 171 29.51 -32.22 14.56
C GLU B 171 30.51 -31.41 15.33
N ASP B 172 31.76 -31.48 14.91
CA ASP B 172 32.81 -30.73 15.57
C ASP B 172 33.35 -29.70 14.58
N ARG B 173 32.98 -28.45 14.79
CA ARG B 173 33.46 -27.39 13.90
C ARG B 173 34.89 -27.13 14.30
N GLN B 174 35.81 -27.25 13.36
CA GLN B 174 37.18 -26.94 13.72
C GLN B 174 37.37 -25.47 13.40
N MET B 175 38.02 -24.76 14.31
CA MET B 175 38.25 -23.34 14.18
C MET B 175 39.25 -22.92 13.11
N VAL B 176 39.13 -21.68 12.65
CA VAL B 176 40.04 -21.14 11.66
C VAL B 176 40.78 -19.98 12.32
N ARG B 177 42.09 -20.11 12.50
CA ARG B 177 42.85 -19.05 13.15
C ARG B 177 43.32 -18.05 12.10
N PHE B 178 43.36 -16.79 12.48
CA PHE B 178 43.75 -15.77 11.53
C PHE B 178 45.10 -16.11 10.92
N SER B 179 46.06 -16.51 11.76
CA SER B 179 47.41 -16.86 11.31
C SER B 179 47.40 -17.90 10.19
N GLU B 180 46.43 -18.80 10.29
CA GLU B 180 46.22 -19.89 9.36
C GLU B 180 45.76 -19.37 7.98
N VAL B 181 45.32 -18.11 7.95
CA VAL B 181 44.85 -17.50 6.73
C VAL B 181 45.90 -16.60 6.09
N LEU B 182 46.49 -15.73 6.91
CA LEU B 182 47.52 -14.83 6.42
C LEU B 182 48.78 -15.56 6.00
N SER B 183 48.91 -16.81 6.39
CA SER B 183 50.08 -17.60 6.04
C SER B 183 50.04 -18.04 4.59
N SER B 184 48.88 -17.97 3.97
CA SER B 184 48.76 -18.38 2.59
C SER B 184 49.61 -17.56 1.65
N PRO B 185 49.94 -18.13 0.48
CA PRO B 185 50.76 -17.40 -0.48
C PRO B 185 49.95 -16.28 -1.12
N GLU B 186 48.63 -16.46 -1.21
CA GLU B 186 47.75 -15.46 -1.83
C GLU B 186 47.84 -14.15 -1.07
N TYR B 187 47.85 -14.23 0.25
CA TYR B 187 47.94 -13.04 1.09
C TYR B 187 49.34 -12.49 1.11
N ASP B 188 50.31 -13.40 1.15
CA ASP B 188 51.72 -13.05 1.19
C ASP B 188 52.16 -12.28 -0.04
N GLU B 189 51.83 -12.80 -1.22
CA GLU B 189 52.22 -12.18 -2.46
C GLU B 189 51.25 -11.12 -2.94
N HIS B 190 50.22 -10.83 -2.14
CA HIS B 190 49.23 -9.85 -2.55
C HIS B 190 49.86 -8.49 -2.72
N LYS B 191 49.56 -7.87 -3.86
CA LYS B 191 50.13 -6.59 -4.21
C LYS B 191 49.35 -5.35 -3.76
N SER B 192 48.12 -5.53 -3.26
CA SER B 192 47.30 -4.41 -2.81
C SER B 192 47.72 -3.82 -1.47
N THR B 193 47.42 -2.54 -1.25
CA THR B 193 47.76 -1.92 0.02
C THR B 193 46.69 -2.27 1.03
N VAL B 194 45.54 -2.71 0.52
CA VAL B 194 44.42 -3.04 1.37
C VAL B 194 43.77 -4.40 1.10
N PRO B 195 44.54 -5.49 1.29
CA PRO B 195 43.99 -6.83 1.04
C PRO B 195 43.13 -7.21 2.24
N LEU B 196 42.12 -8.05 2.00
CA LEU B 196 41.25 -8.50 3.08
C LEU B 196 41.17 -10.02 3.11
N ALA B 197 41.77 -10.61 4.14
CA ALA B 197 41.77 -12.06 4.32
C ALA B 197 40.50 -12.39 5.07
N LEU B 198 39.53 -12.94 4.38
CA LEU B 198 38.24 -13.25 5.01
C LEU B 198 38.23 -14.50 5.85
N GLY B 199 38.85 -15.56 5.35
CA GLY B 199 38.88 -16.82 6.09
C GLY B 199 39.07 -17.98 5.14
N HIS B 200 38.39 -19.10 5.41
CA HIS B 200 38.49 -20.28 4.54
C HIS B 200 37.15 -20.58 3.84
N ASP B 201 37.20 -21.09 2.62
CA ASP B 201 35.97 -21.44 1.93
C ASP B 201 35.46 -22.77 2.52
N ILE B 202 34.30 -23.26 2.07
CA ILE B 202 33.76 -24.49 2.62
C ILE B 202 34.69 -25.68 2.51
N GLY B 203 35.75 -25.50 1.72
CA GLY B 203 36.72 -26.56 1.52
C GLY B 203 38.03 -26.36 2.25
N GLY B 204 38.13 -25.32 3.08
CA GLY B 204 39.36 -25.09 3.81
C GLY B 204 40.38 -24.18 3.16
N ARG B 205 40.13 -23.77 1.91
CA ARG B 205 41.05 -22.90 1.18
C ARG B 205 40.90 -21.44 1.61
N PRO B 206 42.00 -20.69 1.68
CA PRO B 206 41.96 -19.29 2.08
C PRO B 206 41.40 -18.35 1.02
N ILE B 207 40.51 -17.46 1.47
CA ILE B 207 39.90 -16.46 0.62
C ILE B 207 40.49 -15.08 0.91
N ILE B 208 41.30 -14.57 -0.02
CA ILE B 208 41.92 -13.27 0.14
C ILE B 208 41.36 -12.34 -0.93
N THR B 209 40.90 -11.16 -0.53
CA THR B 209 40.30 -10.20 -1.45
C THR B 209 40.98 -8.84 -1.44
N ASP B 210 40.58 -7.98 -2.38
CA ASP B 210 41.15 -6.65 -2.51
C ASP B 210 40.11 -5.53 -2.31
N LEU B 211 40.16 -4.88 -1.16
CA LEU B 211 39.23 -3.81 -0.87
C LEU B 211 39.22 -2.84 -2.03
N ALA B 212 40.40 -2.46 -2.48
CA ALA B 212 40.54 -1.49 -3.57
C ALA B 212 39.83 -1.89 -4.85
N LYS B 213 39.49 -3.16 -4.98
CA LYS B 213 38.81 -3.60 -6.19
C LYS B 213 37.33 -3.79 -5.98
N MET B 214 36.88 -3.69 -4.72
CA MET B 214 35.47 -3.89 -4.40
C MET B 214 34.49 -2.90 -4.99
N PRO B 215 34.73 -1.57 -4.85
CA PRO B 215 35.87 -0.90 -4.18
C PRO B 215 35.40 -0.32 -2.84
N HIS B 216 34.22 -0.78 -2.42
CA HIS B 216 33.60 -0.36 -1.16
C HIS B 216 32.88 -1.59 -0.64
N LEU B 217 32.75 -1.66 0.67
CA LEU B 217 32.17 -2.83 1.30
C LEU B 217 31.09 -2.56 2.33
N LEU B 218 30.00 -3.32 2.21
CA LEU B 218 28.86 -3.27 3.14
C LEU B 218 28.93 -4.58 3.92
N VAL B 219 28.88 -4.47 5.25
CA VAL B 219 28.94 -5.67 6.09
C VAL B 219 27.76 -5.68 7.07
N ALA B 220 27.04 -6.80 7.11
CA ALA B 220 25.89 -6.90 8.00
C ALA B 220 25.90 -8.19 8.79
N GLY B 221 25.41 -8.13 10.03
CA GLY B 221 25.34 -9.32 10.87
C GLY B 221 24.73 -9.00 12.23
N THR B 222 23.72 -9.76 12.67
CA THR B 222 23.14 -9.48 14.00
C THR B 222 24.11 -9.90 15.07
N THR B 223 23.88 -9.40 16.28
CA THR B 223 24.78 -9.71 17.36
C THR B 223 24.93 -11.24 17.48
N GLY B 224 26.18 -11.67 17.65
CA GLY B 224 26.51 -13.07 17.78
C GLY B 224 26.94 -13.74 16.48
N SER B 225 26.84 -13.02 15.36
CA SER B 225 27.20 -13.61 14.08
C SER B 225 28.70 -13.63 13.84
N GLY B 226 29.43 -12.78 14.56
CA GLY B 226 30.86 -12.74 14.41
C GLY B 226 31.31 -11.61 13.50
N LYS B 227 30.50 -10.56 13.42
CA LYS B 227 30.78 -9.40 12.58
C LYS B 227 31.94 -8.57 13.12
N SER B 228 31.95 -8.29 14.42
CA SER B 228 33.01 -7.50 15.01
C SER B 228 34.39 -8.14 14.80
N VAL B 229 34.47 -9.44 15.04
CA VAL B 229 35.72 -10.16 14.85
C VAL B 229 36.11 -10.03 13.39
N GLY B 230 35.13 -10.20 12.50
CA GLY B 230 35.40 -10.11 11.08
C GLY B 230 35.90 -8.77 10.63
N VAL B 231 35.47 -7.72 11.32
CA VAL B 231 35.93 -6.39 11.00
C VAL B 231 37.37 -6.32 11.46
N ASN B 232 37.65 -6.84 12.65
CA ASN B 232 39.03 -6.84 13.14
C ASN B 232 39.92 -7.64 12.21
N ALA B 233 39.40 -8.71 11.63
CA ALA B 233 40.21 -9.50 10.72
C ALA B 233 40.53 -8.61 9.53
N MET B 234 39.54 -7.82 9.10
CA MET B 234 39.73 -6.92 7.98
C MET B 234 40.82 -5.89 8.28
N LEU B 235 40.71 -5.22 9.42
CA LEU B 235 41.68 -4.21 9.82
C LEU B 235 43.07 -4.78 9.99
N LEU B 236 43.17 -5.95 10.61
CA LEU B 236 44.47 -6.57 10.79
C LEU B 236 45.06 -6.98 9.43
N SER B 237 44.19 -7.26 8.45
CA SER B 237 44.67 -7.64 7.11
C SER B 237 45.43 -6.47 6.52
N ILE B 238 44.98 -5.25 6.79
CA ILE B 238 45.64 -4.06 6.29
C ILE B 238 46.92 -3.87 7.08
N LEU B 239 46.76 -3.73 8.39
CA LEU B 239 47.88 -3.50 9.29
C LEU B 239 49.05 -4.47 9.21
N PHE B 240 48.84 -5.65 8.65
CA PHE B 240 49.91 -6.62 8.53
C PHE B 240 50.62 -6.52 7.20
N LYS B 241 50.11 -5.65 6.32
CA LYS B 241 50.74 -5.51 5.02
C LYS B 241 51.14 -4.10 4.62
N SER B 242 50.52 -3.09 5.23
CA SER B 242 50.83 -1.74 4.85
C SER B 242 51.30 -0.82 5.96
N THR B 243 52.11 0.15 5.57
CA THR B 243 52.66 1.13 6.49
C THR B 243 51.79 2.39 6.39
N PRO B 244 51.87 3.27 7.40
CA PRO B 244 51.07 4.49 7.38
C PRO B 244 51.18 5.30 6.10
N SER B 245 52.26 5.13 5.38
CA SER B 245 52.47 5.90 4.15
C SER B 245 51.86 5.23 2.94
N GLU B 246 51.35 4.02 3.15
CA GLU B 246 50.73 3.26 2.08
C GLU B 246 49.22 3.16 2.28
N ALA B 247 48.79 3.19 3.54
CA ALA B 247 47.38 3.09 3.87
C ALA B 247 47.07 3.83 5.16
N ARG B 248 46.08 4.71 5.09
CA ARG B 248 45.66 5.50 6.23
C ARG B 248 44.22 5.16 6.61
N LEU B 249 43.88 5.37 7.87
CA LEU B 249 42.55 5.03 8.31
C LEU B 249 41.76 6.11 9.02
N ILE B 250 40.45 6.09 8.81
CA ILE B 250 39.52 6.97 9.50
C ILE B 250 38.53 5.98 10.12
N MET B 251 38.51 5.91 11.44
CA MET B 251 37.63 5.00 12.16
C MET B 251 36.50 5.70 12.91
N ILE B 252 35.27 5.38 12.53
CA ILE B 252 34.07 5.95 13.15
C ILE B 252 33.44 4.86 14.04
N ASP B 253 33.39 5.10 15.34
CA ASP B 253 32.85 4.13 16.29
C ASP B 253 31.70 4.75 17.07
N PRO B 254 30.50 4.78 16.50
CA PRO B 254 29.33 5.36 17.17
C PRO B 254 29.11 4.84 18.59
N LYS B 255 29.69 3.68 18.88
CA LYS B 255 29.62 3.08 20.21
C LYS B 255 31.09 3.11 20.66
N MET B 256 31.46 3.93 21.65
CA MET B 256 32.87 4.01 22.09
C MET B 256 33.42 2.64 22.46
N LEU B 257 32.91 1.61 21.80
CA LEU B 257 33.25 0.22 22.04
C LEU B 257 34.32 -0.38 21.13
N GLU B 258 33.85 -1.11 20.13
CA GLU B 258 34.69 -1.84 19.19
C GLU B 258 36.00 -1.29 18.61
N LEU B 259 35.96 -0.15 17.94
CA LEU B 259 37.17 0.37 17.33
C LEU B 259 38.10 1.16 18.23
N SER B 260 37.63 1.49 19.42
CA SER B 260 38.45 2.26 20.36
C SER B 260 39.74 1.54 20.80
N ILE B 261 39.83 0.26 20.48
CA ILE B 261 41.01 -0.52 20.84
C ILE B 261 42.21 -0.21 19.90
N TYR B 262 41.95 0.45 18.78
CA TYR B 262 43.01 0.81 17.83
C TYR B 262 43.55 2.22 18.02
N GLU B 263 43.10 2.92 19.04
CA GLU B 263 43.55 4.28 19.25
C GLU B 263 45.07 4.39 19.27
N GLY B 264 45.58 5.42 18.59
CA GLY B 264 47.01 5.62 18.57
C GLY B 264 47.86 5.05 17.46
N ILE B 265 47.38 4.04 16.74
CA ILE B 265 48.20 3.50 15.67
C ILE B 265 48.48 4.62 14.68
N PRO B 266 49.69 4.66 14.15
CA PRO B 266 50.12 5.68 13.19
C PRO B 266 49.29 5.81 11.91
N HIS B 267 48.52 4.79 11.55
CA HIS B 267 47.74 4.87 10.32
C HIS B 267 46.53 5.78 10.41
N LEU B 268 46.08 6.04 11.63
CA LEU B 268 44.91 6.88 11.83
C LEU B 268 45.13 8.30 11.37
N LEU B 269 44.19 8.85 10.62
CA LEU B 269 44.29 10.22 10.13
C LEU B 269 43.84 11.17 11.21
N CYS B 270 43.12 10.62 12.17
CA CYS B 270 42.60 11.39 13.29
C CYS B 270 42.25 10.37 14.36
N PRO B 271 41.86 10.81 15.55
CA PRO B 271 41.51 9.84 16.60
C PRO B 271 40.29 9.03 16.17
N VAL B 272 40.01 7.93 16.87
CA VAL B 272 38.84 7.14 16.52
C VAL B 272 37.66 8.07 16.79
N VAL B 273 36.87 8.33 15.76
CA VAL B 273 35.74 9.25 15.89
C VAL B 273 34.57 8.71 16.72
N THR B 274 34.28 9.42 17.81
CA THR B 274 33.22 9.05 18.74
C THR B 274 32.00 9.96 18.65
N ASP B 275 32.26 11.25 18.41
CA ASP B 275 31.19 12.22 18.26
C ASP B 275 30.68 12.11 16.83
N MET B 276 29.38 11.85 16.66
CA MET B 276 28.83 11.70 15.31
C MET B 276 28.87 12.93 14.43
N LYS B 277 28.79 14.11 15.05
CA LYS B 277 28.85 15.34 14.29
C LYS B 277 30.24 15.41 13.66
N GLU B 278 31.25 15.01 14.44
CA GLU B 278 32.61 15.01 13.94
C GLU B 278 32.75 13.99 12.82
N ALA B 279 32.09 12.85 12.99
CA ALA B 279 32.13 11.79 12.00
C ALA B 279 31.60 12.35 10.67
N ALA B 280 30.58 13.18 10.75
CA ALA B 280 30.02 13.77 9.55
C ALA B 280 31.09 14.60 8.84
N ASN B 281 31.89 15.30 9.64
CA ASN B 281 32.96 16.13 9.10
C ASN B 281 34.07 15.29 8.48
N ALA B 282 34.32 14.14 9.06
CA ALA B 282 35.35 13.26 8.55
C ALA B 282 34.91 12.81 7.15
N LEU B 283 33.60 12.62 6.98
CA LEU B 283 33.06 12.21 5.68
C LEU B 283 33.17 13.37 4.70
N ARG B 284 32.88 14.57 5.19
CA ARG B 284 32.96 15.75 4.35
C ARG B 284 34.41 15.94 3.93
N TRP B 285 35.31 15.74 4.89
CA TRP B 285 36.74 15.86 4.62
C TRP B 285 37.14 14.88 3.52
N SER B 286 36.58 13.67 3.61
CA SER B 286 36.90 12.65 2.63
C SER B 286 36.43 13.03 1.24
N VAL B 287 35.27 13.66 1.15
CA VAL B 287 34.80 14.06 -0.18
C VAL B 287 35.77 15.08 -0.72
N ALA B 288 36.19 16.02 0.13
CA ALA B 288 37.13 17.05 -0.28
C ALA B 288 38.46 16.45 -0.72
N GLU B 289 39.03 15.60 0.14
CA GLU B 289 40.31 14.98 -0.16
C GLU B 289 40.21 14.22 -1.47
N MET B 290 39.02 13.69 -1.73
CA MET B 290 38.75 12.94 -2.94
C MET B 290 38.82 13.89 -4.12
N GLU B 291 38.10 15.00 -4.00
CA GLU B 291 38.05 16.02 -5.04
C GLU B 291 39.44 16.56 -5.31
N ARG B 292 40.21 16.76 -4.25
CA ARG B 292 41.55 17.28 -4.39
C ARG B 292 42.44 16.32 -5.17
N ARG B 293 42.29 15.03 -4.90
CA ARG B 293 43.09 14.04 -5.58
C ARG B 293 42.74 14.00 -7.05
N TYR B 294 41.46 14.05 -7.37
CA TYR B 294 41.08 14.02 -8.77
C TYR B 294 41.71 15.20 -9.49
N ARG B 295 41.66 16.36 -8.85
CA ARG B 295 42.23 17.57 -9.43
C ARG B 295 43.74 17.36 -9.69
N LEU B 296 44.41 16.84 -8.68
CA LEU B 296 45.84 16.57 -8.74
C LEU B 296 46.14 15.65 -9.93
N MET B 297 45.50 14.47 -9.92
CA MET B 297 45.67 13.48 -10.96
C MET B 297 45.40 13.98 -12.36
N ALA B 298 44.46 14.92 -12.50
CA ALA B 298 44.14 15.47 -13.81
C ALA B 298 45.35 16.23 -14.30
N ALA B 299 45.91 17.07 -13.43
CA ALA B 299 47.08 17.85 -13.77
C ALA B 299 48.30 16.98 -14.08
N MET B 300 48.38 15.80 -13.46
CA MET B 300 49.51 14.89 -13.67
C MET B 300 49.33 13.99 -14.88
N GLY B 301 48.10 13.93 -15.41
CA GLY B 301 47.83 13.07 -16.55
C GLY B 301 47.76 11.62 -16.11
N VAL B 302 47.32 11.39 -14.88
CA VAL B 302 47.21 10.06 -14.31
C VAL B 302 45.75 9.65 -14.10
N ARG B 303 45.47 8.36 -14.23
CA ARG B 303 44.09 7.86 -14.08
C ARG B 303 43.69 7.47 -12.66
N ASN B 304 44.66 7.26 -11.77
CA ASN B 304 44.33 6.86 -10.42
C ASN B 304 45.51 6.94 -9.46
N LEU B 305 45.24 6.77 -8.17
CA LEU B 305 46.28 6.84 -7.15
C LEU B 305 47.50 6.01 -7.52
N ALA B 306 47.28 4.85 -8.12
CA ALA B 306 48.38 3.98 -8.52
C ALA B 306 49.29 4.70 -9.50
N GLY B 307 48.69 5.14 -10.61
CA GLY B 307 49.44 5.86 -11.62
C GLY B 307 50.08 7.13 -11.08
N PHE B 308 49.39 7.80 -10.15
CA PHE B 308 49.93 9.01 -9.55
C PHE B 308 51.21 8.64 -8.82
N ASN B 309 51.14 7.60 -7.99
CA ASN B 309 52.29 7.18 -7.22
C ASN B 309 53.46 6.68 -8.04
N ARG B 310 53.20 6.16 -9.24
CA ARG B 310 54.32 5.72 -10.10
C ARG B 310 55.03 7.01 -10.50
N LYS B 311 54.29 7.89 -11.15
CA LYS B 311 54.79 9.17 -11.61
C LYS B 311 55.72 9.79 -10.58
N VAL B 312 55.22 9.94 -9.35
CA VAL B 312 55.99 10.56 -8.28
C VAL B 312 57.20 9.74 -7.84
N LYS B 313 57.08 8.41 -7.91
CA LYS B 313 58.18 7.54 -7.51
C LYS B 313 59.28 7.62 -8.56
N ASP B 314 58.90 7.43 -9.82
CA ASP B 314 59.86 7.51 -10.92
C ASP B 314 60.65 8.81 -10.80
N ALA B 315 59.93 9.90 -10.64
CA ALA B 315 60.54 11.22 -10.51
C ALA B 315 61.62 11.22 -9.45
N GLU B 316 61.34 10.59 -8.31
CA GLU B 316 62.32 10.54 -7.23
C GLU B 316 63.51 9.65 -7.54
N GLU B 317 63.25 8.54 -8.22
CA GLU B 317 64.30 7.61 -8.60
C GLU B 317 65.16 8.22 -9.70
N ALA B 318 64.63 9.23 -10.36
CA ALA B 318 65.34 9.92 -11.43
C ALA B 318 65.88 11.25 -10.92
N GLY B 319 66.16 11.31 -9.62
CA GLY B 319 66.70 12.51 -9.01
C GLY B 319 65.92 13.80 -9.19
N THR B 320 64.98 13.81 -10.15
CA THR B 320 64.17 15.00 -10.44
C THR B 320 62.75 14.87 -9.85
N PRO B 321 62.60 15.07 -8.53
CA PRO B 321 61.29 14.96 -7.90
C PRO B 321 60.25 15.94 -8.45
N LEU B 322 58.99 15.50 -8.47
CA LEU B 322 57.90 16.32 -8.98
C LEU B 322 57.45 17.32 -7.93
N THR B 323 56.78 18.36 -8.38
CA THR B 323 56.31 19.39 -7.48
C THR B 323 54.81 19.61 -7.66
N ASP B 324 54.12 19.92 -6.58
CA ASP B 324 52.67 20.12 -6.64
C ASP B 324 52.20 21.05 -7.75
N PRO B 325 51.54 20.50 -8.78
CA PRO B 325 51.04 21.30 -9.91
C PRO B 325 49.87 22.19 -9.55
N LEU B 326 49.23 21.88 -8.43
CA LEU B 326 48.08 22.65 -8.00
C LEU B 326 48.48 23.77 -7.04
N PHE B 327 49.77 24.08 -7.00
CA PHE B 327 50.23 25.14 -6.12
C PHE B 327 50.05 26.53 -6.72
N ARG B 328 49.51 27.45 -5.92
CA ARG B 328 49.29 28.81 -6.37
C ARG B 328 50.13 29.80 -5.56
N ARG B 329 51.06 30.46 -6.25
CA ARG B 329 51.95 31.42 -5.62
C ARG B 329 51.15 32.60 -5.10
N GLU B 330 51.45 33.02 -3.88
CA GLU B 330 50.77 34.17 -3.30
C GLU B 330 51.82 35.23 -2.96
N SER B 331 53.07 34.82 -3.03
CA SER B 331 54.20 35.70 -2.76
C SER B 331 55.37 35.25 -3.63
N PRO B 332 56.29 36.17 -3.95
CA PRO B 332 57.44 35.79 -4.78
C PRO B 332 58.28 34.75 -4.06
N ASP B 333 58.10 34.70 -2.73
CA ASP B 333 58.81 33.78 -1.87
C ASP B 333 58.27 32.36 -1.99
N ASP B 334 56.95 32.21 -1.83
CA ASP B 334 56.31 30.90 -1.93
C ASP B 334 56.99 30.00 -2.94
N GLU B 335 57.32 28.79 -2.50
CA GLU B 335 57.94 27.81 -3.38
C GLU B 335 57.07 26.58 -3.41
N PRO B 336 56.84 26.04 -4.60
CA PRO B 336 56.01 24.85 -4.78
C PRO B 336 56.48 23.67 -3.93
N PRO B 337 55.63 23.19 -3.02
CA PRO B 337 56.06 22.04 -2.20
C PRO B 337 56.26 20.82 -3.10
N GLN B 338 57.15 19.94 -2.69
CA GLN B 338 57.44 18.74 -3.47
C GLN B 338 56.37 17.67 -3.23
N LEU B 339 56.02 16.92 -4.27
CA LEU B 339 55.02 15.86 -4.14
C LEU B 339 55.57 14.59 -3.51
N SER B 340 54.75 13.93 -2.70
CA SER B 340 55.14 12.67 -2.08
C SER B 340 54.01 11.70 -2.38
N THR B 341 54.28 10.41 -2.30
CA THR B 341 53.25 9.42 -2.58
C THR B 341 52.07 9.53 -1.62
N LEU B 342 50.87 9.32 -2.15
CA LEU B 342 49.67 9.41 -1.34
C LEU B 342 49.23 8.03 -0.88
N PRO B 343 48.73 7.92 0.36
CA PRO B 343 48.29 6.64 0.91
C PRO B 343 46.86 6.30 0.47
N THR B 344 46.54 5.01 0.53
CA THR B 344 45.18 4.56 0.21
C THR B 344 44.44 4.91 1.50
N ILE B 345 43.31 5.61 1.39
CA ILE B 345 42.54 5.96 2.58
C ILE B 345 41.40 4.97 2.76
N VAL B 346 41.23 4.50 4.00
CA VAL B 346 40.12 3.59 4.27
C VAL B 346 39.27 4.17 5.39
N VAL B 347 37.97 4.28 5.14
CA VAL B 347 37.03 4.81 6.13
C VAL B 347 36.16 3.66 6.60
N VAL B 348 36.25 3.31 7.89
CA VAL B 348 35.41 2.24 8.40
C VAL B 348 34.41 2.76 9.43
N VAL B 349 33.14 2.50 9.19
CA VAL B 349 32.10 2.92 10.12
C VAL B 349 31.56 1.66 10.77
N ASP B 350 31.89 1.48 12.06
CA ASP B 350 31.49 0.31 12.82
C ASP B 350 29.99 -0.01 12.80
N GLU B 351 29.16 1.00 13.09
CA GLU B 351 27.71 0.82 13.08
C GLU B 351 27.07 2.00 12.36
N PHE B 352 27.13 1.98 11.03
CA PHE B 352 26.59 3.13 10.32
C PHE B 352 25.11 3.45 10.50
N ALA B 353 24.37 2.51 11.09
CA ALA B 353 22.95 2.76 11.34
C ALA B 353 22.87 3.77 12.50
N ASP B 354 23.80 3.64 13.45
CA ASP B 354 23.82 4.57 14.56
C ASP B 354 24.17 5.98 14.11
N MET B 355 25.13 6.08 13.18
CA MET B 355 25.54 7.39 12.65
C MET B 355 24.36 8.03 11.92
N MET B 356 23.65 7.24 11.11
CA MET B 356 22.50 7.75 10.38
C MET B 356 21.44 8.23 11.35
N MET B 357 21.20 7.43 12.38
CA MET B 357 20.21 7.78 13.37
C MET B 357 20.55 9.08 14.10
N ILE B 358 21.79 9.22 14.54
CA ILE B 358 22.15 10.42 15.29
C ILE B 358 22.28 11.68 14.43
N VAL B 359 22.88 11.54 13.26
CA VAL B 359 23.09 12.70 12.38
C VAL B 359 21.98 13.01 11.39
N GLY B 360 21.47 12.03 10.66
CA GLY B 360 20.40 12.35 9.73
C GLY B 360 20.66 12.01 8.28
N LYS B 361 19.79 12.49 7.39
CA LYS B 361 19.87 12.23 5.96
C LYS B 361 21.25 12.51 5.33
N LYS B 362 21.97 13.48 5.88
CA LYS B 362 23.28 13.84 5.33
C LYS B 362 24.32 12.74 5.37
N VAL B 363 24.21 11.82 6.32
CA VAL B 363 25.19 10.75 6.41
C VAL B 363 25.07 9.93 5.14
N GLU B 364 23.85 9.51 4.86
CA GLU B 364 23.55 8.72 3.67
C GLU B 364 24.03 9.45 2.39
N GLU B 365 23.76 10.75 2.27
CA GLU B 365 24.15 11.53 1.10
C GLU B 365 25.66 11.56 0.92
N LEU B 366 26.39 11.74 2.03
CA LEU B 366 27.83 11.77 1.99
C LEU B 366 28.32 10.39 1.55
N ILE B 367 27.83 9.32 2.19
CA ILE B 367 28.23 7.97 1.83
C ILE B 367 28.10 7.79 0.31
N ALA B 368 26.93 8.13 -0.22
CA ALA B 368 26.62 8.01 -1.66
C ALA B 368 27.60 8.78 -2.52
N ARG B 369 27.92 10.00 -2.08
CA ARG B 369 28.85 10.85 -2.81
C ARG B 369 30.26 10.23 -2.84
N ILE B 370 30.70 9.71 -1.69
CA ILE B 370 32.00 9.06 -1.58
C ILE B 370 32.02 7.82 -2.49
N ALA B 371 31.10 6.91 -2.22
CA ALA B 371 31.02 5.66 -2.96
C ALA B 371 30.82 5.73 -4.45
N GLN B 372 30.30 6.84 -4.95
CA GLN B 372 30.04 6.97 -6.38
C GLN B 372 31.26 7.38 -7.20
N LYS B 373 32.26 7.96 -6.51
CA LYS B 373 33.43 8.51 -7.18
C LYS B 373 34.81 8.27 -6.53
N ALA B 374 34.85 7.85 -5.28
CA ALA B 374 36.11 7.64 -4.55
C ALA B 374 37.15 6.62 -5.02
N ARG B 375 36.72 5.57 -5.72
CA ARG B 375 37.65 4.53 -6.18
C ARG B 375 39.00 4.97 -6.75
N ALA B 376 38.96 5.55 -7.95
CA ALA B 376 40.18 5.98 -8.62
C ALA B 376 41.07 6.85 -7.73
N ALA B 377 40.46 7.59 -6.79
CA ALA B 377 41.23 8.45 -5.89
C ALA B 377 41.86 7.72 -4.71
N GLY B 378 41.58 6.44 -4.58
CA GLY B 378 42.17 5.65 -3.52
C GLY B 378 41.55 5.76 -2.12
N ILE B 379 40.30 6.20 -2.05
CA ILE B 379 39.57 6.30 -0.80
C ILE B 379 38.51 5.21 -0.85
N HIS B 380 38.48 4.36 0.18
CA HIS B 380 37.53 3.24 0.23
C HIS B 380 36.72 3.13 1.52
N LEU B 381 35.47 2.71 1.34
CA LEU B 381 34.50 2.57 2.42
C LEU B 381 34.22 1.14 2.95
N ILE B 382 34.21 1.01 4.28
CA ILE B 382 33.87 -0.24 4.94
C ILE B 382 32.71 0.19 5.87
N LEU B 383 31.48 -0.21 5.56
CA LEU B 383 30.33 0.16 6.37
C LEU B 383 29.70 -1.08 6.96
N ALA B 384 29.62 -1.13 8.29
CA ALA B 384 29.04 -2.29 8.93
C ALA B 384 27.85 -1.91 9.80
N THR B 385 26.96 -2.89 10.00
CA THR B 385 25.77 -2.71 10.82
C THR B 385 25.21 -4.04 11.27
N GLN B 386 24.46 -4.01 12.37
CA GLN B 386 23.81 -5.20 12.91
C GLN B 386 22.31 -5.08 12.62
N ARG B 387 21.92 -3.97 12.00
CA ARG B 387 20.54 -3.68 11.68
C ARG B 387 20.27 -3.64 10.18
N PRO B 388 20.45 -4.76 9.48
CA PRO B 388 20.23 -4.78 8.03
C PRO B 388 18.78 -4.58 7.64
N SER B 389 18.29 -3.35 7.63
CA SER B 389 16.91 -3.10 7.24
C SER B 389 16.85 -2.20 6.04
N VAL B 390 15.67 -2.09 5.44
CA VAL B 390 15.50 -1.23 4.28
C VAL B 390 15.81 0.23 4.62
N ASP B 391 15.59 0.57 5.89
CA ASP B 391 15.82 1.94 6.37
C ASP B 391 17.28 2.24 6.51
N VAL B 392 18.09 1.22 6.76
CA VAL B 392 19.53 1.42 6.94
C VAL B 392 20.32 1.21 5.64
N ILE B 393 20.26 -0.01 5.09
CA ILE B 393 20.97 -0.30 3.85
C ILE B 393 20.04 0.14 2.74
N THR B 394 19.96 1.45 2.56
CA THR B 394 19.11 2.05 1.57
C THR B 394 19.61 2.02 0.13
N GLY B 395 18.75 2.45 -0.78
CA GLY B 395 19.11 2.53 -2.19
C GLY B 395 20.31 3.44 -2.41
N LEU B 396 20.29 4.61 -1.78
CA LEU B 396 21.40 5.54 -1.88
C LEU B 396 22.71 4.87 -1.45
N ILE B 397 22.71 4.26 -0.26
CA ILE B 397 23.90 3.57 0.25
C ILE B 397 24.32 2.46 -0.70
N LYS B 398 23.37 1.61 -1.08
CA LYS B 398 23.64 0.49 -1.95
C LYS B 398 24.07 0.86 -3.37
N ALA B 399 23.52 1.96 -3.89
CA ALA B 399 23.81 2.47 -5.24
C ALA B 399 25.18 2.11 -5.83
N ASN B 400 26.27 2.48 -5.15
CA ASN B 400 27.59 2.18 -5.70
C ASN B 400 28.52 1.39 -4.78
N ILE B 401 27.93 0.55 -3.94
CA ILE B 401 28.68 -0.33 -3.05
C ILE B 401 28.18 -1.73 -3.43
N PRO B 402 28.65 -2.26 -4.57
CA PRO B 402 28.26 -3.58 -5.09
C PRO B 402 28.73 -4.81 -4.30
N THR B 403 29.82 -4.66 -3.56
CA THR B 403 30.36 -5.75 -2.77
C THR B 403 29.72 -5.85 -1.41
N ARG B 404 29.22 -7.03 -1.08
CA ARG B 404 28.54 -7.27 0.18
C ARG B 404 29.08 -8.48 0.93
N ILE B 405 29.17 -8.37 2.25
CA ILE B 405 29.55 -9.51 3.10
C ILE B 405 28.39 -9.61 4.09
N ALA B 406 27.87 -10.80 4.25
CA ALA B 406 26.77 -11.00 5.19
C ALA B 406 27.03 -12.13 6.18
N PHE B 407 27.08 -11.80 7.47
CA PHE B 407 27.25 -12.83 8.47
C PHE B 407 25.82 -13.30 8.75
N GLN B 408 25.60 -14.07 9.80
CA GLN B 408 24.25 -14.53 10.04
C GLN B 408 23.32 -13.36 10.39
N VAL B 409 22.15 -13.37 9.75
CA VAL B 409 21.12 -12.36 9.97
C VAL B 409 19.86 -13.05 10.44
N SER B 410 18.96 -12.29 11.06
CA SER B 410 17.73 -12.85 11.61
C SER B 410 16.72 -13.50 10.67
N SER B 411 16.64 -13.04 9.42
CA SER B 411 15.66 -13.60 8.48
C SER B 411 16.00 -13.43 7.01
N LYS B 412 15.25 -14.11 6.13
CA LYS B 412 15.44 -14.01 4.69
C LYS B 412 15.29 -12.55 4.27
N ILE B 413 14.34 -11.85 4.90
CA ILE B 413 14.10 -10.45 4.60
C ILE B 413 15.40 -9.70 4.85
N ASP B 414 15.96 -9.87 6.04
CA ASP B 414 17.22 -9.21 6.39
C ASP B 414 18.32 -9.57 5.39
N SER B 415 18.41 -10.85 5.06
CA SER B 415 19.42 -11.33 4.13
C SER B 415 19.30 -10.57 2.81
N ARG B 416 18.07 -10.43 2.33
CA ARG B 416 17.83 -9.73 1.06
C ARG B 416 18.24 -8.26 1.16
N THR B 417 18.04 -7.66 2.34
CA THR B 417 18.42 -6.26 2.54
C THR B 417 19.90 -6.00 2.28
N ILE B 418 20.73 -6.96 2.66
CA ILE B 418 22.17 -6.83 2.52
C ILE B 418 22.71 -7.52 1.27
N LEU B 419 22.19 -8.70 0.94
CA LEU B 419 22.66 -9.44 -0.24
C LEU B 419 21.76 -9.39 -1.48
N ASP B 420 20.57 -8.79 -1.33
CA ASP B 420 19.60 -8.72 -2.44
C ASP B 420 19.36 -10.18 -2.84
N GLN B 421 19.28 -11.04 -1.83
CA GLN B 421 19.17 -12.48 -2.07
C GLN B 421 19.05 -13.17 -0.70
N GLY B 422 18.29 -14.26 -0.64
CA GLY B 422 18.16 -14.96 0.63
C GLY B 422 19.36 -15.84 0.92
N GLY B 423 19.51 -16.30 2.15
CA GLY B 423 20.64 -17.17 2.44
C GLY B 423 21.36 -16.88 3.73
N ALA B 424 21.73 -15.63 3.95
CA ALA B 424 22.45 -15.26 5.16
C ALA B 424 21.75 -15.70 6.44
N GLU B 425 20.47 -16.04 6.34
CA GLU B 425 19.72 -16.47 7.53
C GLU B 425 20.09 -17.91 7.87
N GLN B 426 20.61 -18.60 6.86
CA GLN B 426 21.02 -20.00 7.00
C GLN B 426 22.42 -20.16 7.55
N LEU B 427 23.14 -19.06 7.73
CA LEU B 427 24.51 -19.15 8.25
C LEU B 427 24.56 -19.65 9.68
N LEU B 428 25.71 -20.20 10.08
CA LEU B 428 25.86 -20.80 11.40
C LEU B 428 26.36 -19.93 12.53
N GLY B 429 26.59 -18.65 12.28
CA GLY B 429 27.09 -17.79 13.33
C GLY B 429 28.58 -18.00 13.45
N HIS B 430 29.18 -17.37 14.45
CA HIS B 430 30.61 -17.47 14.69
C HIS B 430 31.47 -17.31 13.47
N GLY B 431 31.24 -16.23 12.73
CA GLY B 431 32.06 -15.95 11.56
C GLY B 431 31.61 -16.55 10.25
N ASP B 432 30.59 -17.41 10.26
CA ASP B 432 30.13 -18.00 9.01
C ASP B 432 29.56 -16.83 8.21
N MET B 433 29.96 -16.70 6.96
CA MET B 433 29.49 -15.58 6.12
C MET B 433 29.25 -15.91 4.65
N LEU B 434 28.56 -15.00 3.98
CA LEU B 434 28.32 -15.12 2.54
C LEU B 434 28.97 -13.88 1.96
N TYR B 435 30.00 -14.07 1.15
CA TYR B 435 30.73 -12.99 0.49
C TYR B 435 30.22 -12.81 -0.96
N LEU B 436 29.68 -11.63 -1.26
CA LEU B 436 29.13 -11.37 -2.57
C LEU B 436 29.84 -10.29 -3.37
N PRO B 437 30.84 -10.67 -4.18
CA PRO B 437 31.55 -9.69 -4.99
C PRO B 437 30.63 -9.19 -6.12
N PRO B 438 31.00 -8.08 -6.76
CA PRO B 438 30.18 -7.51 -7.83
C PRO B 438 29.85 -8.40 -9.03
N GLY B 439 28.70 -8.13 -9.64
CA GLY B 439 28.27 -8.88 -10.80
C GLY B 439 27.45 -10.10 -10.49
N THR B 440 27.01 -10.81 -11.54
CA THR B 440 26.23 -12.04 -11.37
C THR B 440 27.18 -12.98 -10.63
N GLY B 441 26.73 -14.19 -10.33
CA GLY B 441 27.61 -15.08 -9.63
C GLY B 441 27.09 -15.29 -8.23
N LEU B 442 27.08 -16.54 -7.82
CA LEU B 442 26.58 -16.92 -6.52
C LEU B 442 27.53 -16.47 -5.43
N PRO B 443 26.98 -16.02 -4.31
CA PRO B 443 27.88 -15.60 -3.23
C PRO B 443 28.83 -16.73 -2.85
N ILE B 444 29.96 -16.38 -2.28
CA ILE B 444 30.95 -17.36 -1.85
C ILE B 444 30.84 -17.55 -0.33
N ARG B 445 30.55 -18.76 0.12
CA ARG B 445 30.46 -18.99 1.55
C ARG B 445 31.86 -19.01 2.14
N VAL B 446 32.07 -18.24 3.20
CA VAL B 446 33.37 -18.18 3.83
C VAL B 446 33.28 -18.33 5.33
N HIS B 447 34.18 -19.13 5.89
CA HIS B 447 34.21 -19.33 7.33
C HIS B 447 35.24 -18.37 7.85
N GLY B 448 34.76 -17.26 8.39
CA GLY B 448 35.62 -16.22 8.90
C GLY B 448 36.67 -16.70 9.88
N ALA B 449 37.84 -16.11 9.76
CA ALA B 449 38.94 -16.45 10.64
C ALA B 449 38.70 -15.83 12.02
N PHE B 450 39.12 -16.54 13.05
CA PHE B 450 38.96 -16.01 14.40
C PHE B 450 40.18 -15.19 14.82
N VAL B 451 39.95 -14.00 15.34
CA VAL B 451 41.05 -13.18 15.80
C VAL B 451 40.67 -12.67 17.18
N SER B 452 41.46 -13.07 18.17
CA SER B 452 41.22 -12.68 19.56
C SER B 452 41.57 -11.24 19.87
N ASP B 453 41.04 -10.73 20.98
CA ASP B 453 41.32 -9.36 21.39
C ASP B 453 42.79 -9.21 21.73
N ASP B 454 43.43 -10.34 22.05
CA ASP B 454 44.85 -10.33 22.38
C ASP B 454 45.65 -10.14 21.11
N GLU B 455 45.34 -10.93 20.10
CA GLU B 455 46.02 -10.82 18.81
C GLU B 455 45.90 -9.37 18.30
N VAL B 456 44.75 -8.75 18.49
CA VAL B 456 44.56 -7.38 18.03
C VAL B 456 45.36 -6.43 18.92
N HIS B 457 45.16 -6.54 20.22
CA HIS B 457 45.88 -5.71 21.18
C HIS B 457 47.39 -5.76 20.93
N ARG B 458 47.87 -6.96 20.58
CA ARG B 458 49.27 -7.20 20.29
C ARG B 458 49.72 -6.41 19.06
N VAL B 459 49.06 -6.63 17.92
CA VAL B 459 49.40 -5.94 16.68
C VAL B 459 49.32 -4.42 16.83
N VAL B 460 48.43 -3.95 17.68
CA VAL B 460 48.29 -2.51 17.91
C VAL B 460 49.57 -2.02 18.55
N GLU B 461 49.93 -2.61 19.69
CA GLU B 461 51.14 -2.22 20.41
C GLU B 461 52.35 -2.27 19.51
N ALA B 462 52.41 -3.30 18.67
CA ALA B 462 53.51 -3.47 17.75
C ALA B 462 53.63 -2.27 16.83
N TRP B 463 52.49 -1.73 16.41
CA TRP B 463 52.50 -0.57 15.53
C TRP B 463 52.74 0.73 16.29
N LYS B 464 52.22 0.80 17.51
CA LYS B 464 52.38 2.00 18.32
C LYS B 464 53.86 2.21 18.61
N LEU B 465 54.60 1.12 18.59
CA LEU B 465 56.04 1.19 18.81
C LEU B 465 56.71 1.71 17.56
N ARG B 466 56.30 1.21 16.42
CA ARG B 466 56.87 1.62 15.14
C ARG B 466 56.56 3.07 14.73
N GLY B 467 55.85 3.82 15.56
CA GLY B 467 55.56 5.19 15.19
C GLY B 467 54.41 5.79 15.96
N ALA B 468 54.41 7.12 16.07
CA ALA B 468 53.37 7.87 16.78
C ALA B 468 52.25 8.29 15.84
N PRO B 469 51.07 8.60 16.40
CA PRO B 469 49.90 9.02 15.61
C PRO B 469 50.07 10.38 14.94
N ASP B 470 50.05 10.37 13.61
CA ASP B 470 50.20 11.62 12.84
C ASP B 470 48.84 12.16 12.41
N TYR B 471 48.10 12.75 13.35
CA TYR B 471 46.77 13.29 13.07
C TYR B 471 46.76 14.58 12.26
N ILE B 472 45.61 14.85 11.64
CA ILE B 472 45.39 16.08 10.86
C ILE B 472 44.14 16.70 11.50
N GLU B 473 44.28 17.28 12.69
CA GLU B 473 43.16 17.88 13.43
C GLU B 473 42.13 18.58 12.53
N ASP B 474 42.61 19.00 11.37
CA ASP B 474 41.81 19.66 10.35
C ASP B 474 40.56 18.82 9.98
N ILE B 475 40.77 17.52 9.82
CA ILE B 475 39.74 16.56 9.42
C ILE B 475 38.46 16.47 10.26
N LEU B 476 38.57 16.45 11.57
CA LEU B 476 37.38 16.34 12.41
C LEU B 476 36.64 17.66 12.63
N ALA B 477 37.23 18.76 12.14
CA ALA B 477 36.61 20.08 12.28
C ALA B 477 36.35 20.69 10.90
N LEU C 70 20.90 -3.36 54.72
CA LEU C 70 20.32 -4.00 53.51
C LEU C 70 19.20 -4.96 53.92
N PRO C 71 17.94 -4.69 53.52
CA PRO C 71 16.78 -5.52 53.86
C PRO C 71 16.92 -7.02 53.66
N PRO C 72 16.39 -7.82 54.62
CA PRO C 72 16.42 -9.29 54.64
C PRO C 72 15.36 -9.99 53.79
N LEU C 73 15.77 -11.07 53.13
CA LEU C 73 14.88 -11.85 52.30
C LEU C 73 13.77 -12.43 53.18
N SER C 74 13.87 -12.17 54.48
CA SER C 74 12.91 -12.65 55.45
C SER C 74 11.58 -11.96 55.29
N LEU C 75 11.58 -10.81 54.61
CA LEU C 75 10.37 -10.04 54.40
C LEU C 75 9.44 -10.66 53.36
N LEU C 76 9.95 -11.65 52.64
CA LEU C 76 9.18 -12.32 51.60
C LEU C 76 8.39 -13.54 52.08
N ASP C 77 7.15 -13.66 51.61
CA ASP C 77 6.32 -14.79 51.98
C ASP C 77 7.06 -16.06 51.59
N PRO C 78 6.89 -17.13 52.38
CA PRO C 78 7.53 -18.44 52.18
C PRO C 78 6.94 -19.25 51.04
N ALA C 79 7.74 -20.18 50.51
CA ALA C 79 7.30 -21.04 49.42
C ALA C 79 6.18 -21.96 49.91
N GLU C 80 4.99 -21.80 49.33
CA GLU C 80 3.83 -22.60 49.70
C GLU C 80 4.10 -24.07 49.40
N VAL C 81 3.43 -24.96 50.13
CA VAL C 81 3.61 -26.41 49.95
C VAL C 81 3.51 -26.85 48.50
N LYS C 82 4.65 -27.20 47.92
CA LYS C 82 4.69 -27.63 46.52
C LYS C 82 4.06 -29.00 46.32
N GLN C 83 2.73 -29.05 46.32
CA GLN C 83 2.04 -30.31 46.11
C GLN C 83 2.04 -30.63 44.62
N LYS C 84 3.20 -31.06 44.15
CA LYS C 84 3.41 -31.39 42.74
C LYS C 84 3.35 -32.91 42.50
N SER C 85 4.35 -33.42 41.81
CA SER C 85 4.49 -34.84 41.49
C SER C 85 3.33 -35.43 40.70
N TYR C 86 3.64 -35.89 39.49
CA TYR C 86 2.66 -36.52 38.62
C TYR C 86 3.14 -37.96 38.45
N SER C 87 2.41 -38.89 39.06
CA SER C 87 2.77 -40.30 38.99
C SER C 87 3.23 -40.69 37.60
N PRO C 88 4.29 -41.51 37.53
CA PRO C 88 4.85 -41.98 36.26
C PRO C 88 3.74 -42.49 35.34
N GLU C 89 2.66 -42.97 35.97
CA GLU C 89 1.52 -43.48 35.23
C GLU C 89 0.70 -42.34 34.61
N SER C 90 0.50 -41.28 35.38
CA SER C 90 -0.25 -40.12 34.89
C SER C 90 0.44 -39.59 33.65
N LEU C 91 1.73 -39.31 33.80
CA LEU C 91 2.51 -38.77 32.69
C LEU C 91 2.45 -39.70 31.49
N GLU C 92 2.50 -41.00 31.74
CA GLU C 92 2.46 -41.96 30.65
C GLU C 92 1.09 -41.98 30.00
N ALA C 93 0.05 -41.67 30.77
CA ALA C 93 -1.29 -41.65 30.23
C ALA C 93 -1.44 -40.48 29.26
N MET C 94 -1.03 -39.31 29.73
CA MET C 94 -1.12 -38.09 28.92
C MET C 94 -0.31 -38.30 27.64
N SER C 95 0.81 -38.99 27.78
CA SER C 95 1.66 -39.24 26.63
C SER C 95 0.91 -39.97 25.54
N ARG C 96 0.20 -41.02 25.91
CA ARG C 96 -0.55 -41.78 24.92
C ARG C 96 -1.69 -40.95 24.39
N LEU C 97 -2.31 -40.16 25.27
CA LEU C 97 -3.41 -39.31 24.84
C LEU C 97 -2.92 -38.40 23.74
N LEU C 98 -1.79 -37.75 23.98
CA LEU C 98 -1.18 -36.82 23.01
C LEU C 98 -1.04 -37.54 21.68
N GLU C 99 -0.38 -38.69 21.72
CA GLU C 99 -0.17 -39.49 20.53
C GLU C 99 -1.49 -39.74 19.82
N ILE C 100 -2.48 -40.22 20.56
CA ILE C 100 -3.79 -40.51 20.01
C ILE C 100 -4.44 -39.32 19.32
N LYS C 101 -4.50 -38.19 20.03
CA LYS C 101 -5.13 -36.98 19.51
C LYS C 101 -4.46 -36.47 18.23
N LEU C 102 -3.13 -36.45 18.23
CA LEU C 102 -2.40 -36.00 17.05
C LEU C 102 -2.69 -36.96 15.90
N LYS C 103 -2.81 -38.23 16.23
CA LYS C 103 -3.13 -39.27 15.27
C LYS C 103 -4.53 -39.07 14.70
N GLU C 104 -5.48 -38.69 15.57
CA GLU C 104 -6.85 -38.45 15.13
C GLU C 104 -6.82 -37.37 14.04
N PHE C 105 -5.93 -36.39 14.21
CA PHE C 105 -5.75 -35.35 13.19
C PHE C 105 -4.75 -35.95 12.21
N GLY C 106 -4.19 -35.15 11.34
CA GLY C 106 -3.25 -35.72 10.39
C GLY C 106 -2.02 -36.49 10.88
N VAL C 107 -1.22 -35.86 11.74
CA VAL C 107 0.06 -36.42 12.22
C VAL C 107 0.18 -37.61 13.15
N GLU C 108 1.18 -38.42 12.84
CA GLU C 108 1.53 -39.60 13.59
C GLU C 108 2.85 -39.31 14.27
N VAL C 109 2.87 -39.32 15.59
CA VAL C 109 4.09 -39.04 16.28
C VAL C 109 4.15 -39.88 17.52
N SER C 110 5.29 -39.89 18.21
CA SER C 110 5.40 -40.66 19.44
C SER C 110 6.19 -39.91 20.49
N VAL C 111 5.71 -39.93 21.73
CA VAL C 111 6.40 -39.24 22.81
C VAL C 111 7.76 -39.87 23.02
N ASP C 112 8.77 -39.00 23.10
CA ASP C 112 10.13 -39.42 23.27
C ASP C 112 10.58 -39.25 24.73
N SER C 113 9.98 -38.28 25.42
CA SER C 113 10.30 -38.00 26.81
C SER C 113 9.36 -36.95 27.40
N VAL C 114 9.19 -36.99 28.72
CA VAL C 114 8.30 -36.05 29.38
C VAL C 114 9.07 -35.31 30.45
N HIS C 115 8.86 -34.00 30.50
CA HIS C 115 9.53 -33.14 31.46
C HIS C 115 8.50 -32.27 32.16
N PRO C 116 8.05 -32.68 33.35
CA PRO C 116 7.06 -31.88 34.07
C PRO C 116 7.69 -30.65 34.73
N GLY C 117 6.86 -29.65 34.99
CA GLY C 117 7.33 -28.43 35.61
C GLY C 117 6.24 -27.78 36.45
N PRO C 118 6.50 -26.60 36.99
CA PRO C 118 5.55 -25.87 37.84
C PRO C 118 4.26 -25.45 37.13
N VAL C 119 4.40 -24.95 35.92
CA VAL C 119 3.22 -24.50 35.20
C VAL C 119 2.83 -25.37 34.03
N ILE C 120 3.81 -25.87 33.28
CA ILE C 120 3.45 -26.74 32.17
C ILE C 120 4.34 -27.97 32.16
N THR C 121 4.04 -28.89 31.26
CA THR C 121 4.84 -30.10 31.12
C THR C 121 5.18 -30.20 29.65
N ARG C 122 6.46 -30.37 29.35
CA ARG C 122 6.90 -30.47 27.98
C ARG C 122 7.02 -31.93 27.55
N PHE C 123 6.40 -32.24 26.41
CA PHE C 123 6.44 -33.57 25.87
C PHE C 123 7.25 -33.50 24.60
N GLU C 124 8.48 -34.04 24.62
CA GLU C 124 9.28 -34.03 23.42
C GLU C 124 8.78 -35.22 22.62
N ILE C 125 8.22 -34.94 21.45
CA ILE C 125 7.72 -36.01 20.59
C ILE C 125 8.60 -36.19 19.36
N GLN C 126 8.62 -37.41 18.84
CA GLN C 126 9.41 -37.71 17.67
C GLN C 126 8.47 -37.91 16.48
N PRO C 127 8.41 -36.94 15.56
CA PRO C 127 7.54 -37.00 14.37
C PRO C 127 7.88 -38.19 13.47
N ALA C 128 6.85 -38.86 12.95
CA ALA C 128 7.06 -39.99 12.06
C ALA C 128 7.80 -39.55 10.80
N ALA C 129 8.18 -40.51 9.97
CA ALA C 129 8.89 -40.18 8.75
C ALA C 129 8.04 -39.30 7.84
N GLY C 130 8.67 -38.26 7.30
CA GLY C 130 7.98 -37.39 6.39
C GLY C 130 7.06 -36.32 6.94
N VAL C 131 6.74 -36.33 8.23
CA VAL C 131 5.86 -35.29 8.74
C VAL C 131 6.64 -34.03 9.04
N LYS C 132 6.13 -32.91 8.53
CA LYS C 132 6.75 -31.60 8.74
C LYS C 132 6.25 -30.88 10.02
N VAL C 133 7.15 -30.24 10.74
CA VAL C 133 6.78 -29.57 11.97
C VAL C 133 5.60 -28.64 11.83
N SER C 134 5.53 -27.93 10.71
CA SER C 134 4.46 -26.97 10.48
C SER C 134 3.10 -27.61 10.75
N ARG C 135 2.93 -28.84 10.28
CA ARG C 135 1.68 -29.56 10.48
C ARG C 135 1.35 -29.63 11.98
N ILE C 136 2.35 -29.88 12.84
CA ILE C 136 2.10 -29.92 14.30
C ILE C 136 1.69 -28.54 14.80
N SER C 137 2.52 -27.53 14.52
CA SER C 137 2.25 -26.15 14.94
C SER C 137 0.87 -25.69 14.49
N ASN C 138 0.55 -25.97 13.23
CA ASN C 138 -0.72 -25.58 12.67
C ASN C 138 -1.97 -26.06 13.37
N LEU C 139 -1.92 -27.16 14.11
CA LEU C 139 -3.14 -27.52 14.80
C LEU C 139 -2.99 -27.51 16.29
N ALA C 140 -2.34 -26.47 16.79
CA ALA C 140 -2.13 -26.30 18.22
C ALA C 140 -3.44 -25.87 18.87
N LYS C 141 -4.25 -25.15 18.10
CA LYS C 141 -5.54 -24.67 18.57
C LYS C 141 -6.46 -25.87 18.78
N ASP C 142 -6.56 -26.71 17.76
CA ASP C 142 -7.42 -27.87 17.85
C ASP C 142 -6.91 -28.90 18.83
N LEU C 143 -5.62 -29.17 18.83
CA LEU C 143 -5.04 -30.12 19.76
C LEU C 143 -5.38 -29.69 21.19
N ALA C 144 -5.25 -28.39 21.44
CA ALA C 144 -5.51 -27.85 22.76
C ALA C 144 -6.93 -28.18 23.17
N ARG C 145 -7.86 -28.03 22.23
CA ARG C 145 -9.25 -28.30 22.54
C ARG C 145 -9.49 -29.75 22.83
N SER C 146 -8.94 -30.61 21.99
CA SER C 146 -9.10 -32.04 22.17
C SER C 146 -8.49 -32.49 23.51
N LEU C 147 -7.56 -31.71 24.04
CA LEU C 147 -6.94 -32.05 25.30
C LEU C 147 -7.60 -31.30 26.45
N ALA C 148 -8.55 -30.44 26.12
CA ALA C 148 -9.26 -29.63 27.12
C ALA C 148 -8.34 -28.69 27.91
N VAL C 149 -7.32 -28.16 27.25
CA VAL C 149 -6.42 -27.20 27.89
C VAL C 149 -6.60 -25.88 27.14
N ILE C 150 -6.38 -24.77 27.84
CA ILE C 150 -6.61 -23.49 27.22
C ILE C 150 -5.76 -23.23 25.98
N SER C 151 -4.56 -23.78 25.94
CA SER C 151 -3.67 -23.61 24.80
C SER C 151 -2.51 -24.56 24.93
N VAL C 152 -1.74 -24.70 23.87
CA VAL C 152 -0.60 -25.59 23.92
C VAL C 152 0.50 -24.88 23.13
N ARG C 153 1.75 -25.01 23.58
CA ARG C 153 2.87 -24.35 22.90
C ARG C 153 3.78 -25.31 22.16
N VAL C 154 3.84 -25.17 20.83
CA VAL C 154 4.70 -26.02 20.00
C VAL C 154 6.10 -25.40 19.81
N VAL C 155 7.11 -26.07 20.36
CA VAL C 155 8.51 -25.64 20.26
C VAL C 155 9.13 -26.41 19.10
N GLU C 156 9.13 -25.78 17.93
CA GLU C 156 9.62 -26.40 16.70
C GLU C 156 11.05 -26.93 16.67
N VAL C 157 11.91 -26.48 17.58
CA VAL C 157 13.26 -27.00 17.59
C VAL C 157 13.83 -27.14 18.99
N ILE C 158 14.39 -28.33 19.24
CA ILE C 158 15.03 -28.66 20.50
C ILE C 158 16.47 -29.00 20.15
N PRO C 159 17.39 -28.07 20.45
CA PRO C 159 18.83 -28.19 20.19
C PRO C 159 19.46 -29.57 20.38
N GLY C 160 20.10 -30.05 19.32
CA GLY C 160 20.77 -31.34 19.38
C GLY C 160 19.89 -32.55 19.10
N LYS C 161 18.62 -32.47 19.46
CA LYS C 161 17.70 -33.58 19.26
C LYS C 161 16.94 -33.42 17.94
N THR C 162 16.32 -34.50 17.47
CA THR C 162 15.55 -34.47 16.24
C THR C 162 14.07 -34.40 16.61
N THR C 163 13.80 -34.17 17.89
CA THR C 163 12.44 -34.10 18.39
C THR C 163 11.89 -32.69 18.42
N VAL C 164 10.56 -32.62 18.56
CA VAL C 164 9.82 -31.37 18.62
C VAL C 164 9.20 -31.38 20.02
N GLY C 165 8.87 -30.22 20.54
CA GLY C 165 8.29 -30.21 21.87
C GLY C 165 6.90 -29.61 21.94
N ILE C 166 6.08 -30.16 22.83
CA ILE C 166 4.73 -29.65 23.05
C ILE C 166 4.55 -29.41 24.55
N GLU C 167 4.36 -28.15 24.90
CA GLU C 167 4.18 -27.76 26.28
C GLU C 167 2.71 -27.61 26.61
N ILE C 168 2.22 -28.53 27.43
CA ILE C 168 0.82 -28.54 27.85
C ILE C 168 0.66 -28.02 29.28
N PRO C 169 -0.34 -27.18 29.50
CA PRO C 169 -0.59 -26.59 30.81
C PRO C 169 -1.02 -27.64 31.83
N ASN C 170 -0.35 -27.67 32.98
CA ASN C 170 -0.69 -28.62 34.04
C ASN C 170 -2.08 -28.26 34.57
N GLU C 171 -2.85 -29.26 35.02
CA GLU C 171 -4.18 -29.00 35.55
C GLU C 171 -4.10 -28.08 36.75
N ASP C 172 -3.12 -28.31 37.61
CA ASP C 172 -2.94 -27.48 38.77
C ASP C 172 -1.61 -26.78 38.64
N ARG C 173 -1.66 -25.50 38.32
CA ARG C 173 -0.45 -24.71 38.19
C ARG C 173 0.02 -24.41 39.59
N GLN C 174 1.24 -24.78 39.91
CA GLN C 174 1.71 -24.48 41.23
C GLN C 174 2.42 -23.16 41.10
N MET C 175 2.18 -22.28 42.04
CA MET C 175 2.75 -20.95 42.03
C MET C 175 4.26 -20.86 42.28
N VAL C 176 4.84 -19.75 41.85
CA VAL C 176 6.26 -19.52 42.06
C VAL C 176 6.37 -18.27 42.93
N ARG C 177 6.88 -18.43 44.15
CA ARG C 177 7.03 -17.31 45.07
C ARG C 177 8.36 -16.59 44.85
N PHE C 178 8.34 -15.28 44.92
CA PHE C 178 9.56 -14.52 44.71
C PHE C 178 10.68 -15.04 45.61
N SER C 179 10.37 -15.32 46.88
CA SER C 179 11.40 -15.83 47.80
C SER C 179 12.05 -17.12 47.30
N GLU C 180 11.26 -17.89 46.58
CA GLU C 180 11.66 -19.16 46.01
C GLU C 180 12.69 -18.96 44.87
N VAL C 181 12.76 -17.75 44.35
CA VAL C 181 13.68 -17.43 43.28
C VAL C 181 14.95 -16.75 43.79
N LEU C 182 14.77 -15.74 44.65
CA LEU C 182 15.92 -15.02 45.20
C LEU C 182 16.76 -15.89 46.15
N SER C 183 16.22 -17.04 46.53
CA SER C 183 16.91 -17.95 47.43
C SER C 183 18.00 -18.72 46.69
N SER C 184 17.91 -18.78 45.37
CA SER C 184 18.89 -19.49 44.56
C SER C 184 20.30 -18.97 44.74
N PRO C 185 21.30 -19.81 44.46
CA PRO C 185 22.68 -19.37 44.58
C PRO C 185 23.06 -18.41 43.46
N GLU C 186 22.39 -18.54 42.32
CA GLU C 186 22.65 -17.67 41.17
C GLU C 186 22.41 -16.21 41.53
N TYR C 187 21.29 -15.96 42.21
CA TYR C 187 20.95 -14.61 42.63
C TYR C 187 21.81 -14.18 43.80
N ASP C 188 22.01 -15.10 44.73
CA ASP C 188 22.80 -14.82 45.91
C ASP C 188 24.22 -14.38 45.58
N GLU C 189 24.87 -15.15 44.72
CA GLU C 189 26.26 -14.88 44.33
C GLU C 189 26.38 -13.91 43.16
N HIS C 190 25.27 -13.36 42.68
CA HIS C 190 25.34 -12.45 41.56
C HIS C 190 26.12 -11.20 41.89
N LYS C 191 27.05 -10.87 41.02
CA LYS C 191 27.93 -9.73 41.23
C LYS C 191 27.44 -8.39 40.66
N SER C 192 26.33 -8.39 39.95
CA SER C 192 25.80 -7.16 39.35
C SER C 192 25.05 -6.29 40.34
N THR C 193 24.96 -5.00 40.07
CA THR C 193 24.25 -4.07 40.95
C THR C 193 22.79 -4.12 40.60
N VAL C 194 22.51 -4.60 39.39
CA VAL C 194 21.14 -4.65 38.93
C VAL C 194 20.72 -6.00 38.36
N PRO C 195 20.71 -7.06 39.20
CA PRO C 195 20.32 -8.39 38.72
C PRO C 195 18.80 -8.47 38.66
N LEU C 196 18.27 -9.25 37.74
CA LEU C 196 16.83 -9.38 37.62
C LEU C 196 16.43 -10.85 37.71
N ALA C 197 15.73 -11.20 38.79
CA ALA C 197 15.28 -12.56 39.00
C ALA C 197 13.92 -12.65 38.35
N LEU C 198 13.86 -13.28 37.19
CA LEU C 198 12.61 -13.37 36.44
C LEU C 198 11.59 -14.39 36.93
N GLY C 199 12.05 -15.57 37.32
CA GLY C 199 11.16 -16.60 37.80
C GLY C 199 11.78 -17.96 37.58
N HIS C 200 10.96 -18.96 37.23
CA HIS C 200 11.46 -20.31 36.97
C HIS C 200 11.28 -20.71 35.51
N ASP C 201 12.22 -21.49 34.95
CA ASP C 201 12.06 -21.94 33.58
C ASP C 201 11.03 -23.08 33.56
N ILE C 202 10.66 -23.57 32.38
CA ILE C 202 9.65 -24.61 32.31
C ILE C 202 9.95 -25.85 33.15
N GLY C 203 11.18 -25.94 33.64
CA GLY C 203 11.57 -27.08 34.44
C GLY C 203 11.69 -26.78 35.92
N GLY C 204 11.35 -25.57 36.32
CA GLY C 204 11.44 -25.21 37.72
C GLY C 204 12.72 -24.54 38.18
N ARG C 205 13.69 -24.41 37.29
CA ARG C 205 14.96 -23.79 37.64
C ARG C 205 14.88 -22.26 37.59
N PRO C 206 15.56 -21.57 38.53
CA PRO C 206 15.57 -20.11 38.60
C PRO C 206 16.36 -19.41 37.50
N ILE C 207 15.72 -18.41 36.89
CA ILE C 207 16.34 -17.64 35.83
C ILE C 207 16.72 -16.26 36.36
N ILE C 208 18.01 -16.03 36.53
CA ILE C 208 18.51 -14.75 37.04
C ILE C 208 19.32 -14.07 35.92
N THR C 209 19.00 -12.82 35.64
CA THR C 209 19.67 -12.09 34.56
C THR C 209 20.36 -10.82 35.04
N ASP C 210 21.10 -10.17 34.14
CA ASP C 210 21.81 -8.94 34.47
C ASP C 210 21.38 -7.77 33.58
N LEU C 211 20.59 -6.88 34.14
CA LEU C 211 20.11 -5.70 33.42
C LEU C 211 21.27 -4.98 32.74
N ALA C 212 22.37 -4.83 33.48
CA ALA C 212 23.55 -4.16 32.96
C ALA C 212 24.12 -4.82 31.72
N LYS C 213 23.82 -6.10 31.50
CA LYS C 213 24.33 -6.76 30.32
C LYS C 213 23.31 -6.81 29.18
N MET C 214 22.09 -6.36 29.43
CA MET C 214 21.05 -6.42 28.41
C MET C 214 21.21 -5.53 27.16
N PRO C 215 21.55 -4.23 27.34
CA PRO C 215 21.78 -3.50 28.59
C PRO C 215 20.58 -2.58 28.83
N HIS C 216 19.51 -2.87 28.11
CA HIS C 216 18.25 -2.14 28.20
C HIS C 216 17.16 -3.19 28.00
N LEU C 217 15.97 -2.92 28.52
CA LEU C 217 14.90 -3.88 28.43
C LEU C 217 13.56 -3.34 28.00
N LEU C 218 12.92 -4.05 27.08
CA LEU C 218 11.59 -3.73 26.58
C LEU C 218 10.65 -4.79 27.14
N VAL C 219 9.59 -4.34 27.82
CA VAL C 219 8.63 -5.25 28.42
C VAL C 219 7.23 -5.00 27.89
N ALA C 220 6.56 -6.04 27.42
CA ALA C 220 5.20 -5.89 26.91
C ALA C 220 4.28 -6.97 27.43
N GLY C 221 3.01 -6.61 27.65
CA GLY C 221 2.00 -7.54 28.12
C GLY C 221 0.63 -6.90 28.30
N THR C 222 -0.42 -7.48 27.71
CA THR C 222 -1.75 -6.86 27.89
C THR C 222 -2.21 -7.01 29.32
N THR C 223 -3.26 -6.27 29.67
CA THR C 223 -3.75 -6.32 31.03
C THR C 223 -4.11 -7.75 31.35
N GLY C 224 -3.70 -8.19 32.54
CA GLY C 224 -3.97 -9.53 33.02
C GLY C 224 -2.85 -10.53 32.80
N SER C 225 -1.81 -10.10 32.08
CA SER C 225 -0.68 -10.97 31.76
C SER C 225 0.30 -11.16 32.91
N GLY C 226 0.29 -10.21 33.84
CA GLY C 226 1.18 -10.27 34.98
C GLY C 226 2.40 -9.38 34.82
N LYS C 227 2.28 -8.39 33.93
CA LYS C 227 3.36 -7.46 33.65
C LYS C 227 3.73 -6.58 34.84
N SER C 228 2.73 -6.03 35.51
CA SER C 228 3.00 -5.16 36.65
C SER C 228 3.72 -5.87 37.77
N VAL C 229 3.30 -7.10 38.05
CA VAL C 229 3.93 -7.90 39.09
C VAL C 229 5.37 -8.18 38.69
N GLY C 230 5.55 -8.48 37.41
CA GLY C 230 6.88 -8.78 36.92
C GLY C 230 7.83 -7.61 37.01
N VAL C 231 7.28 -6.40 36.91
CA VAL C 231 8.09 -5.20 37.00
C VAL C 231 8.48 -5.05 38.45
N ASN C 232 7.54 -5.31 39.36
CA ASN C 232 7.84 -5.24 40.79
C ASN C 232 8.91 -6.26 41.15
N ALA C 233 8.85 -7.43 40.50
CA ALA C 233 9.84 -8.45 40.75
C ALA C 233 11.19 -7.90 40.33
N MET C 234 11.20 -7.19 39.20
CA MET C 234 12.43 -6.60 38.69
C MET C 234 13.01 -5.57 39.66
N LEU C 235 12.16 -4.65 40.13
CA LEU C 235 12.59 -3.60 41.05
C LEU C 235 13.07 -4.19 42.38
N LEU C 236 12.33 -5.17 42.89
CA LEU C 236 12.69 -5.80 44.15
C LEU C 236 14.01 -6.57 44.01
N SER C 237 14.30 -7.04 42.80
CA SER C 237 15.55 -7.75 42.55
C SER C 237 16.71 -6.80 42.79
N ILE C 238 16.53 -5.53 42.42
CA ILE C 238 17.57 -4.52 42.61
C ILE C 238 17.66 -4.20 44.09
N LEU C 239 16.53 -3.77 44.64
CA LEU C 239 16.41 -3.38 46.03
C LEU C 239 16.86 -4.40 47.07
N PHE C 240 16.91 -5.67 46.69
CA PHE C 240 17.34 -6.70 47.63
C PHE C 240 18.83 -6.96 47.50
N LYS C 241 19.48 -6.31 46.55
CA LYS C 241 20.91 -6.50 46.36
C LYS C 241 21.77 -5.25 46.38
N SER C 242 21.19 -4.10 46.10
CA SER C 242 21.97 -2.88 46.06
C SER C 242 21.52 -1.74 46.95
N THR C 243 22.49 -0.94 47.39
CA THR C 243 22.23 0.20 48.24
C THR C 243 22.17 1.42 47.34
N PRO C 244 21.59 2.51 47.83
CA PRO C 244 21.48 3.72 47.03
C PRO C 244 22.79 4.19 46.39
N SER C 245 23.92 3.82 46.97
CA SER C 245 25.20 4.26 46.44
C SER C 245 25.70 3.35 45.33
N GLU C 246 25.00 2.25 45.13
CA GLU C 246 25.37 1.28 44.09
C GLU C 246 24.38 1.31 42.93
N ALA C 247 23.14 1.67 43.23
CA ALA C 247 22.10 1.75 42.23
C ALA C 247 21.08 2.81 42.60
N ARG C 248 20.76 3.65 41.62
CA ARG C 248 19.80 4.72 41.79
C ARG C 248 18.68 4.55 40.78
N LEU C 249 17.51 5.08 41.08
CA LEU C 249 16.37 4.91 40.20
C LEU C 249 15.63 6.17 39.84
N ILE C 250 15.09 6.17 38.63
CA ILE C 250 14.24 7.24 38.13
C ILE C 250 13.01 6.47 37.67
N MET C 251 11.88 6.72 38.34
CA MET C 251 10.63 6.04 38.02
C MET C 251 9.59 6.95 37.41
N ILE C 252 9.19 6.62 36.18
CA ILE C 252 8.19 7.41 35.47
C ILE C 252 6.90 6.60 35.48
N ASP C 253 5.85 7.15 36.09
CA ASP C 253 4.55 6.49 36.21
C ASP C 253 3.45 7.34 35.57
N PRO C 254 3.31 7.28 34.24
CA PRO C 254 2.28 8.06 33.55
C PRO C 254 0.88 7.92 34.13
N LYS C 255 0.66 6.83 34.87
CA LYS C 255 -0.61 6.58 35.55
C LYS C 255 -0.21 6.65 37.03
N MET C 256 -0.64 7.65 37.77
CA MET C 256 -0.22 7.75 39.19
C MET C 256 -0.56 6.49 39.99
N LEU C 257 -0.52 5.36 39.29
CA LEU C 257 -0.85 4.05 39.83
C LEU C 257 0.32 3.21 40.32
N GLU C 258 0.73 2.28 39.47
CA GLU C 258 1.76 1.30 39.75
C GLU C 258 3.03 1.61 40.52
N LEU C 259 3.81 2.56 40.06
CA LEU C 259 5.07 2.85 40.72
C LEU C 259 5.02 3.76 41.91
N SER C 260 3.88 4.41 42.11
CA SER C 260 3.73 5.33 43.23
C SER C 260 3.88 4.66 44.58
N ILE C 261 3.88 3.34 44.61
CA ILE C 261 4.02 2.63 45.86
C ILE C 261 5.46 2.67 46.37
N TYR C 262 6.39 3.05 45.51
CA TYR C 262 7.81 3.12 45.90
C TYR C 262 8.29 4.49 46.34
N GLU C 263 7.37 5.45 46.41
CA GLU C 263 7.75 6.80 46.79
C GLU C 263 8.57 6.82 48.08
N GLY C 264 9.62 7.64 48.09
CA GLY C 264 10.42 7.78 49.27
C GLY C 264 11.63 6.88 49.49
N ILE C 265 11.74 5.78 48.78
CA ILE C 265 12.92 4.93 48.98
C ILE C 265 14.16 5.74 48.61
N PRO C 266 15.22 5.61 49.39
CA PRO C 266 16.47 6.33 49.17
C PRO C 266 17.14 6.19 47.81
N HIS C 267 16.79 5.15 47.05
CA HIS C 267 17.40 4.95 45.74
C HIS C 267 16.90 5.94 44.68
N LEU C 268 15.72 6.50 44.92
CA LEU C 268 15.15 7.43 43.98
C LEU C 268 16.00 8.69 43.80
N LEU C 269 16.25 9.09 42.54
CA LEU C 269 17.02 10.30 42.22
C LEU C 269 16.10 11.49 42.29
N CYS C 270 14.81 11.24 42.23
CA CYS C 270 13.78 12.27 42.30
C CYS C 270 12.51 11.55 42.64
N PRO C 271 11.42 12.29 42.89
CA PRO C 271 10.15 11.62 43.21
C PRO C 271 9.68 10.80 42.01
N VAL C 272 8.71 9.91 42.25
CA VAL C 272 8.20 9.12 41.14
C VAL C 272 7.58 10.13 40.18
N VAL C 273 8.08 10.17 38.96
CA VAL C 273 7.61 11.14 37.98
C VAL C 273 6.22 10.88 37.46
N THR C 274 5.35 11.85 37.73
CA THR C 274 3.96 11.78 37.35
C THR C 274 3.59 12.71 36.19
N ASP C 275 4.22 13.88 36.16
CA ASP C 275 4.00 14.84 35.10
C ASP C 275 4.84 14.39 33.92
N MET C 276 4.24 14.23 32.75
CA MET C 276 5.01 13.76 31.61
C MET C 276 6.04 14.74 31.07
N LYS C 277 5.78 16.04 31.24
CA LYS C 277 6.73 17.03 30.79
C LYS C 277 7.98 16.87 31.65
N GLU C 278 7.79 16.64 32.95
CA GLU C 278 8.93 16.44 33.85
C GLU C 278 9.68 15.16 33.48
N ALA C 279 8.92 14.15 33.08
CA ALA C 279 9.48 12.87 32.69
C ALA C 279 10.42 13.09 31.50
N ALA C 280 10.02 13.96 30.58
CA ALA C 280 10.83 14.27 29.43
C ALA C 280 12.16 14.87 29.93
N ASN C 281 12.08 15.72 30.95
CA ASN C 281 13.27 16.33 31.52
C ASN C 281 14.16 15.30 32.19
N ALA C 282 13.55 14.34 32.87
CA ALA C 282 14.33 13.31 33.52
C ALA C 282 15.14 12.56 32.44
N LEU C 283 14.55 12.36 31.27
CA LEU C 283 15.23 11.68 30.17
C LEU C 283 16.35 12.54 29.65
N ARG C 284 16.08 13.83 29.54
CA ARG C 284 17.08 14.78 29.09
C ARG C 284 18.22 14.78 30.12
N TRP C 285 17.86 14.80 31.39
CA TRP C 285 18.86 14.78 32.45
C TRP C 285 19.74 13.56 32.30
N SER C 286 19.14 12.42 32.02
CA SER C 286 19.89 11.18 31.86
C SER C 286 20.87 11.27 30.70
N VAL C 287 20.48 11.88 29.59
CA VAL C 287 21.40 12.00 28.47
C VAL C 287 22.59 12.83 28.94
N ALA C 288 22.34 13.91 29.65
CA ALA C 288 23.42 14.76 30.15
C ALA C 288 24.32 14.01 31.11
N GLU C 289 23.71 13.33 32.08
CA GLU C 289 24.48 12.59 33.06
C GLU C 289 25.33 11.55 32.35
N MET C 290 24.80 11.04 31.25
CA MET C 290 25.50 10.04 30.47
C MET C 290 26.72 10.65 29.82
N GLU C 291 26.51 11.82 29.22
CA GLU C 291 27.58 12.55 28.55
C GLU C 291 28.64 12.94 29.55
N ARG C 292 28.22 13.38 30.73
CA ARG C 292 29.16 13.77 31.78
C ARG C 292 30.01 12.60 32.23
N ARG C 293 29.43 11.43 32.34
CA ARG C 293 30.17 10.26 32.77
C ARG C 293 31.20 9.87 31.72
N TYR C 294 30.81 9.92 30.45
CA TYR C 294 31.74 9.57 29.39
C TYR C 294 32.92 10.52 29.45
N ARG C 295 32.64 11.80 29.64
CA ARG C 295 33.68 12.81 29.72
C ARG C 295 34.61 12.47 30.88
N LEU C 296 34.01 12.11 32.01
CA LEU C 296 34.75 11.76 33.20
C LEU C 296 35.66 10.58 32.95
N MET C 297 35.07 9.48 32.50
CA MET C 297 35.83 8.26 32.23
C MET C 297 36.96 8.45 31.23
N ALA C 298 36.76 9.32 30.25
CA ALA C 298 37.80 9.56 29.26
C ALA C 298 39.02 10.10 29.99
N ALA C 299 38.80 11.14 30.80
CA ALA C 299 39.86 11.75 31.57
C ALA C 299 40.52 10.77 32.52
N MET C 300 39.76 9.80 33.01
CA MET C 300 40.27 8.80 33.95
C MET C 300 41.00 7.65 33.26
N GLY C 301 40.80 7.53 31.96
CA GLY C 301 41.43 6.44 31.23
C GLY C 301 40.71 5.14 31.51
N VAL C 302 39.39 5.23 31.71
CA VAL C 302 38.56 4.09 32.01
C VAL C 302 37.54 3.85 30.89
N ARG C 303 37.14 2.59 30.71
CA ARG C 303 36.18 2.20 29.68
C ARG C 303 34.71 2.19 30.12
N ASN C 304 34.46 2.11 31.42
CA ASN C 304 33.08 2.06 31.90
C ASN C 304 32.93 2.29 33.39
N LEU C 305 31.70 2.45 33.84
CA LEU C 305 31.40 2.71 35.24
C LEU C 305 32.17 1.79 36.17
N ALA C 306 32.26 0.52 35.81
CA ALA C 306 32.96 -0.45 36.63
C ALA C 306 34.40 -0.02 36.84
N GLY C 307 35.13 0.13 35.74
CA GLY C 307 36.52 0.54 35.81
C GLY C 307 36.69 1.87 36.52
N PHE C 308 35.74 2.79 36.32
CA PHE C 308 35.80 4.08 36.97
C PHE C 308 35.81 3.83 38.46
N ASN C 309 34.83 3.06 38.92
CA ASN C 309 34.72 2.76 40.33
C ASN C 309 35.90 2.00 40.94
N ARG C 310 36.64 1.22 40.13
CA ARG C 310 37.80 0.52 40.68
C ARG C 310 38.82 1.61 40.97
N LYS C 311 39.13 2.38 39.93
CA LYS C 311 40.07 3.47 40.02
C LYS C 311 39.86 4.28 41.29
N VAL C 312 38.62 4.76 41.49
CA VAL C 312 38.29 5.57 42.65
C VAL C 312 38.35 4.83 43.97
N LYS C 313 38.06 3.54 43.93
CA LYS C 313 38.10 2.75 45.15
C LYS C 313 39.55 2.53 45.54
N ASP C 314 40.36 2.04 44.60
CA ASP C 314 41.78 1.81 44.83
C ASP C 314 42.40 3.05 45.45
N ALA C 315 42.15 4.19 44.81
CA ALA C 315 42.66 5.46 45.26
C ALA C 315 42.36 5.67 46.75
N GLU C 316 41.13 5.35 47.14
CA GLU C 316 40.73 5.51 48.54
C GLU C 316 41.40 4.50 49.46
N GLU C 317 41.57 3.27 48.97
CA GLU C 317 42.21 2.22 49.76
C GLU C 317 43.70 2.50 49.87
N ALA C 318 44.19 3.39 49.00
CA ALA C 318 45.61 3.75 49.01
C ALA C 318 45.79 5.13 49.63
N GLY C 319 44.86 5.50 50.51
CA GLY C 319 44.91 6.78 51.19
C GLY C 319 44.94 8.03 50.32
N THR C 320 45.26 7.85 49.04
CA THR C 320 45.34 8.98 48.10
C THR C 320 44.11 9.05 47.20
N PRO C 321 43.00 9.57 47.74
CA PRO C 321 41.76 9.68 46.96
C PRO C 321 41.91 10.53 45.71
N LEU C 322 41.20 10.17 44.66
CA LEU C 322 41.22 10.90 43.40
C LEU C 322 40.35 12.14 43.47
N THR C 323 40.61 13.08 42.58
CA THR C 323 39.84 14.30 42.56
C THR C 323 39.26 14.53 41.16
N ASP C 324 38.09 15.15 41.10
CA ASP C 324 37.41 15.39 39.83
C ASP C 324 38.34 16.05 38.81
N PRO C 325 38.66 15.34 37.73
CA PRO C 325 39.53 15.85 36.69
C PRO C 325 38.82 16.84 35.78
N LEU C 326 37.51 16.85 35.84
CA LEU C 326 36.74 17.75 35.00
C LEU C 326 36.42 19.04 35.74
N PHE C 327 37.12 19.30 36.84
CA PHE C 327 36.88 20.51 37.62
C PHE C 327 37.58 21.72 37.05
N ARG C 328 36.85 22.83 36.92
CA ARG C 328 37.41 24.06 36.39
C ARG C 328 37.43 25.17 37.45
N ARG C 329 38.64 25.60 37.83
CA ARG C 329 38.82 26.64 38.82
C ARG C 329 38.27 27.95 38.31
N GLU C 330 37.51 28.64 39.16
CA GLU C 330 36.95 29.92 38.78
C GLU C 330 37.47 30.96 39.73
N SER C 331 38.09 30.48 40.81
CA SER C 331 38.65 31.34 41.85
C SER C 331 39.87 30.64 42.44
N PRO C 332 40.83 31.42 42.97
CA PRO C 332 42.02 30.81 43.56
C PRO C 332 41.63 29.95 44.75
N ASP C 333 40.44 30.20 45.27
CA ASP C 333 39.90 29.48 46.41
C ASP C 333 39.39 28.10 45.99
N ASP C 334 38.54 28.07 44.97
CA ASP C 334 37.97 26.82 44.47
C ASP C 334 38.95 25.68 44.62
N GLU C 335 38.49 24.57 45.20
CA GLU C 335 39.30 23.38 45.35
C GLU C 335 38.59 22.22 44.68
N PRO C 336 39.33 21.42 43.92
CA PRO C 336 38.75 20.28 43.22
C PRO C 336 38.03 19.32 44.16
N PRO C 337 36.73 19.10 43.94
CA PRO C 337 36.01 18.17 44.82
C PRO C 337 36.57 16.76 44.65
N GLN C 338 36.50 15.97 45.71
CA GLN C 338 37.01 14.60 45.66
C GLN C 338 36.00 13.65 44.99
N LEU C 339 36.50 12.70 44.20
CA LEU C 339 35.64 11.74 43.50
C LEU C 339 35.12 10.62 44.39
N SER C 340 33.86 10.25 44.19
CA SER C 340 33.25 9.16 44.93
C SER C 340 32.65 8.22 43.89
N THR C 341 32.45 6.96 44.26
CA THR C 341 31.91 5.97 43.34
C THR C 341 30.53 6.36 42.83
N LEU C 342 30.29 6.10 41.55
CA LEU C 342 29.01 6.44 40.93
C LEU C 342 28.09 5.25 40.91
N PRO C 343 26.78 5.48 41.12
CA PRO C 343 25.80 4.39 41.13
C PRO C 343 25.34 4.02 39.73
N THR C 344 24.79 2.82 39.60
CA THR C 344 24.27 2.37 38.34
C THR C 344 22.91 3.05 38.33
N ILE C 345 22.58 3.77 37.26
CA ILE C 345 21.28 4.45 37.17
C ILE C 345 20.32 3.58 36.39
N VAL C 346 19.09 3.46 36.88
CA VAL C 346 18.10 2.68 36.18
C VAL C 346 16.88 3.55 36.02
N VAL C 347 16.42 3.66 34.78
CA VAL C 347 15.25 4.45 34.47
C VAL C 347 14.14 3.48 34.07
N VAL C 348 13.03 3.48 34.80
CA VAL C 348 11.94 2.58 34.45
C VAL C 348 10.70 3.40 34.11
N VAL C 349 10.13 3.13 32.96
CA VAL C 349 8.94 3.84 32.51
C VAL C 349 7.85 2.79 32.50
N ASP C 350 6.89 2.93 33.39
CA ASP C 350 5.80 1.99 33.53
C ASP C 350 4.95 1.76 32.29
N GLU C 351 4.57 2.85 31.64
CA GLU C 351 3.74 2.74 30.43
C GLU C 351 4.28 3.74 29.40
N PHE C 352 5.42 3.42 28.80
CA PHE C 352 5.99 4.36 27.87
C PHE C 352 5.11 4.72 26.66
N ALA C 353 4.03 3.98 26.41
CA ALA C 353 3.16 4.37 25.29
C ALA C 353 2.38 5.61 25.72
N ASP C 354 2.10 5.72 27.03
CA ASP C 354 1.38 6.89 27.53
C ASP C 354 2.29 8.13 27.49
N MET C 355 3.59 7.93 27.77
CA MET C 355 4.53 9.06 27.75
C MET C 355 4.68 9.57 26.33
N MET C 356 4.72 8.63 25.38
CA MET C 356 4.82 8.98 23.98
C MET C 356 3.59 9.74 23.56
N MET C 357 2.44 9.26 23.97
CA MET C 357 1.18 9.90 23.62
C MET C 357 1.07 11.34 24.15
N ILE C 358 1.39 11.54 25.42
CA ILE C 358 1.26 12.84 26.02
C ILE C 358 2.31 13.84 25.54
N VAL C 359 3.56 13.41 25.50
CA VAL C 359 4.65 14.29 25.12
C VAL C 359 4.98 14.43 23.63
N GLY C 360 5.10 13.33 22.90
CA GLY C 360 5.39 13.45 21.48
C GLY C 360 6.65 12.75 20.97
N LYS C 361 7.00 13.05 19.73
CA LYS C 361 8.16 12.45 19.08
C LYS C 361 9.46 12.52 19.89
N LYS C 362 9.58 13.52 20.76
CA LYS C 362 10.81 13.67 21.54
C LYS C 362 11.09 12.57 22.55
N VAL C 363 10.04 11.90 23.02
CA VAL C 363 10.21 10.83 24.00
C VAL C 363 11.00 9.74 23.31
N GLU C 364 10.53 9.38 22.13
CA GLU C 364 11.14 8.33 21.30
C GLU C 364 12.61 8.67 20.98
N GLU C 365 12.85 9.93 20.59
CA GLU C 365 14.21 10.37 20.27
C GLU C 365 15.14 10.27 21.48
N LEU C 366 14.65 10.70 22.65
CA LEU C 366 15.46 10.64 23.85
C LEU C 366 15.75 9.19 24.16
N ILE C 367 14.73 8.32 24.12
CA ILE C 367 14.92 6.90 24.41
C ILE C 367 16.04 6.33 23.54
N ALA C 368 15.98 6.63 22.24
CA ALA C 368 16.95 6.14 21.25
C ALA C 368 18.35 6.63 21.54
N ARG C 369 18.44 7.87 21.98
CA ARG C 369 19.71 8.49 22.30
C ARG C 369 20.29 7.82 23.55
N ILE C 370 19.46 7.58 24.56
CA ILE C 370 19.91 6.94 25.78
C ILE C 370 20.38 5.53 25.45
N ALA C 371 19.49 4.76 24.84
CA ALA C 371 19.74 3.37 24.50
C ALA C 371 20.89 3.09 23.54
N GLN C 372 21.31 4.08 22.77
CA GLN C 372 22.37 3.85 21.80
C GLN C 372 23.77 4.01 22.40
N LYS C 373 23.85 4.69 23.55
CA LYS C 373 25.13 5.00 24.17
C LYS C 373 25.25 4.80 25.69
N ALA C 374 24.15 4.75 26.40
CA ALA C 374 24.18 4.65 27.86
C ALA C 374 24.92 3.51 28.56
N ARG C 375 25.00 2.34 27.94
CA ARG C 375 25.62 1.18 28.59
C ARG C 375 26.89 1.39 29.39
N ALA C 376 27.99 1.69 28.69
CA ALA C 376 29.27 1.90 29.37
C ALA C 376 29.21 2.88 30.52
N ALA C 377 28.30 3.84 30.44
CA ALA C 377 28.16 4.84 31.49
C ALA C 377 27.40 4.37 32.75
N GLY C 378 26.79 3.19 32.65
CA GLY C 378 26.03 2.67 33.78
C GLY C 378 24.60 3.17 33.90
N ILE C 379 24.00 3.64 32.82
CA ILE C 379 22.61 4.09 32.85
C ILE C 379 21.83 3.07 32.02
N HIS C 380 20.76 2.51 32.60
CA HIS C 380 19.97 1.49 31.91
C HIS C 380 18.46 1.74 31.90
N LEU C 381 17.86 1.33 30.80
CA LEU C 381 16.44 1.52 30.56
C LEU C 381 15.56 0.28 30.74
N ILE C 382 14.40 0.46 31.37
CA ILE C 382 13.39 -0.60 31.57
C ILE C 382 12.12 0.08 31.05
N LEU C 383 11.66 -0.31 29.87
CA LEU C 383 10.47 0.30 29.27
C LEU C 383 9.37 -0.72 29.16
N ALA C 384 8.23 -0.44 29.77
CA ALA C 384 7.12 -1.37 29.74
C ALA C 384 5.86 -0.76 29.10
N THR C 385 5.03 -1.63 28.53
CA THR C 385 3.79 -1.15 27.91
C THR C 385 2.81 -2.30 27.81
N GLN C 386 1.52 -1.96 27.72
CA GLN C 386 0.46 -2.94 27.56
C GLN C 386 -0.06 -2.81 26.13
N ARG C 387 0.51 -1.85 25.40
CA ARG C 387 0.14 -1.60 24.01
C ARG C 387 1.28 -1.90 23.02
N PRO C 388 1.61 -3.19 22.84
CA PRO C 388 2.68 -3.58 21.92
C PRO C 388 2.30 -3.42 20.45
N SER C 389 2.35 -2.20 19.95
CA SER C 389 2.02 -1.96 18.57
C SER C 389 3.21 -1.36 17.82
N VAL C 390 3.11 -1.35 16.49
CA VAL C 390 4.16 -0.79 15.66
C VAL C 390 4.36 0.70 15.97
N ASP C 391 3.28 1.34 16.39
CA ASP C 391 3.31 2.76 16.74
C ASP C 391 4.03 3.02 18.03
N VAL C 392 3.96 2.05 18.96
CA VAL C 392 4.62 2.22 20.25
C VAL C 392 6.05 1.64 20.26
N ILE C 393 6.18 0.35 19.99
CA ILE C 393 7.50 -0.26 20.00
C ILE C 393 8.05 -0.04 18.60
N THR C 394 8.51 1.19 18.36
CA THR C 394 9.03 1.58 17.06
C THR C 394 10.46 1.18 16.75
N GLY C 395 10.83 1.40 15.49
CA GLY C 395 12.18 1.10 15.02
C GLY C 395 13.20 1.85 15.82
N LEU C 396 12.94 3.13 16.09
CA LEU C 396 13.85 3.93 16.89
C LEU C 396 14.00 3.34 18.28
N ILE C 397 12.88 3.05 18.94
CA ILE C 397 12.91 2.47 20.27
C ILE C 397 13.63 1.14 20.26
N LYS C 398 13.29 0.29 19.29
CA LYS C 398 13.91 -1.02 19.19
C LYS C 398 15.38 -1.02 18.80
N ALA C 399 15.76 -0.08 17.94
CA ALA C 399 17.13 0.03 17.44
C ALA C 399 18.23 -0.50 18.35
N ASN C 400 18.34 -0.01 19.57
CA ASN C 400 19.40 -0.52 20.45
C ASN C 400 18.94 -1.10 21.77
N ILE C 401 17.76 -1.72 21.77
CA ILE C 401 17.22 -2.36 22.96
C ILE C 401 16.94 -3.77 22.46
N PRO C 402 18.00 -4.57 22.30
CA PRO C 402 17.95 -5.95 21.82
C PRO C 402 17.29 -7.00 22.73
N THR C 403 17.20 -6.70 24.03
CA THR C 403 16.60 -7.63 24.98
C THR C 403 15.11 -7.36 25.17
N ARG C 404 14.30 -8.40 25.00
CA ARG C 404 12.86 -8.28 25.11
C ARG C 404 12.23 -9.30 26.05
N ILE C 405 11.24 -8.88 26.82
CA ILE C 405 10.50 -9.79 27.70
C ILE C 405 9.08 -9.58 27.25
N ALA C 406 8.36 -10.67 27.00
CA ALA C 406 6.99 -10.54 26.58
C ALA C 406 6.07 -11.45 27.40
N PHE C 407 5.09 -10.84 28.07
CA PHE C 407 4.12 -11.60 28.82
C PHE C 407 3.03 -11.90 27.81
N GLN C 408 1.89 -12.43 28.23
CA GLN C 408 0.87 -12.73 27.25
C GLN C 408 0.36 -11.49 26.51
N VAL C 409 0.25 -11.62 25.20
CA VAL C 409 -0.22 -10.53 24.36
C VAL C 409 -1.44 -11.01 23.59
N SER C 410 -2.20 -10.08 23.06
CA SER C 410 -3.41 -10.41 22.32
C SER C 410 -3.29 -11.21 21.02
N SER C 411 -2.22 -11.03 20.26
CA SER C 411 -2.11 -11.75 19.00
C SER C 411 -0.68 -11.95 18.51
N LYS C 412 -0.51 -12.81 17.50
CA LYS C 412 0.81 -13.07 16.92
C LYS C 412 1.37 -11.74 16.44
N ILE C 413 0.52 -10.90 15.90
CA ILE C 413 0.96 -9.60 15.41
C ILE C 413 1.60 -8.90 16.59
N ASP C 414 0.86 -8.80 17.70
CA ASP C 414 1.39 -8.16 18.90
C ASP C 414 2.70 -8.78 19.33
N SER C 415 2.73 -10.11 19.32
CA SER C 415 3.92 -10.84 19.72
C SER C 415 5.13 -10.44 18.90
N ARG C 416 4.94 -10.30 17.59
CA ARG C 416 6.02 -9.93 16.71
C ARG C 416 6.51 -8.52 16.97
N THR C 417 5.59 -7.65 17.36
CA THR C 417 5.93 -6.27 17.65
C THR C 417 6.99 -6.14 18.74
N ILE C 418 6.86 -6.97 19.77
CA ILE C 418 7.77 -6.95 20.89
C ILE C 418 8.90 -8.00 20.77
N LEU C 419 8.62 -9.18 20.25
CA LEU C 419 9.67 -10.21 20.14
C LEU C 419 10.24 -10.41 18.75
N ASP C 420 9.61 -9.79 17.74
CA ASP C 420 10.03 -9.90 16.35
C ASP C 420 9.89 -11.39 16.07
N GLN C 421 8.80 -11.97 16.56
CA GLN C 421 8.60 -13.41 16.45
C GLN C 421 7.27 -13.77 17.11
N GLY C 422 6.54 -14.75 16.56
CA GLY C 422 5.28 -15.12 17.17
C GLY C 422 5.49 -15.96 18.43
N GLY C 423 4.45 -16.13 19.23
CA GLY C 423 4.60 -16.95 20.42
C GLY C 423 4.00 -16.42 21.71
N ALA C 424 4.28 -15.16 22.03
CA ALA C 424 3.77 -14.56 23.26
C ALA C 424 2.25 -14.65 23.37
N GLU C 425 1.57 -14.87 22.25
CA GLU C 425 0.12 -14.98 22.26
C GLU C 425 -0.31 -16.32 22.86
N GLN C 426 0.62 -17.26 22.84
CA GLN C 426 0.40 -18.60 23.37
C GLN C 426 0.69 -18.72 24.87
N LEU C 427 1.11 -17.62 25.50
CA LEU C 427 1.42 -17.63 26.91
C LEU C 427 0.15 -17.78 27.74
N LEU C 428 0.30 -18.26 28.97
CA LEU C 428 -0.86 -18.53 29.84
C LEU C 428 -1.32 -17.43 30.77
N GLY C 429 -0.71 -16.26 30.73
CA GLY C 429 -1.09 -15.20 31.63
C GLY C 429 -0.46 -15.43 33.00
N HIS C 430 -0.82 -14.60 33.96
CA HIS C 430 -0.30 -14.72 35.32
C HIS C 430 1.20 -14.92 35.40
N GLY C 431 1.96 -14.06 34.74
CA GLY C 431 3.40 -14.16 34.80
C GLY C 431 4.12 -15.06 33.81
N ASP C 432 3.38 -15.76 32.97
CA ASP C 432 4.01 -16.63 31.99
C ASP C 432 4.62 -15.64 30.96
N MET C 433 5.90 -15.81 30.66
CA MET C 433 6.57 -14.92 29.72
C MET C 433 7.60 -15.60 28.81
N LEU C 434 8.01 -14.86 27.80
CA LEU C 434 9.01 -15.30 26.85
C LEU C 434 10.11 -14.27 26.98
N TYR C 435 11.28 -14.72 27.44
CA TYR C 435 12.45 -13.87 27.63
C TYR C 435 13.39 -14.04 26.44
N LEU C 436 13.67 -12.94 25.75
CA LEU C 436 14.51 -12.99 24.58
C LEU C 436 15.77 -12.16 24.68
N PRO C 437 16.88 -12.77 25.13
CA PRO C 437 18.14 -12.05 25.24
C PRO C 437 18.69 -11.77 23.83
N PRO C 438 19.70 -10.90 23.72
CA PRO C 438 20.27 -10.57 22.43
C PRO C 438 20.88 -11.70 21.59
N GLY C 439 20.80 -11.52 20.28
CA GLY C 439 21.35 -12.48 19.34
C GLY C 439 20.37 -13.54 18.90
N THR C 440 20.85 -14.45 18.06
CA THR C 440 20.03 -15.56 17.59
C THR C 440 19.70 -16.32 18.87
N GLY C 441 18.93 -17.39 18.75
CA GLY C 441 18.61 -18.12 19.95
C GLY C 441 17.14 -17.98 20.23
N LEU C 442 16.51 -19.10 20.54
CA LEU C 442 15.10 -19.14 20.82
C LEU C 442 14.79 -18.50 22.16
N PRO C 443 13.69 -17.75 22.25
CA PRO C 443 13.36 -17.12 23.53
C PRO C 443 13.24 -18.16 24.63
N ILE C 444 13.53 -17.75 25.87
CA ILE C 444 13.45 -18.65 27.01
C ILE C 444 12.11 -18.45 27.72
N ARG C 445 11.30 -19.48 27.80
CA ARG C 445 10.04 -19.37 28.50
C ARG C 445 10.30 -19.33 30.01
N VAL C 446 9.67 -18.37 30.68
CA VAL C 446 9.87 -18.21 32.10
C VAL C 446 8.55 -17.96 32.80
N HIS C 447 8.35 -18.66 33.91
CA HIS C 447 7.15 -18.50 34.70
C HIS C 447 7.48 -17.51 35.78
N GLY C 448 7.05 -16.27 35.55
CA GLY C 448 7.33 -15.20 36.49
C GLY C 448 6.97 -15.51 37.92
N ALA C 449 7.80 -15.03 38.83
CA ALA C 449 7.58 -15.22 40.25
C ALA C 449 6.51 -14.26 40.67
N PHE C 450 5.72 -14.67 41.66
CA PHE C 450 4.66 -13.83 42.15
C PHE C 450 5.13 -13.02 43.36
N VAL C 451 4.86 -11.71 43.33
CA VAL C 451 5.23 -10.86 44.43
C VAL C 451 4.01 -10.00 44.75
N SER C 452 3.53 -10.14 45.98
CA SER C 452 2.35 -9.44 46.45
C SER C 452 2.61 -7.99 46.78
N ASP C 453 1.55 -7.22 46.85
CA ASP C 453 1.67 -5.80 47.17
C ASP C 453 2.19 -5.66 48.58
N ASP C 454 1.99 -6.69 49.38
CA ASP C 454 2.47 -6.68 50.76
C ASP C 454 3.96 -6.85 50.77
N GLU C 455 4.46 -7.87 50.07
CA GLU C 455 5.88 -8.08 49.99
C GLU C 455 6.58 -6.81 49.51
N VAL C 456 5.96 -6.11 48.56
CA VAL C 456 6.55 -4.87 48.04
C VAL C 456 6.48 -3.79 49.11
N HIS C 457 5.28 -3.54 49.61
CA HIS C 457 5.06 -2.56 50.66
C HIS C 457 6.07 -2.77 51.81
N ARG C 458 6.32 -4.04 52.12
CA ARG C 458 7.24 -4.41 53.19
C ARG C 458 8.66 -3.98 52.87
N VAL C 459 9.17 -4.38 51.70
CA VAL C 459 10.52 -4.04 51.30
C VAL C 459 10.71 -2.52 51.19
N VAL C 460 9.66 -1.81 50.82
CA VAL C 460 9.76 -0.36 50.72
C VAL C 460 10.00 0.23 52.09
N GLU C 461 9.12 -0.10 53.04
CA GLU C 461 9.26 0.39 54.42
C GLU C 461 10.62 0.05 54.99
N ALA C 462 11.11 -1.17 54.68
CA ALA C 462 12.40 -1.62 55.15
C ALA C 462 13.49 -0.65 54.69
N TRP C 463 13.37 -0.17 53.46
CA TRP C 463 14.35 0.75 52.91
C TRP C 463 14.14 2.16 53.37
N LYS C 464 12.88 2.55 53.58
CA LYS C 464 12.59 3.90 54.05
C LYS C 464 13.16 4.08 55.44
N LEU C 465 13.32 2.98 56.17
CA LEU C 465 13.89 3.04 57.49
C LEU C 465 15.39 3.22 57.37
N ARG C 466 16.01 2.46 56.49
CA ARG C 466 17.45 2.53 56.28
C ARG C 466 17.95 3.85 55.70
N GLY C 467 17.07 4.79 55.40
CA GLY C 467 17.52 6.05 54.84
C GLY C 467 16.44 6.90 54.21
N ALA C 468 16.66 8.20 54.16
CA ALA C 468 15.70 9.13 53.57
C ALA C 468 16.01 9.38 52.10
N PRO C 469 15.01 9.87 51.35
CA PRO C 469 15.15 10.16 49.91
C PRO C 469 16.10 11.31 49.60
N ASP C 470 17.20 10.98 48.92
CA ASP C 470 18.18 11.99 48.55
C ASP C 470 17.95 12.51 47.13
N TYR C 471 16.93 13.34 46.95
CA TYR C 471 16.60 13.88 45.63
C TYR C 471 17.56 14.94 45.06
N ILE C 472 17.52 15.11 43.74
CA ILE C 472 18.33 16.12 43.03
C ILE C 472 17.29 16.90 42.23
N GLU C 473 16.52 17.75 42.93
CA GLU C 473 15.45 18.54 42.29
C GLU C 473 15.83 19.06 40.89
N ASP C 474 17.13 19.16 40.67
CA ASP C 474 17.71 19.61 39.41
C ASP C 474 17.16 18.77 38.23
N ILE C 475 17.10 17.45 38.44
CA ILE C 475 16.66 16.49 37.44
C ILE C 475 15.29 16.67 36.79
N LEU C 476 14.25 16.94 37.58
CA LEU C 476 12.92 17.12 37.00
C LEU C 476 12.67 18.48 36.38
N ALA C 477 13.63 19.39 36.52
CA ALA C 477 13.50 20.73 35.96
C ALA C 477 14.61 21.00 34.96
N LEU D 70 -35.11 8.74 46.26
CA LEU D 70 -34.54 7.88 45.15
C LEU D 70 -35.65 7.09 44.44
N PRO D 71 -35.93 7.38 43.16
CA PRO D 71 -36.99 6.69 42.38
C PRO D 71 -37.06 5.19 42.52
N PRO D 72 -38.28 4.66 42.63
CA PRO D 72 -38.62 3.25 42.79
C PRO D 72 -38.61 2.41 41.53
N LEU D 73 -38.14 1.18 41.65
CA LEU D 73 -38.10 0.27 40.51
C LEU D 73 -39.51 -0.05 40.04
N SER D 74 -40.49 0.49 40.76
CA SER D 74 -41.90 0.30 40.45
C SER D 74 -42.27 1.04 39.16
N LEU D 75 -41.43 1.96 38.75
CA LEU D 75 -41.69 2.74 37.56
C LEU D 75 -41.47 1.94 36.31
N LEU D 76 -40.85 0.79 36.44
CA LEU D 76 -40.55 -0.07 35.31
C LEU D 76 -41.63 -1.10 34.98
N ASP D 77 -41.91 -1.26 33.69
CA ASP D 77 -42.91 -2.22 33.25
C ASP D 77 -42.51 -3.58 33.81
N PRO D 78 -43.49 -4.44 34.10
CA PRO D 78 -43.28 -5.78 34.66
C PRO D 78 -42.81 -6.81 33.63
N ALA D 79 -42.19 -7.87 34.13
CA ALA D 79 -41.71 -8.94 33.26
C ALA D 79 -42.90 -9.65 32.64
N GLU D 80 -43.01 -9.57 31.31
CA GLU D 80 -44.11 -10.20 30.58
C GLU D 80 -44.09 -11.71 30.77
N VAL D 81 -45.26 -12.36 30.64
CA VAL D 81 -45.36 -13.81 30.82
C VAL D 81 -44.30 -14.60 30.04
N LYS D 82 -43.34 -15.15 30.76
CA LYS D 82 -42.26 -15.92 30.14
C LYS D 82 -42.73 -17.26 29.60
N GLN D 83 -43.41 -17.23 28.45
CA GLN D 83 -43.90 -18.46 27.86
C GLN D 83 -42.73 -19.13 27.13
N LYS D 84 -41.84 -19.72 27.92
CA LYS D 84 -40.65 -20.39 27.41
C LYS D 84 -40.85 -21.91 27.36
N SER D 85 -39.88 -22.64 27.93
CA SER D 85 -39.87 -24.09 27.99
C SER D 85 -39.98 -24.80 26.64
N TYR D 86 -38.91 -25.53 26.31
CA TYR D 86 -38.85 -26.29 25.07
C TYR D 86 -38.83 -27.75 25.51
N SER D 87 -39.90 -28.48 25.24
CA SER D 87 -40.00 -29.88 25.65
C SER D 87 -38.72 -30.67 25.38
N PRO D 88 -38.30 -31.51 26.34
CA PRO D 88 -37.09 -32.31 26.20
C PRO D 88 -37.00 -32.97 24.83
N GLU D 89 -38.16 -33.21 24.25
CA GLU D 89 -38.25 -33.83 22.94
C GLU D 89 -37.89 -32.83 21.83
N SER D 90 -38.39 -31.60 21.94
CA SER D 90 -38.09 -30.57 20.95
C SER D 90 -36.60 -30.36 20.87
N LEU D 91 -35.99 -30.14 22.02
CA LEU D 91 -34.56 -29.92 22.10
C LEU D 91 -33.82 -31.10 21.50
N GLU D 92 -34.30 -32.31 21.80
CA GLU D 92 -33.65 -33.50 21.28
C GLU D 92 -33.83 -33.63 19.78
N ALA D 93 -34.90 -33.07 19.25
CA ALA D 93 -35.16 -33.10 17.82
C ALA D 93 -34.18 -32.19 17.11
N MET D 94 -34.08 -30.95 17.60
CA MET D 94 -33.16 -29.99 17.03
C MET D 94 -31.72 -30.54 17.07
N SER D 95 -31.39 -31.21 18.17
CA SER D 95 -30.06 -31.80 18.35
C SER D 95 -29.71 -32.73 17.18
N ARG D 96 -30.63 -33.60 16.82
CA ARG D 96 -30.39 -34.54 15.73
C ARG D 96 -30.37 -33.80 14.41
N LEU D 97 -31.21 -32.78 14.30
CA LEU D 97 -31.26 -31.98 13.08
C LEU D 97 -29.88 -31.37 12.87
N LEU D 98 -29.35 -30.75 13.92
CA LEU D 98 -28.04 -30.13 13.86
C LEU D 98 -27.06 -31.18 13.35
N GLU D 99 -27.00 -32.31 14.05
CA GLU D 99 -26.10 -33.38 13.68
C GLU D 99 -26.25 -33.73 12.20
N ILE D 100 -27.47 -33.94 11.76
CA ILE D 100 -27.75 -34.29 10.36
C ILE D 100 -27.23 -33.29 9.35
N LYS D 101 -27.59 -32.02 9.55
CA LYS D 101 -27.20 -30.96 8.64
C LYS D 101 -25.69 -30.78 8.53
N LEU D 102 -24.98 -30.86 9.66
CA LEU D 102 -23.52 -30.72 9.64
C LEU D 102 -22.95 -31.90 8.87
N LYS D 103 -23.59 -33.04 9.05
CA LYS D 103 -23.20 -34.27 8.38
C LYS D 103 -23.43 -34.13 6.88
N GLU D 104 -24.55 -33.52 6.49
CA GLU D 104 -24.83 -33.32 5.08
C GLU D 104 -23.69 -32.53 4.46
N PHE D 105 -23.10 -31.63 5.24
CA PHE D 105 -21.93 -30.89 4.78
C PHE D 105 -20.74 -31.76 5.22
N GLY D 106 -19.55 -31.24 5.12
CA GLY D 106 -18.42 -32.08 5.51
C GLY D 106 -18.41 -32.77 6.89
N VAL D 107 -18.54 -31.98 7.95
CA VAL D 107 -18.41 -32.46 9.32
C VAL D 107 -19.38 -33.42 10.00
N GLU D 108 -18.79 -34.30 10.78
CA GLU D 108 -19.51 -35.28 11.55
C GLU D 108 -19.31 -34.93 13.01
N VAL D 109 -20.40 -34.59 13.68
CA VAL D 109 -20.32 -34.20 15.08
C VAL D 109 -21.52 -34.74 15.84
N SER D 110 -21.48 -34.65 17.17
CA SER D 110 -22.62 -35.12 17.94
C SER D 110 -22.90 -34.20 19.13
N VAL D 111 -24.17 -33.87 19.35
CA VAL D 111 -24.54 -32.99 20.45
C VAL D 111 -24.19 -33.62 21.78
N ASP D 112 -23.53 -32.84 22.63
CA ASP D 112 -23.09 -33.28 23.92
C ASP D 112 -24.02 -32.79 25.03
N SER D 113 -24.65 -31.66 24.78
CA SER D 113 -25.57 -31.05 25.73
C SER D 113 -26.27 -29.87 25.10
N VAL D 114 -27.46 -29.56 25.62
CA VAL D 114 -28.23 -28.43 25.12
C VAL D 114 -28.55 -27.47 26.26
N HIS D 115 -28.40 -26.18 25.99
CA HIS D 115 -28.65 -25.14 26.99
C HIS D 115 -29.53 -24.06 26.40
N PRO D 116 -30.86 -24.17 26.60
CA PRO D 116 -31.79 -23.17 26.07
C PRO D 116 -31.74 -21.85 26.86
N GLY D 117 -32.06 -20.76 26.18
CA GLY D 117 -32.06 -19.46 26.82
C GLY D 117 -33.15 -18.56 26.29
N PRO D 118 -33.19 -17.28 26.71
CA PRO D 118 -34.21 -16.33 26.28
C PRO D 118 -34.21 -16.04 24.78
N VAL D 119 -33.02 -15.83 24.23
CA VAL D 119 -32.90 -15.50 22.82
C VAL D 119 -32.36 -16.61 21.95
N ILE D 120 -31.37 -17.35 22.44
CA ILE D 120 -30.84 -18.45 21.65
C ILE D 120 -30.67 -19.72 22.52
N THR D 121 -30.29 -20.81 21.87
CA THR D 121 -30.05 -22.05 22.58
C THR D 121 -28.68 -22.54 22.15
N ARG D 122 -27.81 -22.85 23.10
CA ARG D 122 -26.48 -23.31 22.78
C ARG D 122 -26.42 -24.83 22.79
N PHE D 123 -25.88 -25.38 21.71
CA PHE D 123 -25.73 -26.82 21.59
C PHE D 123 -24.25 -27.10 21.63
N GLU D 124 -23.76 -27.62 22.75
CA GLU D 124 -22.35 -27.96 22.84
C GLU D 124 -22.19 -29.27 22.09
N ILE D 125 -21.46 -29.25 20.98
CA ILE D 125 -21.27 -30.46 20.19
C ILE D 125 -19.84 -30.96 20.35
N GLN D 126 -19.67 -32.26 20.17
CA GLN D 126 -18.36 -32.89 20.27
C GLN D 126 -17.95 -33.32 18.85
N PRO D 127 -16.96 -32.62 18.27
CA PRO D 127 -16.48 -32.93 16.92
C PRO D 127 -15.85 -34.32 16.86
N ALA D 128 -16.06 -35.00 15.74
CA ALA D 128 -15.48 -36.33 15.52
C ALA D 128 -13.94 -36.27 15.50
N ALA D 129 -13.29 -37.43 15.52
CA ALA D 129 -11.83 -37.45 15.51
C ALA D 129 -11.29 -36.78 14.25
N GLY D 130 -10.30 -35.91 14.45
CA GLY D 130 -9.69 -35.25 13.32
C GLY D 130 -10.37 -34.04 12.70
N VAL D 131 -11.60 -33.72 13.09
CA VAL D 131 -12.23 -32.55 12.47
C VAL D 131 -11.82 -31.29 13.21
N LYS D 132 -11.42 -30.27 12.43
CA LYS D 132 -10.96 -28.98 12.96
C LYS D 132 -12.09 -27.94 13.09
N VAL D 133 -12.11 -27.21 14.21
CA VAL D 133 -13.14 -26.22 14.46
C VAL D 133 -13.39 -25.30 13.27
N SER D 134 -12.33 -24.87 12.60
CA SER D 134 -12.47 -23.96 11.44
C SER D 134 -13.50 -24.46 10.45
N ARG D 135 -13.53 -25.77 10.24
CA ARG D 135 -14.50 -26.34 9.31
C ARG D 135 -15.92 -26.01 9.76
N ILE D 136 -16.19 -26.12 11.07
CA ILE D 136 -17.52 -25.80 11.60
C ILE D 136 -17.82 -24.30 11.39
N SER D 137 -16.93 -23.43 11.89
CA SER D 137 -17.08 -21.99 11.76
C SER D 137 -17.33 -21.59 10.32
N ASN D 138 -16.54 -22.17 9.44
CA ASN D 138 -16.63 -21.85 8.03
C ASN D 138 -17.97 -22.06 7.38
N LEU D 139 -18.79 -22.94 7.91
CA LEU D 139 -20.08 -23.05 7.26
C LEU D 139 -21.24 -22.71 8.18
N ALA D 140 -21.08 -21.58 8.87
CA ALA D 140 -22.11 -21.08 9.75
C ALA D 140 -23.18 -20.44 8.86
N LYS D 141 -22.76 -19.88 7.74
CA LYS D 141 -23.70 -19.25 6.84
C LYS D 141 -24.65 -20.25 6.25
N ASP D 142 -24.09 -21.35 5.76
CA ASP D 142 -24.88 -22.40 5.16
C ASP D 142 -25.69 -23.19 6.18
N LEU D 143 -25.07 -23.53 7.31
CA LEU D 143 -25.77 -24.25 8.35
C LEU D 143 -27.01 -23.47 8.78
N ALA D 144 -26.84 -22.16 8.91
CA ALA D 144 -27.95 -21.28 9.30
C ALA D 144 -29.11 -21.43 8.31
N ARG D 145 -28.77 -21.39 7.02
CA ARG D 145 -29.81 -21.52 6.01
C ARG D 145 -30.45 -22.88 6.09
N SER D 146 -29.66 -23.94 6.21
CA SER D 146 -30.23 -25.28 6.28
C SER D 146 -31.13 -25.40 7.49
N LEU D 147 -30.90 -24.58 8.50
CA LEU D 147 -31.73 -24.63 9.71
C LEU D 147 -32.83 -23.57 9.67
N ALA D 148 -32.89 -22.80 8.59
CA ALA D 148 -33.91 -21.76 8.47
C ALA D 148 -33.87 -20.72 9.59
N VAL D 149 -32.67 -20.42 10.08
CA VAL D 149 -32.50 -19.41 11.12
C VAL D 149 -31.65 -18.34 10.46
N ILE D 150 -31.85 -17.09 10.85
CA ILE D 150 -31.13 -15.96 10.24
C ILE D 150 -29.60 -16.03 10.32
N SER D 151 -29.10 -16.66 11.38
CA SER D 151 -27.66 -16.79 11.56
C SER D 151 -27.39 -17.76 12.70
N VAL D 152 -26.16 -18.20 12.82
CA VAL D 152 -25.81 -19.11 13.89
C VAL D 152 -24.42 -18.68 14.37
N ARG D 153 -24.17 -18.81 15.67
CA ARG D 153 -22.90 -18.38 16.22
C ARG D 153 -22.08 -19.54 16.70
N VAL D 154 -20.90 -19.72 16.11
CA VAL D 154 -20.01 -20.81 16.50
C VAL D 154 -18.98 -20.37 17.55
N VAL D 155 -19.08 -20.94 18.75
CA VAL D 155 -18.17 -20.63 19.83
C VAL D 155 -17.10 -21.69 19.81
N GLU D 156 -15.96 -21.38 19.19
CA GLU D 156 -14.84 -22.29 19.03
C GLU D 156 -14.22 -22.87 20.29
N VAL D 157 -14.42 -22.23 21.43
CA VAL D 157 -13.84 -22.78 22.66
C VAL D 157 -14.73 -22.61 23.88
N ILE D 158 -14.92 -23.73 24.56
CA ILE D 158 -15.72 -23.79 25.77
C ILE D 158 -14.79 -24.24 26.88
N PRO D 159 -14.32 -23.31 27.71
CA PRO D 159 -13.40 -23.54 28.83
C PRO D 159 -13.55 -24.88 29.55
N GLY D 160 -12.44 -25.60 29.65
CA GLY D 160 -12.45 -26.88 30.33
C GLY D 160 -12.95 -28.08 29.56
N LYS D 161 -13.91 -27.86 28.65
CA LYS D 161 -14.46 -28.95 27.87
C LYS D 161 -13.74 -29.08 26.54
N THR D 162 -13.96 -30.20 25.86
CA THR D 162 -13.35 -30.43 24.56
C THR D 162 -14.37 -30.22 23.47
N THR D 163 -15.51 -29.67 23.86
CA THR D 163 -16.59 -29.42 22.93
C THR D 163 -16.55 -28.03 22.32
N VAL D 164 -17.35 -27.85 21.28
CA VAL D 164 -17.48 -26.59 20.59
C VAL D 164 -18.94 -26.23 20.78
N GLY D 165 -19.27 -24.96 20.65
CA GLY D 165 -20.66 -24.55 20.83
C GLY D 165 -21.29 -23.89 19.63
N ILE D 166 -22.57 -24.16 19.45
CA ILE D 166 -23.34 -23.58 18.36
C ILE D 166 -24.61 -22.97 18.95
N GLU D 167 -24.71 -21.66 18.85
CA GLU D 167 -25.83 -20.91 19.38
C GLU D 167 -26.84 -20.59 18.29
N ILE D 168 -27.99 -21.26 18.36
CA ILE D 168 -29.05 -21.10 17.38
C ILE D 168 -30.18 -20.20 17.92
N PRO D 169 -30.68 -19.29 17.08
CA PRO D 169 -31.76 -18.38 17.48
C PRO D 169 -33.06 -19.14 17.71
N ASN D 170 -33.69 -18.94 18.87
CA ASN D 170 -34.96 -19.60 19.20
C ASN D 170 -36.02 -19.05 18.26
N GLU D 171 -37.01 -19.87 17.93
CA GLU D 171 -38.07 -19.42 17.02
C GLU D 171 -38.81 -18.24 17.61
N ASP D 172 -39.06 -18.31 18.91
CA ASP D 172 -39.74 -17.24 19.60
C ASP D 172 -38.81 -16.64 20.62
N ARG D 173 -38.25 -15.48 20.29
CA ARG D 173 -37.35 -14.81 21.20
C ARG D 173 -38.18 -14.21 22.31
N GLN D 174 -37.89 -14.56 23.55
CA GLN D 174 -38.65 -13.97 24.62
C GLN D 174 -37.86 -12.76 25.06
N MET D 175 -38.56 -11.66 25.25
CA MET D 175 -37.97 -10.40 25.63
C MET D 175 -37.38 -10.33 27.04
N VAL D 176 -36.47 -9.40 27.24
CA VAL D 176 -35.85 -9.20 28.53
C VAL D 176 -36.24 -7.80 28.96
N ARG D 177 -36.99 -7.68 30.06
CA ARG D 177 -37.42 -6.37 30.54
C ARG D 177 -36.41 -5.82 31.51
N PHE D 178 -36.14 -4.52 31.42
CA PHE D 178 -35.18 -3.91 32.30
C PHE D 178 -35.45 -4.26 33.75
N SER D 179 -36.72 -4.19 34.16
CA SER D 179 -37.07 -4.49 35.56
C SER D 179 -36.63 -5.89 35.96
N GLU D 180 -36.61 -6.77 34.97
CA GLU D 180 -36.25 -8.16 35.13
C GLU D 180 -34.75 -8.32 35.39
N VAL D 181 -34.00 -7.25 35.15
CA VAL D 181 -32.56 -7.26 35.35
C VAL D 181 -32.17 -6.56 36.62
N LEU D 182 -32.71 -5.37 36.84
CA LEU D 182 -32.37 -4.60 38.03
C LEU D 182 -32.90 -5.28 39.28
N SER D 183 -33.78 -6.26 39.11
CA SER D 183 -34.37 -6.97 40.23
C SER D 183 -33.40 -7.92 40.86
N SER D 184 -32.38 -8.29 40.10
CA SER D 184 -31.36 -9.21 40.58
C SER D 184 -30.65 -8.73 41.83
N PRO D 185 -30.10 -9.65 42.63
CA PRO D 185 -29.38 -9.29 43.83
C PRO D 185 -28.05 -8.66 43.53
N GLU D 186 -27.48 -8.99 42.37
CA GLU D 186 -26.19 -8.43 41.98
C GLU D 186 -26.30 -6.92 41.82
N TYR D 187 -27.39 -6.45 41.21
CA TYR D 187 -27.61 -5.02 41.02
C TYR D 187 -28.04 -4.35 42.29
N ASP D 188 -28.89 -5.03 43.04
CA ASP D 188 -29.42 -4.53 44.28
C ASP D 188 -28.34 -4.25 45.31
N GLU D 189 -27.44 -5.21 45.51
CA GLU D 189 -26.38 -5.08 46.49
C GLU D 189 -25.14 -4.44 45.92
N HIS D 190 -25.20 -3.99 44.68
CA HIS D 190 -24.01 -3.40 44.06
C HIS D 190 -23.60 -2.16 44.80
N LYS D 191 -22.30 -2.09 45.10
CA LYS D 191 -21.75 -0.98 45.87
C LYS D 191 -21.22 0.22 45.06
N SER D 192 -21.19 0.11 43.74
CA SER D 192 -20.70 1.19 42.89
C SER D 192 -21.73 2.30 42.66
N THR D 193 -21.24 3.50 42.39
CA THR D 193 -22.13 4.62 42.14
C THR D 193 -22.58 4.56 40.69
N VAL D 194 -21.82 3.81 39.89
CA VAL D 194 -22.14 3.69 38.50
C VAL D 194 -22.20 2.27 37.96
N PRO D 195 -23.15 1.46 38.44
CA PRO D 195 -23.26 0.10 37.95
C PRO D 195 -24.00 0.09 36.62
N LEU D 196 -23.72 -0.88 35.77
CA LEU D 196 -24.38 -0.97 34.48
C LEU D 196 -24.99 -2.35 34.31
N ALA D 197 -26.31 -2.41 34.30
CA ALA D 197 -27.02 -3.66 34.13
C ALA D 197 -27.20 -3.80 32.62
N LEU D 198 -26.46 -4.72 32.01
CA LEU D 198 -26.52 -4.90 30.58
C LEU D 198 -27.70 -5.71 30.07
N GLY D 199 -28.00 -6.81 30.73
CA GLY D 199 -29.11 -7.66 30.32
C GLY D 199 -28.95 -9.05 30.87
N HIS D 200 -29.30 -10.05 30.07
CA HIS D 200 -29.17 -11.45 30.48
C HIS D 200 -28.15 -12.17 29.60
N ASP D 201 -27.43 -13.14 30.16
CA ASP D 201 -26.47 -13.90 29.35
C ASP D 201 -27.25 -14.92 28.52
N ILE D 202 -26.57 -15.72 27.70
CA ILE D 202 -27.29 -16.67 26.86
C ILE D 202 -28.11 -17.65 27.65
N GLY D 203 -27.88 -17.70 28.96
CA GLY D 203 -28.61 -18.61 29.80
C GLY D 203 -29.70 -17.96 30.65
N GLY D 204 -29.96 -16.68 30.43
CA GLY D 204 -30.98 -15.98 31.19
C GLY D 204 -30.52 -15.32 32.48
N ARG D 205 -29.25 -15.46 32.83
CA ARG D 205 -28.73 -14.85 34.06
C ARG D 205 -28.37 -13.37 33.86
N PRO D 206 -28.60 -12.54 34.89
CA PRO D 206 -28.29 -11.11 34.80
C PRO D 206 -26.81 -10.75 34.79
N ILE D 207 -26.44 -9.86 33.89
CA ILE D 207 -25.07 -9.37 33.77
C ILE D 207 -24.99 -7.92 34.27
N ILE D 208 -24.44 -7.75 35.46
CA ILE D 208 -24.30 -6.44 36.07
C ILE D 208 -22.82 -6.12 36.13
N THR D 209 -22.45 -4.94 35.64
CA THR D 209 -21.05 -4.51 35.60
C THR D 209 -20.80 -3.21 36.36
N ASP D 210 -19.54 -2.78 36.45
CA ASP D 210 -19.18 -1.55 37.15
C ASP D 210 -18.39 -0.60 36.23
N LEU D 211 -19.04 0.46 35.79
CA LEU D 211 -18.39 1.42 34.89
C LEU D 211 -17.08 1.89 35.48
N ALA D 212 -17.10 2.14 36.79
CA ALA D 212 -15.91 2.61 37.47
C ALA D 212 -14.73 1.64 37.39
N LYS D 213 -14.99 0.39 37.04
CA LYS D 213 -13.92 -0.59 36.94
C LYS D 213 -13.51 -0.87 35.48
N MET D 214 -14.23 -0.30 34.52
CA MET D 214 -13.94 -0.53 33.12
C MET D 214 -12.63 0.02 32.56
N PRO D 215 -12.30 1.30 32.83
CA PRO D 215 -13.02 2.32 33.60
C PRO D 215 -13.65 3.30 32.62
N HIS D 216 -13.66 2.90 31.36
CA HIS D 216 -14.23 3.72 30.30
C HIS D 216 -14.88 2.71 29.36
N LEU D 217 -15.84 3.16 28.58
CA LEU D 217 -16.55 2.26 27.69
C LEU D 217 -16.77 2.76 26.27
N LEU D 218 -16.51 1.88 25.31
CA LEU D 218 -16.71 2.16 23.89
C LEU D 218 -17.91 1.32 23.46
N VAL D 219 -18.89 1.95 22.84
CA VAL D 219 -20.08 1.25 22.39
C VAL D 219 -20.33 1.46 20.89
N ALA D 220 -20.49 0.37 20.16
CA ALA D 220 -20.74 0.47 18.73
C ALA D 220 -21.91 -0.42 18.29
N GLY D 221 -22.64 0.04 17.27
CA GLY D 221 -23.75 -0.73 16.73
C GLY D 221 -24.45 0.02 15.61
N THR D 222 -24.68 -0.62 14.46
CA THR D 222 -25.37 0.10 13.36
C THR D 222 -26.81 0.31 13.71
N THR D 223 -27.48 1.17 12.95
CA THR D 223 -28.87 1.47 13.22
C THR D 223 -29.66 0.15 13.19
N GLY D 224 -30.50 -0.03 14.20
CA GLY D 224 -31.32 -1.22 14.32
C GLY D 224 -30.76 -2.27 15.26
N SER D 225 -29.54 -2.06 15.73
CA SER D 225 -28.92 -3.04 16.63
C SER D 225 -29.42 -2.97 18.06
N GLY D 226 -29.95 -1.81 18.44
CA GLY D 226 -30.46 -1.64 19.79
C GLY D 226 -29.49 -0.91 20.71
N LYS D 227 -28.61 -0.13 20.10
CA LYS D 227 -27.60 0.65 20.81
C LYS D 227 -28.20 1.78 21.63
N SER D 228 -29.15 2.50 21.07
CA SER D 228 -29.77 3.60 21.78
C SER D 228 -30.46 3.13 23.04
N VAL D 229 -31.22 2.05 22.93
CA VAL D 229 -31.93 1.48 24.07
C VAL D 229 -30.91 1.04 25.11
N GLY D 230 -29.82 0.44 24.65
CA GLY D 230 -28.78 -0.03 25.53
C GLY D 230 -28.11 1.08 26.31
N VAL D 231 -28.01 2.25 25.69
CA VAL D 231 -27.39 3.37 26.34
C VAL D 231 -28.38 3.85 27.42
N ASN D 232 -29.67 3.84 27.09
CA ASN D 232 -30.68 4.24 28.05
C ASN D 232 -30.68 3.28 29.23
N ALA D 233 -30.41 2.02 28.94
CA ALA D 233 -30.36 1.03 30.00
C ALA D 233 -29.18 1.37 30.90
N MET D 234 -28.10 1.83 30.29
CA MET D 234 -26.91 2.20 31.03
C MET D 234 -27.18 3.39 31.93
N LEU D 235 -27.76 4.43 31.37
CA LEU D 235 -28.06 5.63 32.11
C LEU D 235 -29.04 5.36 33.24
N LEU D 236 -30.09 4.60 32.93
CA LEU D 236 -31.09 4.27 33.94
C LEU D 236 -30.49 3.44 35.08
N SER D 237 -29.45 2.67 34.78
CA SER D 237 -28.77 1.86 35.79
C SER D 237 -28.16 2.77 36.84
N ILE D 238 -27.64 3.91 36.39
CA ILE D 238 -27.02 4.89 37.29
C ILE D 238 -28.14 5.58 38.06
N LEU D 239 -29.07 6.15 37.32
CA LEU D 239 -30.18 6.88 37.88
C LEU D 239 -31.03 6.13 38.89
N PHE D 240 -31.01 4.80 38.83
CA PHE D 240 -31.78 4.01 39.78
C PHE D 240 -30.98 3.66 41.03
N LYS D 241 -29.71 4.06 41.07
CA LYS D 241 -28.91 3.74 42.22
C LYS D 241 -28.19 4.89 42.85
N SER D 242 -27.99 5.97 42.11
CA SER D 242 -27.27 7.09 42.66
C SER D 242 -27.97 8.42 42.63
N THR D 243 -27.64 9.26 43.61
CA THR D 243 -28.21 10.59 43.72
C THR D 243 -27.21 11.54 43.09
N PRO D 244 -27.64 12.77 42.78
CA PRO D 244 -26.75 13.76 42.16
C PRO D 244 -25.45 14.03 42.92
N SER D 245 -25.43 13.72 44.21
CA SER D 245 -24.23 13.97 44.99
C SER D 245 -23.27 12.78 44.97
N GLU D 246 -23.69 11.72 44.32
CA GLU D 246 -22.90 10.50 44.21
C GLU D 246 -22.44 10.29 42.77
N ALA D 247 -23.23 10.79 41.83
CA ALA D 247 -22.93 10.66 40.43
C ALA D 247 -23.50 11.83 39.63
N ARG D 248 -22.66 12.44 38.82
CA ARG D 248 -23.05 13.56 37.98
C ARG D 248 -22.84 13.22 36.51
N LEU D 249 -23.57 13.89 35.63
CA LEU D 249 -23.46 13.57 34.23
C LEU D 249 -23.25 14.70 33.28
N ILE D 250 -22.51 14.43 32.21
CA ILE D 250 -22.28 15.38 31.13
C ILE D 250 -22.73 14.59 29.90
N MET D 251 -23.81 15.06 29.27
CA MET D 251 -24.36 14.39 28.11
C MET D 251 -24.16 15.17 26.81
N ILE D 252 -23.42 14.58 25.88
CA ILE D 252 -23.16 15.20 24.59
C ILE D 252 -24.01 14.50 23.55
N ASP D 253 -24.92 15.25 22.94
CA ASP D 253 -25.85 14.70 21.94
C ASP D 253 -25.71 15.42 20.61
N PRO D 254 -24.70 15.06 19.81
CA PRO D 254 -24.49 15.69 18.51
C PRO D 254 -25.74 15.73 17.63
N LYS D 255 -26.71 14.89 17.95
CA LYS D 255 -27.97 14.87 17.20
C LYS D 255 -28.97 15.27 18.29
N MET D 256 -29.57 16.46 18.22
CA MET D 256 -30.51 16.88 19.27
C MET D 256 -31.63 15.86 19.48
N LEU D 257 -31.29 14.60 19.28
CA LEU D 257 -32.21 13.48 19.38
C LEU D 257 -32.21 12.71 20.70
N GLU D 258 -31.52 11.59 20.68
CA GLU D 258 -31.45 10.65 21.78
C GLU D 258 -31.36 11.06 23.23
N LEU D 259 -30.35 11.84 23.61
CA LEU D 259 -30.18 12.22 25.01
C LEU D 259 -30.97 13.40 25.48
N SER D 260 -31.60 14.11 24.55
CA SER D 260 -32.38 15.28 24.90
C SER D 260 -33.59 14.99 25.79
N ILE D 261 -33.91 13.72 25.91
CA ILE D 261 -35.02 13.30 26.72
C ILE D 261 -34.68 13.38 28.21
N TYR D 262 -33.41 13.50 28.55
CA TYR D 262 -32.99 13.58 29.94
C TYR D 262 -32.80 14.99 30.46
N GLU D 263 -33.11 15.97 29.64
CA GLU D 263 -32.93 17.34 30.04
C GLU D 263 -33.56 17.65 31.39
N GLY D 264 -32.81 18.35 32.24
CA GLY D 264 -33.33 18.75 33.52
C GLY D 264 -33.07 17.90 34.75
N ILE D 265 -32.72 16.64 34.59
CA ILE D 265 -32.50 15.83 35.76
C ILE D 265 -31.38 16.49 36.55
N PRO D 266 -31.48 16.47 37.88
CA PRO D 266 -30.50 17.05 38.78
C PRO D 266 -29.06 16.57 38.68
N HIS D 267 -28.84 15.40 38.09
CA HIS D 267 -27.47 14.89 37.96
C HIS D 267 -26.64 15.63 36.91
N LEU D 268 -27.29 16.25 35.93
CA LEU D 268 -26.59 16.96 34.89
C LEU D 268 -25.74 18.13 35.41
N LEU D 269 -24.49 18.19 34.97
CA LEU D 269 -23.56 19.24 35.37
C LEU D 269 -23.80 20.47 34.51
N CYS D 270 -24.48 20.27 33.39
CA CYS D 270 -24.83 21.33 32.48
C CYS D 270 -25.92 20.75 31.61
N PRO D 271 -26.52 21.56 30.74
CA PRO D 271 -27.59 21.09 29.86
C PRO D 271 -27.03 20.05 28.91
N VAL D 272 -27.90 19.26 28.29
CA VAL D 272 -27.45 18.26 27.35
C VAL D 272 -26.79 19.03 26.23
N VAL D 273 -25.48 18.82 26.07
CA VAL D 273 -24.68 19.52 25.07
C VAL D 273 -25.04 19.18 23.63
N THR D 274 -25.48 20.21 22.92
CA THR D 274 -25.90 20.09 21.54
C THR D 274 -24.92 20.73 20.58
N ASP D 275 -24.30 21.83 21.02
CA ASP D 275 -23.30 22.53 20.20
C ASP D 275 -21.98 21.78 20.37
N MET D 276 -21.38 21.34 19.26
CA MET D 276 -20.15 20.60 19.41
C MET D 276 -18.98 21.39 19.94
N LYS D 277 -18.92 22.69 19.65
CA LYS D 277 -17.84 23.51 20.17
C LYS D 277 -17.92 23.51 21.69
N GLU D 278 -19.13 23.58 22.20
CA GLU D 278 -19.35 23.56 23.64
C GLU D 278 -18.97 22.20 24.20
N ALA D 279 -19.26 21.16 23.44
CA ALA D 279 -18.94 19.80 23.84
C ALA D 279 -17.44 19.71 24.06
N ALA D 280 -16.68 20.31 23.14
CA ALA D 280 -15.23 20.29 23.24
C ALA D 280 -14.82 20.89 24.57
N ASN D 281 -15.49 21.99 24.95
CA ASN D 281 -15.20 22.65 26.20
C ASN D 281 -15.54 21.79 27.39
N ALA D 282 -16.62 21.03 27.28
CA ALA D 282 -17.03 20.15 28.37
C ALA D 282 -15.91 19.15 28.59
N LEU D 283 -15.32 18.67 27.49
CA LEU D 283 -14.21 17.72 27.58
C LEU D 283 -13.01 18.41 28.21
N ARG D 284 -12.75 19.63 27.80
CA ARG D 284 -11.64 20.39 28.36
C ARG D 284 -11.90 20.58 29.85
N TRP D 285 -13.12 20.93 30.21
CA TRP D 285 -13.49 21.13 31.61
C TRP D 285 -13.20 19.84 32.38
N SER D 286 -13.57 18.70 31.80
CA SER D 286 -13.34 17.42 32.45
C SER D 286 -11.85 17.17 32.71
N VAL D 287 -10.98 17.54 31.78
CA VAL D 287 -9.56 17.32 31.98
C VAL D 287 -9.11 18.18 33.17
N ALA D 288 -9.63 19.40 33.23
CA ALA D 288 -9.30 20.31 34.32
C ALA D 288 -9.78 19.80 35.68
N GLU D 289 -11.03 19.37 35.72
CA GLU D 289 -11.61 18.86 36.94
C GLU D 289 -10.80 17.64 37.37
N MET D 290 -10.37 16.86 36.38
CA MET D 290 -9.57 15.68 36.66
C MET D 290 -8.28 16.10 37.31
N GLU D 291 -7.58 17.05 36.70
CA GLU D 291 -6.32 17.56 37.22
C GLU D 291 -6.46 18.12 38.62
N ARG D 292 -7.56 18.84 38.86
CA ARG D 292 -7.83 19.43 40.16
C ARG D 292 -8.03 18.35 41.22
N ARG D 293 -8.76 17.29 40.88
CA ARG D 293 -8.99 16.24 41.83
C ARG D 293 -7.67 15.56 42.19
N TYR D 294 -6.84 15.27 41.20
CA TYR D 294 -5.57 14.63 41.50
C TYR D 294 -4.76 15.50 42.45
N ARG D 295 -4.79 16.80 42.22
CA ARG D 295 -4.06 17.74 43.06
C ARG D 295 -4.63 17.66 44.48
N LEU D 296 -5.95 17.63 44.55
CA LEU D 296 -6.64 17.55 45.82
C LEU D 296 -6.20 16.28 46.54
N MET D 297 -6.47 15.13 45.93
CA MET D 297 -6.10 13.86 46.51
C MET D 297 -4.64 13.75 46.94
N ALA D 298 -3.73 14.39 46.22
CA ALA D 298 -2.33 14.33 46.57
C ALA D 298 -2.17 14.95 47.96
N ALA D 299 -2.73 16.14 48.11
CA ALA D 299 -2.68 16.88 49.37
C ALA D 299 -3.31 16.10 50.51
N MET D 300 -4.35 15.35 50.21
CA MET D 300 -5.09 14.55 51.21
C MET D 300 -4.41 13.24 51.55
N GLY D 301 -3.48 12.81 50.72
CA GLY D 301 -2.80 11.54 50.95
C GLY D 301 -3.74 10.40 50.61
N VAL D 302 -4.53 10.60 49.57
CA VAL D 302 -5.50 9.61 49.14
C VAL D 302 -5.18 9.15 47.73
N ARG D 303 -5.50 7.90 47.41
CA ARG D 303 -5.23 7.32 46.09
C ARG D 303 -6.33 7.50 45.05
N ASN D 304 -7.55 7.77 45.48
CA ASN D 304 -8.64 7.92 44.53
C ASN D 304 -9.90 8.53 45.14
N LEU D 305 -10.87 8.84 44.29
CA LEU D 305 -12.11 9.45 44.73
C LEU D 305 -12.71 8.75 45.95
N ALA D 306 -12.67 7.43 45.97
CA ALA D 306 -13.21 6.66 47.08
C ALA D 306 -12.52 7.01 48.38
N GLY D 307 -11.20 6.88 48.39
CA GLY D 307 -10.44 7.20 49.57
C GLY D 307 -10.65 8.65 49.98
N PHE D 308 -10.78 9.52 48.99
CA PHE D 308 -10.99 10.94 49.26
C PHE D 308 -12.27 11.09 50.06
N ASN D 309 -13.34 10.52 49.54
CA ASN D 309 -14.63 10.59 50.19
C ASN D 309 -14.68 9.94 51.57
N ARG D 310 -13.86 8.92 51.84
CA ARG D 310 -13.87 8.31 53.18
C ARG D 310 -13.32 9.37 54.11
N LYS D 311 -12.13 9.85 53.78
CA LYS D 311 -11.44 10.89 54.55
C LYS D 311 -12.39 12.02 54.95
N VAL D 312 -13.10 12.58 53.98
CA VAL D 312 -14.04 13.66 54.20
C VAL D 312 -15.26 13.24 55.00
N LYS D 313 -15.71 12.01 54.79
CA LYS D 313 -16.87 11.52 55.52
C LYS D 313 -16.48 11.31 56.97
N ASP D 314 -15.40 10.58 57.21
CA ASP D 314 -14.93 10.33 58.57
C ASP D 314 -14.83 11.64 59.33
N ALA D 315 -14.20 12.61 58.69
CA ALA D 315 -14.01 13.94 59.26
C ALA D 315 -15.34 14.52 59.75
N GLU D 316 -16.37 14.38 58.93
CA GLU D 316 -17.69 14.88 59.28
C GLU D 316 -18.33 14.09 60.42
N GLU D 317 -18.15 12.77 60.42
CA GLU D 317 -18.71 11.92 61.47
C GLU D 317 -17.96 12.13 62.77
N ALA D 318 -16.79 12.76 62.69
CA ALA D 318 -15.98 13.02 63.88
C ALA D 318 -16.07 14.49 64.22
N GLY D 319 -17.18 15.12 63.86
CA GLY D 319 -17.38 16.54 64.14
C GLY D 319 -16.35 17.53 63.63
N THR D 320 -15.16 17.04 63.24
CA THR D 320 -14.10 17.91 62.75
C THR D 320 -14.00 17.83 61.23
N PRO D 321 -14.90 18.50 60.50
CA PRO D 321 -14.85 18.46 59.03
C PRO D 321 -13.55 18.97 58.44
N LEU D 322 -13.16 18.42 57.30
CA LEU D 322 -11.94 18.82 56.63
C LEU D 322 -12.15 20.09 55.82
N THR D 323 -11.07 20.78 55.54
CA THR D 323 -11.13 22.01 54.77
C THR D 323 -10.22 21.92 53.54
N ASP D 324 -10.64 22.53 52.44
CA ASP D 324 -9.88 22.50 51.19
C ASP D 324 -8.40 22.86 51.37
N PRO D 325 -7.50 21.89 51.19
CA PRO D 325 -6.06 22.09 51.34
C PRO D 325 -5.46 22.87 50.19
N LEU D 326 -6.20 22.98 49.10
CA LEU D 326 -5.72 23.70 47.94
C LEU D 326 -6.18 25.14 47.93
N PHE D 327 -6.65 25.62 49.08
CA PHE D 327 -7.13 26.99 49.17
C PHE D 327 -6.02 28.00 49.40
N ARG D 328 -6.02 29.06 48.61
CA ARG D 328 -5.01 30.09 48.73
C ARG D 328 -5.61 31.42 49.19
N ARG D 329 -5.21 31.86 50.38
CA ARG D 329 -5.71 33.11 50.96
C ARG D 329 -5.29 34.29 50.11
N GLU D 330 -6.22 35.19 49.84
CA GLU D 330 -5.89 36.36 49.06
C GLU D 330 -6.16 37.58 49.91
N SER D 331 -6.83 37.35 51.02
CA SER D 331 -7.19 38.41 51.95
C SER D 331 -7.19 37.82 53.35
N PRO D 332 -6.99 38.64 54.39
CA PRO D 332 -7.00 38.12 55.76
C PRO D 332 -8.38 37.58 56.10
N ASP D 333 -9.37 38.03 55.33
CA ASP D 333 -10.76 37.63 55.51
C ASP D 333 -11.01 36.23 54.97
N ASP D 334 -10.61 36.00 53.73
CA ASP D 334 -10.77 34.70 53.10
C ASP D 334 -10.65 33.56 54.10
N GLU D 335 -11.63 32.66 54.08
CA GLU D 335 -11.61 31.51 54.96
C GLU D 335 -11.70 30.27 54.10
N PRO D 336 -10.89 29.25 54.42
CA PRO D 336 -10.87 28.00 53.67
C PRO D 336 -12.23 27.33 53.60
N PRO D 337 -12.79 27.16 52.39
CA PRO D 337 -14.09 26.50 52.31
C PRO D 337 -13.98 25.07 52.81
N GLN D 338 -15.08 24.53 53.33
CA GLN D 338 -15.10 23.18 53.86
C GLN D 338 -15.28 22.16 52.73
N LEU D 339 -14.60 21.01 52.85
CA LEU D 339 -14.69 19.97 51.85
C LEU D 339 -15.97 19.13 51.95
N SER D 340 -16.53 18.76 50.81
CA SER D 340 -17.71 17.93 50.77
C SER D 340 -17.37 16.80 49.82
N THR D 341 -18.06 15.68 49.95
CA THR D 341 -17.79 14.53 49.09
C THR D 341 -17.98 14.87 47.61
N LEU D 342 -17.12 14.30 46.77
CA LEU D 342 -17.19 14.55 45.33
C LEU D 342 -17.94 13.45 44.61
N PRO D 343 -18.71 13.80 43.57
CA PRO D 343 -19.46 12.80 42.81
C PRO D 343 -18.64 12.11 41.75
N THR D 344 -19.10 10.94 41.33
CA THR D 344 -18.44 10.22 40.26
C THR D 344 -18.98 10.95 39.03
N ILE D 345 -18.11 11.39 38.13
CA ILE D 345 -18.57 12.10 36.94
C ILE D 345 -18.64 11.14 35.77
N VAL D 346 -19.71 11.19 34.99
CA VAL D 346 -19.81 10.31 33.84
C VAL D 346 -20.10 11.16 32.63
N VAL D 347 -19.25 11.02 31.62
CA VAL D 347 -19.42 11.77 30.37
C VAL D 347 -19.87 10.79 29.30
N VAL D 348 -21.06 11.00 28.76
CA VAL D 348 -21.53 10.10 27.70
C VAL D 348 -21.67 10.85 26.40
N VAL D 349 -21.05 10.33 25.35
CA VAL D 349 -21.14 10.96 24.05
C VAL D 349 -21.93 10.01 23.16
N ASP D 350 -23.16 10.40 22.83
CA ASP D 350 -24.05 9.60 22.00
C ASP D 350 -23.49 9.15 20.66
N GLU D 351 -22.91 10.07 19.91
CA GLU D 351 -22.36 9.72 18.60
C GLU D 351 -21.02 10.44 18.44
N PHE D 352 -20.01 9.93 19.14
CA PHE D 352 -18.73 10.58 19.09
C PHE D 352 -18.13 10.71 17.69
N ALA D 353 -18.63 9.96 16.71
CA ALA D 353 -18.08 10.11 15.34
C ALA D 353 -18.55 11.44 14.77
N ASP D 354 -19.74 11.88 15.20
CA ASP D 354 -20.24 13.17 14.76
C ASP D 354 -19.44 14.32 15.41
N MET D 355 -19.09 14.17 16.68
CA MET D 355 -18.34 15.20 17.39
C MET D 355 -16.98 15.37 16.72
N MET D 356 -16.35 14.23 16.43
CA MET D 356 -15.05 14.22 15.76
C MET D 356 -15.17 14.90 14.39
N MET D 357 -16.22 14.57 13.65
CA MET D 357 -16.42 15.15 12.35
C MET D 357 -16.57 16.66 12.39
N ILE D 358 -17.45 17.16 13.26
CA ILE D 358 -17.68 18.58 13.37
C ILE D 358 -16.52 19.36 13.98
N VAL D 359 -15.92 18.84 15.04
CA VAL D 359 -14.87 19.56 15.72
C VAL D 359 -13.44 19.31 15.23
N GLY D 360 -13.05 18.06 15.02
CA GLY D 360 -11.70 17.80 14.55
C GLY D 360 -10.79 16.99 15.45
N LYS D 361 -9.51 16.95 15.09
CA LYS D 361 -8.51 16.17 15.82
C LYS D 361 -8.50 16.38 17.33
N LYS D 362 -8.90 17.56 17.79
CA LYS D 362 -8.91 17.84 19.22
C LYS D 362 -9.85 16.99 20.07
N VAL D 363 -10.92 16.51 19.46
CA VAL D 363 -11.88 15.68 20.21
C VAL D 363 -11.13 14.43 20.63
N GLU D 364 -10.52 13.78 19.64
CA GLU D 364 -9.76 12.56 19.86
C GLU D 364 -8.67 12.76 20.91
N GLU D 365 -7.92 13.84 20.81
CA GLU D 365 -6.84 14.12 21.76
C GLU D 365 -7.37 14.29 23.17
N LEU D 366 -8.48 14.99 23.30
CA LEU D 366 -9.10 15.20 24.60
C LEU D 366 -9.58 13.87 25.17
N ILE D 367 -10.27 13.07 24.34
CA ILE D 367 -10.74 11.76 24.78
C ILE D 367 -9.56 10.95 25.33
N ALA D 368 -8.48 10.90 24.57
CA ALA D 368 -7.29 10.14 24.95
C ALA D 368 -6.69 10.60 26.26
N ARG D 369 -6.71 11.92 26.47
CA ARG D 369 -6.17 12.54 27.66
C ARG D 369 -7.03 12.16 28.86
N ILE D 370 -8.35 12.22 28.69
CA ILE D 370 -9.27 11.85 29.76
C ILE D 370 -9.06 10.37 30.10
N ALA D 371 -9.23 9.52 29.09
CA ALA D 371 -9.11 8.09 29.26
C ALA D 371 -7.80 7.55 29.80
N GLN D 372 -6.73 8.32 29.68
CA GLN D 372 -5.44 7.83 30.12
C GLN D 372 -5.19 8.03 31.59
N LYS D 373 -5.97 8.92 32.19
CA LYS D 373 -5.71 9.29 33.57
C LYS D 373 -6.93 9.47 34.47
N ALA D 374 -8.10 9.66 33.89
CA ALA D 374 -9.31 9.91 34.65
C ALA D 374 -9.78 8.92 35.73
N ARG D 375 -9.52 7.63 35.58
CA ARG D 375 -9.99 6.65 36.54
C ARG D 375 -9.96 7.00 38.02
N ALA D 376 -8.76 7.01 38.60
CA ALA D 376 -8.61 7.32 40.02
C ALA D 376 -9.34 8.59 40.47
N ALA D 377 -9.55 9.53 39.56
CA ALA D 377 -10.25 10.77 39.93
C ALA D 377 -11.77 10.66 39.91
N GLY D 378 -12.28 9.53 39.41
CA GLY D 378 -13.71 9.34 39.39
C GLY D 378 -14.45 9.86 38.19
N ILE D 379 -13.76 10.14 37.10
CA ILE D 379 -14.40 10.61 35.89
C ILE D 379 -14.34 9.45 34.92
N HIS D 380 -15.49 9.11 34.30
CA HIS D 380 -15.56 8.00 33.37
C HIS D 380 -16.27 8.32 32.07
N LEU D 381 -15.78 7.71 31.01
CA LEU D 381 -16.29 7.90 29.64
C LEU D 381 -17.20 6.80 29.08
N ILE D 382 -18.28 7.20 28.42
CA ILE D 382 -19.17 6.28 27.73
C ILE D 382 -19.23 6.87 26.30
N LEU D 383 -18.56 6.22 25.35
CA LEU D 383 -18.54 6.69 23.96
C LEU D 383 -19.26 5.76 23.04
N ALA D 384 -20.28 6.24 22.34
CA ALA D 384 -21.02 5.38 21.44
C ALA D 384 -21.00 5.89 20.01
N THR D 385 -21.18 4.95 19.08
CA THR D 385 -21.19 5.31 17.68
C THR D 385 -21.84 4.22 16.83
N GLN D 386 -22.39 4.63 15.68
CA GLN D 386 -23.03 3.70 14.76
C GLN D 386 -22.07 3.49 13.60
N ARG D 387 -20.97 4.22 13.62
CA ARG D 387 -19.95 4.14 12.58
C ARG D 387 -18.64 3.54 13.08
N PRO D 388 -18.62 2.23 13.40
CA PRO D 388 -17.38 1.61 13.90
C PRO D 388 -16.31 1.43 12.82
N SER D 389 -15.62 2.51 12.46
CA SER D 389 -14.59 2.39 11.44
C SER D 389 -13.24 2.72 12.02
N VAL D 390 -12.19 2.44 11.26
CA VAL D 390 -10.83 2.72 11.71
C VAL D 390 -10.65 4.22 11.91
N ASP D 391 -11.40 5.00 11.15
CA ASP D 391 -11.32 6.46 11.23
C ASP D 391 -11.96 7.01 12.51
N VAL D 392 -12.93 6.28 13.06
CA VAL D 392 -13.61 6.72 14.25
C VAL D 392 -13.05 6.07 15.53
N ILE D 393 -13.12 4.75 15.61
CA ILE D 393 -12.56 4.07 16.78
C ILE D 393 -11.06 3.93 16.48
N THR D 394 -10.35 5.04 16.63
CA THR D 394 -8.91 5.10 16.37
C THR D 394 -8.01 4.59 17.49
N GLY D 395 -6.73 4.50 17.18
CA GLY D 395 -5.73 4.05 18.12
C GLY D 395 -5.70 4.95 19.35
N LEU D 396 -5.77 6.24 19.13
CA LEU D 396 -5.76 7.16 20.24
C LEU D 396 -6.93 6.88 21.16
N ILE D 397 -8.13 6.82 20.57
CA ILE D 397 -9.35 6.55 21.32
C ILE D 397 -9.24 5.20 22.05
N LYS D 398 -8.85 4.17 21.32
CA LYS D 398 -8.75 2.84 21.89
C LYS D 398 -7.67 2.68 22.95
N ALA D 399 -6.59 3.44 22.77
CA ALA D 399 -5.45 3.37 23.66
C ALA D 399 -5.73 3.00 25.12
N ASN D 400 -6.61 3.72 25.80
CA ASN D 400 -6.89 3.40 27.19
C ASN D 400 -8.35 3.15 27.53
N ILE D 401 -9.09 2.66 26.55
CA ILE D 401 -10.49 2.30 26.73
C ILE D 401 -10.54 0.80 26.34
N PRO D 402 -10.08 -0.06 27.26
CA PRO D 402 -10.03 -1.52 27.07
C PRO D 402 -11.37 -2.27 27.05
N THR D 403 -12.39 -1.70 27.70
CA THR D 403 -13.71 -2.31 27.73
C THR D 403 -14.53 -1.92 26.52
N ARG D 404 -15.08 -2.93 25.85
CA ARG D 404 -15.88 -2.70 24.65
C ARG D 404 -17.22 -3.45 24.66
N ILE D 405 -18.28 -2.81 24.18
CA ILE D 405 -19.59 -3.44 24.05
C ILE D 405 -19.89 -3.27 22.57
N ALA D 406 -20.33 -4.34 21.93
CA ALA D 406 -20.65 -4.25 20.52
C ALA D 406 -22.00 -4.88 20.22
N PHE D 407 -22.90 -4.08 19.66
CA PHE D 407 -24.19 -4.59 19.27
C PHE D 407 -23.96 -5.05 17.84
N GLN D 408 -25.01 -5.41 17.13
CA GLN D 408 -24.81 -5.88 15.77
C GLN D 408 -24.20 -4.80 14.87
N VAL D 409 -23.18 -5.20 14.13
CA VAL D 409 -22.46 -4.34 13.21
C VAL D 409 -22.57 -4.94 11.81
N SER D 410 -22.34 -4.12 10.79
CA SER D 410 -22.45 -4.60 9.42
C SER D 410 -21.52 -5.69 8.93
N SER D 411 -20.28 -5.75 9.43
CA SER D 411 -19.32 -6.76 8.96
C SER D 411 -18.21 -7.18 9.94
N LYS D 412 -17.50 -8.25 9.62
CA LYS D 412 -16.39 -8.71 10.48
C LYS D 412 -15.39 -7.58 10.65
N ILE D 413 -15.21 -6.81 9.58
CA ILE D 413 -14.28 -5.70 9.61
C ILE D 413 -14.76 -4.77 10.72
N ASP D 414 -16.01 -4.34 10.63
CA ASP D 414 -16.57 -3.46 11.64
C ASP D 414 -16.42 -4.04 13.04
N SER D 415 -16.77 -5.31 13.17
CA SER D 415 -16.65 -5.98 14.44
C SER D 415 -15.23 -5.83 14.99
N ARG D 416 -14.23 -6.07 14.15
CA ARG D 416 -12.84 -5.97 14.58
C ARG D 416 -12.48 -4.57 14.99
N THR D 417 -13.09 -3.59 14.34
CA THR D 417 -12.82 -2.21 14.66
C THR D 417 -13.16 -1.89 16.11
N ILE D 418 -14.28 -2.45 16.58
CA ILE D 418 -14.71 -2.18 17.94
C ILE D 418 -14.23 -3.21 18.97
N LEU D 419 -14.22 -4.49 18.60
CA LEU D 419 -13.82 -5.57 19.50
C LEU D 419 -12.42 -6.13 19.29
N ASP D 420 -11.79 -5.77 18.19
CA ASP D 420 -10.45 -6.25 17.81
C ASP D 420 -10.64 -7.75 17.69
N GLN D 421 -11.76 -8.13 17.06
CA GLN D 421 -12.13 -9.53 16.98
C GLN D 421 -13.44 -9.59 16.20
N GLY D 422 -13.64 -10.65 15.42
CA GLY D 422 -14.88 -10.77 14.67
C GLY D 422 -15.97 -11.36 15.55
N GLY D 423 -17.21 -11.27 15.11
CA GLY D 423 -18.30 -11.81 15.89
C GLY D 423 -19.54 -10.93 15.98
N ALA D 424 -19.34 -9.64 16.26
CA ALA D 424 -20.47 -8.72 16.37
C ALA D 424 -21.33 -8.68 15.10
N GLU D 425 -20.84 -9.24 14.00
CA GLU D 425 -21.62 -9.25 12.77
C GLU D 425 -22.63 -10.39 12.83
N GLN D 426 -22.36 -11.35 13.70
CA GLN D 426 -23.22 -12.49 13.89
C GLN D 426 -24.36 -12.24 14.88
N LEU D 427 -24.37 -11.07 15.51
CA LEU D 427 -25.40 -10.75 16.49
C LEU D 427 -26.79 -10.62 15.84
N LEU D 428 -27.83 -10.83 16.62
CA LEU D 428 -29.20 -10.84 16.11
C LEU D 428 -29.95 -9.52 16.08
N GLY D 429 -29.33 -8.44 16.51
CA GLY D 429 -30.03 -7.16 16.54
C GLY D 429 -30.89 -7.08 17.78
N HIS D 430 -31.68 -6.03 17.89
CA HIS D 430 -32.55 -5.86 19.05
C HIS D 430 -31.88 -6.10 20.40
N GLY D 431 -30.73 -5.49 20.62
CA GLY D 431 -30.08 -5.62 21.90
C GLY D 431 -29.11 -6.74 22.09
N ASP D 432 -28.96 -7.58 21.08
CA ASP D 432 -28.03 -8.68 21.18
C ASP D 432 -26.65 -8.02 21.12
N MET D 433 -25.79 -8.30 22.09
CA MET D 433 -24.45 -7.72 22.14
C MET D 433 -23.31 -8.66 22.58
N LEU D 434 -22.09 -8.19 22.38
CA LEU D 434 -20.88 -8.91 22.78
C LEU D 434 -20.19 -7.93 23.71
N TYR D 435 -20.05 -8.31 24.97
CA TYR D 435 -19.41 -7.47 25.98
C TYR D 435 -18.00 -7.97 26.22
N LEU D 436 -17.04 -7.10 25.97
CA LEU D 436 -15.66 -7.46 26.12
C LEU D 436 -14.91 -6.73 27.21
N PRO D 437 -14.86 -7.29 28.43
CA PRO D 437 -14.14 -6.62 29.50
C PRO D 437 -12.64 -6.68 29.21
N PRO D 438 -11.83 -5.93 29.95
CA PRO D 438 -10.37 -5.92 29.74
C PRO D 438 -9.63 -7.25 29.93
N GLY D 439 -8.54 -7.39 29.18
CA GLY D 439 -7.71 -8.58 29.25
C GLY D 439 -8.08 -9.68 28.28
N THR D 440 -7.38 -10.81 28.38
CA THR D 440 -7.68 -11.97 27.54
C THR D 440 -9.09 -12.39 27.96
N GLY D 441 -9.64 -13.40 27.31
CA GLY D 441 -10.96 -13.80 27.72
C GLY D 441 -11.90 -13.52 26.58
N LEU D 442 -12.75 -14.49 26.30
CA LEU D 442 -13.68 -14.38 25.21
C LEU D 442 -14.79 -13.42 25.59
N PRO D 443 -15.27 -12.63 24.62
CA PRO D 443 -16.35 -11.70 24.94
C PRO D 443 -17.56 -12.45 25.49
N ILE D 444 -18.35 -11.77 26.32
CA ILE D 444 -19.55 -12.35 26.92
C ILE D 444 -20.76 -11.91 26.11
N ARG D 445 -21.48 -12.85 25.53
CA ARG D 445 -22.69 -12.50 24.77
C ARG D 445 -23.79 -12.13 25.76
N VAL D 446 -24.40 -10.97 25.53
CA VAL D 446 -25.45 -10.49 26.41
C VAL D 446 -26.68 -10.03 25.62
N HIS D 447 -27.85 -10.45 26.06
CA HIS D 447 -29.08 -10.05 25.42
C HIS D 447 -29.54 -8.84 26.21
N GLY D 448 -29.31 -7.68 25.64
CA GLY D 448 -29.67 -6.43 26.29
C GLY D 448 -31.11 -6.31 26.70
N ALA D 449 -31.33 -5.72 27.86
CA ALA D 449 -32.67 -5.54 28.39
C ALA D 449 -33.37 -4.45 27.61
N PHE D 450 -34.68 -4.58 27.45
CA PHE D 450 -35.43 -3.57 26.73
C PHE D 450 -35.98 -2.52 27.70
N VAL D 451 -35.79 -1.26 27.33
CA VAL D 451 -36.30 -0.17 28.16
C VAL D 451 -36.99 0.76 27.18
N SER D 452 -38.28 0.98 27.43
CA SER D 452 -39.12 1.84 26.60
C SER D 452 -38.95 3.33 26.88
N ASP D 453 -39.37 4.14 25.92
CA ASP D 453 -39.26 5.58 26.07
C ASP D 453 -40.12 6.03 27.23
N ASP D 454 -41.13 5.23 27.55
CA ASP D 454 -42.02 5.55 28.65
C ASP D 454 -41.30 5.31 29.96
N GLU D 455 -40.67 4.15 30.08
CA GLU D 455 -39.92 3.84 31.29
C GLU D 455 -38.86 4.90 31.55
N VAL D 456 -38.22 5.39 30.49
CA VAL D 456 -37.22 6.42 30.64
C VAL D 456 -37.92 7.72 31.02
N HIS D 457 -38.90 8.14 30.22
CA HIS D 457 -39.63 9.37 30.48
C HIS D 457 -40.11 9.40 31.93
N ARG D 458 -40.50 8.24 32.43
CA ARG D 458 -41.01 8.06 33.80
C ARG D 458 -39.92 8.30 34.85
N VAL D 459 -38.78 7.66 34.69
CA VAL D 459 -37.67 7.81 35.62
C VAL D 459 -37.10 9.23 35.60
N VAL D 460 -37.22 9.92 34.47
CA VAL D 460 -36.74 11.28 34.39
C VAL D 460 -37.63 12.16 35.26
N GLU D 461 -38.93 12.11 35.02
CA GLU D 461 -39.88 12.91 35.78
C GLU D 461 -39.74 12.64 37.25
N ALA D 462 -39.51 11.39 37.61
CA ALA D 462 -39.35 11.02 39.01
C ALA D 462 -38.19 11.77 39.62
N TRP D 463 -37.12 11.93 38.86
CA TRP D 463 -35.95 12.65 39.36
C TRP D 463 -36.15 14.16 39.29
N LYS D 464 -36.83 14.65 38.25
CA LYS D 464 -37.06 16.07 38.13
C LYS D 464 -37.87 16.56 39.33
N LEU D 465 -38.65 15.67 39.93
CA LEU D 465 -39.44 16.05 41.10
C LEU D 465 -38.54 16.10 42.32
N ARG D 466 -37.64 15.13 42.43
CA ARG D 466 -36.72 15.06 43.54
C ARG D 466 -35.66 16.14 43.58
N GLY D 467 -35.65 17.01 42.58
CA GLY D 467 -34.65 18.08 42.57
C GLY D 467 -34.52 18.82 41.26
N ALA D 468 -34.04 20.06 41.34
CA ALA D 468 -33.87 20.89 40.15
C ALA D 468 -32.44 20.76 39.63
N PRO D 469 -32.23 21.10 38.35
CA PRO D 469 -30.91 21.03 37.70
C PRO D 469 -29.88 22.01 38.27
N ASP D 470 -28.82 21.47 38.86
CA ASP D 470 -27.79 22.32 39.44
C ASP D 470 -26.61 22.48 38.48
N TYR D 471 -26.78 23.29 37.45
CA TYR D 471 -25.74 23.50 36.44
C TYR D 471 -24.54 24.34 36.89
N ILE D 472 -23.42 24.20 36.18
CA ILE D 472 -22.20 24.96 36.42
C ILE D 472 -21.88 25.59 35.07
N GLU D 473 -22.64 26.62 34.69
CA GLU D 473 -22.48 27.30 33.40
C GLU D 473 -21.02 27.45 32.96
N ASP D 474 -20.15 27.42 33.95
CA ASP D 474 -18.70 27.52 33.77
C ASP D 474 -18.21 26.44 32.77
N ILE D 475 -18.70 25.22 32.93
CA ILE D 475 -18.31 24.07 32.12
C ILE D 475 -18.44 24.15 30.59
N LEU D 476 -19.57 24.66 30.09
CA LEU D 476 -19.75 24.76 28.64
C LEU D 476 -19.05 25.94 27.98
N ALA D 477 -18.45 26.81 28.78
CA ALA D 477 -17.73 27.98 28.27
C ALA D 477 -16.29 27.94 28.70
N LEU E 70 -54.06 21.66 -6.76
CA LEU E 70 -53.08 20.51 -6.80
C LEU E 70 -53.28 19.65 -8.05
N PRO E 71 -52.30 19.60 -8.96
CA PRO E 71 -52.38 18.81 -10.20
C PRO E 71 -52.92 17.37 -10.07
N PRO E 72 -53.77 16.96 -11.02
CA PRO E 72 -54.43 15.64 -11.12
C PRO E 72 -53.58 14.53 -11.74
N LEU E 73 -53.69 13.33 -11.18
CA LEU E 73 -52.94 12.19 -11.66
C LEU E 73 -53.37 11.87 -13.09
N SER E 74 -54.36 12.62 -13.57
CA SER E 74 -54.90 12.46 -14.92
C SER E 74 -53.87 12.86 -15.96
N LEU E 75 -52.88 13.63 -15.54
CA LEU E 75 -51.84 14.10 -16.45
C LEU E 75 -50.88 12.99 -16.84
N LEU E 76 -50.95 11.86 -16.13
CA LEU E 76 -50.05 10.74 -16.39
C LEU E 76 -50.58 9.73 -17.41
N ASP E 77 -49.69 9.26 -18.29
CA ASP E 77 -50.09 8.27 -19.30
C ASP E 77 -50.66 7.06 -18.56
N PRO E 78 -51.64 6.38 -19.17
CA PRO E 78 -52.31 5.19 -18.61
C PRO E 78 -51.48 3.92 -18.67
N ALA E 79 -51.80 2.98 -17.78
CA ALA E 79 -51.12 1.69 -17.73
C ALA E 79 -51.39 0.91 -19.01
N GLU E 80 -50.34 0.68 -19.79
CA GLU E 80 -50.43 -0.04 -21.05
C GLU E 80 -50.93 -1.47 -20.80
N VAL E 81 -51.57 -2.06 -21.80
CA VAL E 81 -52.12 -3.42 -21.68
C VAL E 81 -51.12 -4.42 -21.12
N LYS E 82 -51.32 -4.80 -19.86
CA LYS E 82 -50.42 -5.74 -19.21
C LYS E 82 -50.56 -7.14 -19.78
N GLN E 83 -49.99 -7.36 -20.96
CA GLN E 83 -50.05 -8.68 -21.58
C GLN E 83 -49.00 -9.58 -20.92
N LYS E 84 -49.32 -10.02 -19.70
CA LYS E 84 -48.44 -10.86 -18.89
C LYS E 84 -48.86 -12.35 -18.96
N SER E 85 -48.99 -12.96 -17.79
CA SER E 85 -49.40 -14.36 -17.62
C SER E 85 -48.50 -15.37 -18.34
N TYR E 86 -47.86 -16.22 -17.55
CA TYR E 86 -47.00 -17.26 -18.07
C TYR E 86 -47.68 -18.56 -17.70
N SER E 87 -48.19 -19.28 -18.69
CA SER E 87 -48.88 -20.53 -18.47
C SER E 87 -48.18 -21.42 -17.45
N PRO E 88 -48.97 -22.03 -16.54
CA PRO E 88 -48.42 -22.91 -15.49
C PRO E 88 -47.41 -23.87 -16.09
N GLU E 89 -47.61 -24.19 -17.36
CA GLU E 89 -46.73 -25.10 -18.08
C GLU E 89 -45.40 -24.42 -18.43
N SER E 90 -45.47 -23.17 -18.89
CA SER E 90 -44.25 -22.44 -19.23
C SER E 90 -43.35 -22.34 -18.00
N LEU E 91 -43.93 -21.86 -16.90
CA LEU E 91 -43.18 -21.72 -15.67
C LEU E 91 -42.59 -23.05 -15.25
N GLU E 92 -43.35 -24.12 -15.39
CA GLU E 92 -42.87 -25.44 -15.00
C GLU E 92 -41.74 -25.92 -15.92
N ALA E 93 -41.75 -25.45 -17.16
CA ALA E 93 -40.72 -25.83 -18.12
C ALA E 93 -39.40 -25.18 -17.71
N MET E 94 -39.45 -23.87 -17.47
CA MET E 94 -38.27 -23.11 -17.08
C MET E 94 -37.70 -23.71 -15.79
N SER E 95 -38.59 -24.13 -14.89
CA SER E 95 -38.18 -24.74 -13.62
C SER E 95 -37.30 -25.95 -13.85
N ARG E 96 -37.71 -26.83 -14.75
CA ARG E 96 -36.91 -28.01 -15.03
C ARG E 96 -35.64 -27.60 -15.77
N LEU E 97 -35.75 -26.58 -16.61
CA LEU E 97 -34.59 -26.12 -17.35
C LEU E 97 -33.54 -25.67 -16.34
N LEU E 98 -33.96 -24.84 -15.39
CA LEU E 98 -33.07 -24.34 -14.36
C LEU E 98 -32.38 -25.53 -13.69
N GLU E 99 -33.19 -26.45 -13.18
CA GLU E 99 -32.65 -27.63 -12.52
C GLU E 99 -31.60 -28.31 -13.37
N ILE E 100 -31.95 -28.53 -14.64
CA ILE E 100 -31.05 -29.19 -15.59
C ILE E 100 -29.71 -28.48 -15.75
N LYS E 101 -29.77 -27.19 -16.06
CA LYS E 101 -28.56 -26.38 -16.26
C LYS E 101 -27.65 -26.36 -15.05
N LEU E 102 -28.23 -26.17 -13.86
CA LEU E 102 -27.42 -26.15 -12.64
C LEU E 102 -26.80 -27.53 -12.49
N LYS E 103 -27.60 -28.55 -12.78
CA LYS E 103 -27.13 -29.92 -12.70
C LYS E 103 -25.97 -30.13 -13.68
N GLU E 104 -26.05 -29.51 -14.87
CA GLU E 104 -25.00 -29.66 -15.87
C GLU E 104 -23.70 -29.17 -15.29
N PHE E 105 -23.80 -28.11 -14.48
CA PHE E 105 -22.63 -27.59 -13.77
C PHE E 105 -22.58 -28.41 -12.46
N GLY E 106 -21.76 -27.99 -11.51
CA GLY E 106 -21.69 -28.77 -10.29
C GLY E 106 -22.98 -29.08 -9.51
N VAL E 107 -23.71 -28.04 -9.11
CA VAL E 107 -24.89 -28.18 -8.26
C VAL E 107 -26.18 -28.88 -8.67
N GLU E 108 -26.72 -29.60 -7.69
CA GLU E 108 -27.97 -30.32 -7.84
C GLU E 108 -28.97 -29.61 -6.95
N VAL E 109 -30.02 -29.08 -7.56
CA VAL E 109 -31.02 -28.37 -6.79
C VAL E 109 -32.41 -28.63 -7.38
N SER E 110 -33.47 -28.25 -6.67
CA SER E 110 -34.82 -28.44 -7.20
C SER E 110 -35.71 -27.23 -6.90
N VAL E 111 -36.43 -26.78 -7.91
CA VAL E 111 -37.31 -25.64 -7.74
C VAL E 111 -38.34 -25.95 -6.68
N ASP E 112 -38.55 -25.02 -5.77
CA ASP E 112 -39.49 -25.18 -4.68
C ASP E 112 -40.76 -24.37 -4.95
N SER E 113 -40.62 -23.30 -5.73
CA SER E 113 -41.75 -22.44 -6.07
C SER E 113 -41.34 -21.36 -7.06
N VAL E 114 -42.30 -20.89 -7.84
CA VAL E 114 -42.02 -19.87 -8.83
C VAL E 114 -42.89 -18.64 -8.58
N HIS E 115 -42.29 -17.46 -8.69
CA HIS E 115 -43.01 -16.22 -8.46
C HIS E 115 -42.72 -15.27 -9.61
N PRO E 116 -43.60 -15.24 -10.63
CA PRO E 116 -43.41 -14.35 -11.78
C PRO E 116 -43.74 -12.89 -11.47
N GLY E 117 -43.09 -11.99 -12.19
CA GLY E 117 -43.31 -10.57 -11.98
C GLY E 117 -43.21 -9.77 -13.26
N PRO E 118 -43.29 -8.44 -13.17
CA PRO E 118 -43.22 -7.54 -14.32
C PRO E 118 -41.93 -7.61 -15.12
N VAL E 119 -40.80 -7.68 -14.42
CA VAL E 119 -39.51 -7.70 -15.08
C VAL E 119 -38.77 -9.01 -14.98
N ILE E 120 -38.85 -9.66 -13.82
CA ILE E 120 -38.17 -10.95 -13.67
C ILE E 120 -39.08 -11.95 -12.95
N THR E 121 -38.62 -13.20 -12.88
CA THR E 121 -39.37 -14.23 -12.19
C THR E 121 -38.40 -14.89 -11.22
N ARG E 122 -38.82 -15.00 -9.96
CA ARG E 122 -37.97 -15.60 -8.96
C ARG E 122 -38.31 -17.06 -8.79
N PHE E 123 -37.28 -17.89 -8.83
CA PHE E 123 -37.44 -19.32 -8.66
C PHE E 123 -36.77 -19.66 -7.34
N GLU E 124 -37.56 -19.94 -6.31
CA GLU E 124 -36.96 -20.32 -5.04
C GLU E 124 -36.58 -21.77 -5.20
N ILE E 125 -35.29 -22.07 -5.15
CA ILE E 125 -34.83 -23.45 -5.29
C ILE E 125 -34.33 -23.99 -3.95
N GLN E 126 -34.41 -25.30 -3.80
CA GLN E 126 -33.95 -25.94 -2.58
C GLN E 126 -32.70 -26.73 -2.90
N PRO E 127 -31.53 -26.25 -2.43
CA PRO E 127 -30.24 -26.90 -2.67
C PRO E 127 -30.18 -28.30 -2.05
N ALA E 128 -29.52 -29.22 -2.76
CA ALA E 128 -29.35 -30.60 -2.29
C ALA E 128 -28.53 -30.62 -0.99
N ALA E 129 -28.45 -31.79 -0.36
CA ALA E 129 -27.70 -31.89 0.88
C ALA E 129 -26.24 -31.58 0.63
N GLY E 130 -25.65 -30.78 1.52
CA GLY E 130 -24.25 -30.44 1.39
C GLY E 130 -23.86 -29.36 0.40
N VAL E 131 -24.75 -28.94 -0.50
CA VAL E 131 -24.31 -27.90 -1.44
C VAL E 131 -24.35 -26.52 -0.79
N LYS E 132 -23.27 -25.75 -0.97
CA LYS E 132 -23.16 -24.40 -0.41
C LYS E 132 -23.60 -23.28 -1.38
N VAL E 133 -24.37 -22.32 -0.88
CA VAL E 133 -24.88 -21.21 -1.69
C VAL E 133 -23.84 -20.57 -2.59
N SER E 134 -22.61 -20.43 -2.08
CA SER E 134 -21.54 -19.80 -2.83
C SER E 134 -21.38 -20.45 -4.22
N ARG E 135 -21.51 -21.77 -4.27
CA ARG E 135 -21.40 -22.50 -5.52
C ARG E 135 -22.44 -21.98 -6.51
N ILE E 136 -23.68 -21.79 -6.07
CA ILE E 136 -24.74 -21.25 -6.93
C ILE E 136 -24.34 -19.83 -7.38
N SER E 137 -24.11 -18.94 -6.42
CA SER E 137 -23.73 -17.55 -6.74
C SER E 137 -22.60 -17.47 -7.76
N ASN E 138 -21.56 -18.28 -7.52
CA ASN E 138 -20.39 -18.29 -8.36
C ASN E 138 -20.59 -18.56 -9.82
N LEU E 139 -21.63 -19.29 -10.20
CA LEU E 139 -21.80 -19.48 -11.62
C LEU E 139 -23.08 -18.87 -12.13
N ALA E 140 -23.27 -17.61 -11.75
CA ALA E 140 -24.44 -16.86 -12.17
C ALA E 140 -24.18 -16.41 -13.61
N LYS E 141 -22.92 -16.13 -13.90
CA LYS E 141 -22.52 -15.67 -15.23
C LYS E 141 -22.80 -16.79 -16.23
N ASP E 142 -22.30 -17.98 -15.93
CA ASP E 142 -22.47 -19.12 -16.83
C ASP E 142 -23.93 -19.57 -16.88
N LEU E 143 -24.60 -19.64 -15.75
CA LEU E 143 -26.02 -20.05 -15.73
C LEU E 143 -26.81 -19.11 -16.64
N ALA E 144 -26.54 -17.82 -16.51
CA ALA E 144 -27.23 -16.83 -17.35
C ALA E 144 -27.04 -17.17 -18.85
N ARG E 145 -25.80 -17.48 -19.24
CA ARG E 145 -25.52 -17.82 -20.64
C ARG E 145 -26.24 -19.09 -21.03
N SER E 146 -26.18 -20.10 -20.18
CA SER E 146 -26.84 -21.36 -20.52
C SER E 146 -28.37 -21.15 -20.65
N LEU E 147 -28.89 -20.09 -20.05
CA LEU E 147 -30.32 -19.81 -20.12
C LEU E 147 -30.62 -18.73 -21.15
N ALA E 148 -29.57 -18.29 -21.84
CA ALA E 148 -29.69 -17.23 -22.85
C ALA E 148 -30.33 -15.93 -22.33
N VAL E 149 -30.07 -15.60 -21.06
CA VAL E 149 -30.57 -14.36 -20.48
C VAL E 149 -29.35 -13.51 -20.23
N ILE E 150 -29.51 -12.19 -20.22
CA ILE E 150 -28.36 -11.29 -20.03
C ILE E 150 -27.65 -11.45 -18.67
N SER E 151 -28.41 -11.81 -17.64
CA SER E 151 -27.84 -11.98 -16.32
C SER E 151 -28.87 -12.62 -15.42
N VAL E 152 -28.42 -13.13 -14.28
CA VAL E 152 -29.35 -13.76 -13.37
C VAL E 152 -28.93 -13.30 -11.98
N ARG E 153 -29.89 -13.09 -11.09
CA ARG E 153 -29.57 -12.62 -9.74
C ARG E 153 -29.79 -13.67 -8.65
N VAL E 154 -28.71 -14.08 -7.98
CA VAL E 154 -28.82 -15.07 -6.91
C VAL E 154 -29.07 -14.47 -5.53
N VAL E 155 -30.26 -14.71 -4.97
CA VAL E 155 -30.60 -14.20 -3.64
C VAL E 155 -30.27 -15.28 -2.62
N GLU E 156 -29.08 -15.16 -2.04
CA GLU E 156 -28.59 -16.13 -1.08
C GLU E 156 -29.43 -16.42 0.14
N VAL E 157 -30.34 -15.54 0.51
CA VAL E 157 -31.16 -15.81 1.68
C VAL E 157 -32.59 -15.30 1.57
N ILE E 158 -33.53 -16.23 1.80
CA ILE E 158 -34.95 -15.93 1.77
C ILE E 158 -35.45 -16.18 3.18
N PRO E 159 -35.70 -15.09 3.93
CA PRO E 159 -36.17 -15.10 5.32
C PRO E 159 -37.16 -16.20 5.67
N GLY E 160 -36.83 -16.95 6.72
CA GLY E 160 -37.70 -18.01 7.18
C GLY E 160 -37.61 -19.33 6.45
N LYS E 161 -37.34 -19.29 5.15
CA LYS E 161 -37.23 -20.50 4.36
C LYS E 161 -35.79 -20.99 4.30
N THR E 162 -35.59 -22.21 3.84
CA THR E 162 -34.23 -22.76 3.74
C THR E 162 -33.80 -22.75 2.28
N THR E 163 -34.64 -22.13 1.45
CA THR E 163 -34.38 -22.04 0.03
C THR E 163 -33.54 -20.83 -0.34
N VAL E 164 -33.05 -20.87 -1.58
CA VAL E 164 -32.25 -19.80 -2.15
C VAL E 164 -33.08 -19.32 -3.33
N GLY E 165 -32.82 -18.13 -3.82
CA GLY E 165 -33.61 -17.64 -4.94
C GLY E 165 -32.82 -17.25 -6.16
N ILE E 166 -33.40 -17.49 -7.33
CA ILE E 166 -32.76 -17.12 -8.59
C ILE E 166 -33.76 -16.31 -9.39
N GLU E 167 -33.41 -15.06 -9.62
CA GLU E 167 -34.28 -14.17 -10.37
C GLU E 167 -33.82 -14.08 -11.82
N ILE E 168 -34.63 -14.65 -12.70
CA ILE E 168 -34.33 -14.67 -14.13
C ILE E 168 -35.16 -13.63 -14.87
N PRO E 169 -34.53 -12.90 -15.81
CA PRO E 169 -35.24 -11.87 -16.58
C PRO E 169 -36.28 -12.50 -17.52
N ASN E 170 -37.48 -11.95 -17.48
CA ASN E 170 -38.56 -12.41 -18.35
C ASN E 170 -38.21 -12.05 -19.79
N GLU E 171 -38.65 -12.88 -20.75
CA GLU E 171 -38.36 -12.61 -22.16
C GLU E 171 -38.95 -11.28 -22.56
N ASP E 172 -40.16 -11.02 -22.10
CA ASP E 172 -40.83 -9.77 -22.39
C ASP E 172 -41.02 -9.02 -21.11
N ARG E 173 -40.20 -7.98 -20.92
CA ARG E 173 -40.30 -7.17 -19.71
C ARG E 173 -41.51 -6.26 -19.91
N GLN E 174 -42.48 -6.35 -19.01
CA GLN E 174 -43.61 -5.47 -19.17
C GLN E 174 -43.27 -4.24 -18.37
N MET E 175 -43.53 -3.08 -18.96
CA MET E 175 -43.23 -1.80 -18.37
C MET E 175 -44.07 -1.40 -17.14
N VAL E 176 -43.52 -0.51 -16.32
CA VAL E 176 -44.23 -0.03 -15.14
C VAL E 176 -44.42 1.46 -15.37
N ARG E 177 -45.68 1.90 -15.47
CA ARG E 177 -45.99 3.31 -15.70
C ARG E 177 -46.13 4.03 -14.39
N PHE E 178 -45.61 5.25 -14.33
CA PHE E 178 -45.68 6.00 -13.09
C PHE E 178 -47.11 6.03 -12.52
N SER E 179 -48.10 6.25 -13.40
CA SER E 179 -49.50 6.32 -12.97
C SER E 179 -49.92 5.03 -12.27
N GLU E 180 -49.29 3.95 -12.69
CA GLU E 180 -49.55 2.61 -12.17
C GLU E 180 -49.04 2.47 -10.73
N VAL E 181 -48.17 3.39 -10.32
CA VAL E 181 -47.59 3.36 -8.99
C VAL E 181 -48.28 4.34 -8.05
N LEU E 182 -48.46 5.58 -8.51
CA LEU E 182 -49.12 6.61 -7.71
C LEU E 182 -50.60 6.32 -7.46
N SER E 183 -51.15 5.36 -8.19
CA SER E 183 -52.54 4.97 -8.06
C SER E 183 -52.77 4.13 -6.80
N SER E 184 -51.71 3.53 -6.29
CA SER E 184 -51.78 2.69 -5.12
C SER E 184 -52.33 3.43 -3.91
N PRO E 185 -52.90 2.68 -2.95
CA PRO E 185 -53.46 3.29 -1.74
C PRO E 185 -52.34 3.76 -0.83
N GLU E 186 -51.18 3.11 -0.92
CA GLU E 186 -50.03 3.47 -0.10
C GLU E 186 -49.59 4.91 -0.38
N TYR E 187 -49.53 5.25 -1.66
CA TYR E 187 -49.13 6.59 -2.05
C TYR E 187 -50.24 7.59 -1.79
N ASP E 188 -51.46 7.17 -2.08
CA ASP E 188 -52.64 8.02 -1.91
C ASP E 188 -52.86 8.45 -0.48
N GLU E 189 -52.78 7.49 0.44
CA GLU E 189 -52.99 7.76 1.86
C GLU E 189 -51.72 8.18 2.59
N HIS E 190 -50.62 8.30 1.87
CA HIS E 190 -49.37 8.68 2.51
C HIS E 190 -49.47 10.05 3.14
N LYS E 191 -49.04 10.14 4.40
CA LYS E 191 -49.11 11.37 5.16
C LYS E 191 -47.91 12.31 5.07
N SER E 192 -46.82 11.85 4.46
CA SER E 192 -45.60 12.66 4.32
C SER E 192 -45.67 13.75 3.25
N THR E 193 -44.92 14.83 3.44
CA THR E 193 -44.92 15.91 2.47
C THR E 193 -44.00 15.52 1.32
N VAL E 194 -43.14 14.55 1.58
CA VAL E 194 -42.17 14.12 0.60
C VAL E 194 -42.11 12.61 0.42
N PRO E 195 -43.19 12.02 -0.10
CA PRO E 195 -43.18 10.57 -0.31
C PRO E 195 -42.48 10.29 -1.63
N LEU E 196 -41.85 9.12 -1.75
CA LEU E 196 -41.16 8.75 -2.97
C LEU E 196 -41.66 7.41 -3.48
N ALA E 197 -42.35 7.43 -4.62
CA ALA E 197 -42.89 6.22 -5.22
C ALA E 197 -41.80 5.72 -6.14
N LEU E 198 -41.11 4.66 -5.72
CA LEU E 198 -40.00 4.11 -6.50
C LEU E 198 -40.38 3.24 -7.69
N GLY E 199 -41.37 2.38 -7.51
CA GLY E 199 -41.81 1.50 -8.58
C GLY E 199 -42.50 0.26 -8.04
N HIS E 200 -42.28 -0.87 -8.69
CA HIS E 200 -42.87 -2.12 -8.25
C HIS E 200 -41.79 -3.10 -7.81
N ASP E 201 -42.07 -3.90 -6.78
CA ASP E 201 -41.10 -4.88 -6.33
C ASP E 201 -41.09 -6.04 -7.34
N ILE E 202 -40.23 -7.03 -7.14
CA ILE E 202 -40.15 -8.13 -8.10
C ILE E 202 -41.48 -8.84 -8.32
N GLY E 203 -42.43 -8.61 -7.41
CA GLY E 203 -43.73 -9.23 -7.52
C GLY E 203 -44.84 -8.32 -8.05
N GLY E 204 -44.48 -7.13 -8.54
CA GLY E 204 -45.47 -6.21 -9.06
C GLY E 204 -46.10 -5.25 -8.07
N ARG E 205 -45.81 -5.40 -6.77
CA ARG E 205 -46.37 -4.52 -5.74
C ARG E 205 -45.66 -3.17 -5.66
N PRO E 206 -46.42 -2.09 -5.45
CA PRO E 206 -45.85 -0.74 -5.37
C PRO E 206 -45.03 -0.48 -4.11
N ILE E 207 -43.86 0.13 -4.32
CA ILE E 207 -42.97 0.48 -3.23
C ILE E 207 -43.00 2.00 -3.04
N ILE E 208 -43.63 2.43 -1.95
CA ILE E 208 -43.71 3.85 -1.63
C ILE E 208 -42.91 4.13 -0.36
N THR E 209 -42.00 5.10 -0.42
CA THR E 209 -41.15 5.42 0.72
C THR E 209 -41.29 6.84 1.19
N ASP E 210 -40.66 7.15 2.33
CA ASP E 210 -40.72 8.48 2.92
C ASP E 210 -39.34 9.15 3.04
N LEU E 211 -39.05 10.08 2.13
CA LEU E 211 -37.77 10.79 2.14
C LEU E 211 -37.47 11.34 3.54
N ALA E 212 -38.46 11.93 4.17
CA ALA E 212 -38.28 12.50 5.49
C ALA E 212 -37.85 11.47 6.54
N LYS E 213 -38.01 10.19 6.24
CA LYS E 213 -37.62 9.17 7.19
C LYS E 213 -36.28 8.53 6.84
N MET E 214 -35.76 8.84 5.65
CA MET E 214 -34.49 8.25 5.20
C MET E 214 -33.24 8.58 6.00
N PRO E 215 -32.97 9.87 6.30
CA PRO E 215 -33.73 11.09 5.96
C PRO E 215 -33.00 11.85 4.84
N HIS E 216 -32.07 11.16 4.20
CA HIS E 216 -31.30 11.71 3.09
C HIS E 216 -31.08 10.55 2.17
N LEU E 217 -30.86 10.85 0.90
CA LEU E 217 -30.70 9.79 -0.07
C LEU E 217 -29.53 9.95 -1.02
N LEU E 218 -28.85 8.84 -1.27
CA LEU E 218 -27.71 8.75 -2.18
C LEU E 218 -28.20 7.86 -3.32
N VAL E 219 -28.09 8.37 -4.53
CA VAL E 219 -28.52 7.64 -5.72
C VAL E 219 -27.38 7.52 -6.70
N ALA E 220 -27.13 6.30 -7.18
CA ALA E 220 -26.05 6.08 -8.14
C ALA E 220 -26.50 5.17 -9.29
N GLY E 221 -25.93 5.40 -10.48
CA GLY E 221 -26.25 4.58 -11.63
C GLY E 221 -25.49 5.07 -12.86
N THR E 222 -24.86 4.17 -13.62
CA THR E 222 -24.15 4.64 -14.83
C THR E 222 -25.13 5.02 -15.90
N THR E 223 -24.63 5.75 -16.89
CA THR E 223 -25.49 6.19 -17.97
C THR E 223 -26.16 4.96 -18.58
N GLY E 224 -27.47 5.06 -18.77
CA GLY E 224 -28.23 3.95 -19.31
C GLY E 224 -29.01 3.15 -18.27
N SER E 225 -28.70 3.36 -16.99
CA SER E 225 -29.36 2.62 -15.89
C SER E 225 -30.78 3.09 -15.59
N GLY E 226 -31.08 4.33 -15.95
CA GLY E 226 -32.42 4.85 -15.68
C GLY E 226 -32.48 5.70 -14.43
N LYS E 227 -31.35 6.30 -14.09
CA LYS E 227 -31.24 7.14 -12.91
C LYS E 227 -31.99 8.47 -13.08
N SER E 228 -31.80 9.12 -14.22
CA SER E 228 -32.45 10.40 -14.49
C SER E 228 -33.97 10.30 -14.41
N VAL E 229 -34.52 9.26 -15.02
CA VAL E 229 -35.95 9.03 -15.00
C VAL E 229 -36.39 8.81 -13.54
N GLY E 230 -35.61 8.01 -12.81
CA GLY E 230 -35.93 7.72 -11.43
C GLY E 230 -35.92 8.95 -10.53
N VAL E 231 -35.08 9.91 -10.86
CA VAL E 231 -35.01 11.14 -10.09
C VAL E 231 -36.28 11.89 -10.41
N ASN E 232 -36.67 11.91 -11.69
CA ASN E 232 -37.90 12.58 -12.09
C ASN E 232 -39.07 11.96 -11.38
N ALA E 233 -39.03 10.64 -11.21
CA ALA E 233 -40.08 9.90 -10.53
C ALA E 233 -40.14 10.37 -9.08
N MET E 234 -38.96 10.62 -8.52
CA MET E 234 -38.86 11.11 -7.14
C MET E 234 -39.46 12.52 -7.03
N LEU E 235 -39.05 13.41 -7.93
CA LEU E 235 -39.55 14.78 -7.91
C LEU E 235 -41.06 14.84 -8.12
N LEU E 236 -41.55 14.07 -9.10
CA LEU E 236 -42.98 14.06 -9.38
C LEU E 236 -43.76 13.50 -8.20
N SER E 237 -43.17 12.59 -7.44
CA SER E 237 -43.83 12.00 -6.26
C SER E 237 -44.15 13.12 -5.26
N ILE E 238 -43.25 14.10 -5.16
CA ILE E 238 -43.44 15.24 -4.26
C ILE E 238 -44.50 16.15 -4.87
N LEU E 239 -44.22 16.59 -6.09
CA LEU E 239 -45.10 17.50 -6.80
C LEU E 239 -46.57 17.05 -6.91
N PHE E 240 -46.82 15.75 -6.85
CA PHE E 240 -48.18 15.25 -6.93
C PHE E 240 -48.87 15.16 -5.58
N LYS E 241 -48.15 15.48 -4.51
CA LYS E 241 -48.73 15.41 -3.18
C LYS E 241 -48.61 16.67 -2.36
N SER E 242 -47.63 17.52 -2.65
CA SER E 242 -47.46 18.72 -1.85
C SER E 242 -47.46 20.05 -2.57
N THR E 243 -47.91 21.08 -1.85
CA THR E 243 -47.98 22.43 -2.37
C THR E 243 -46.73 23.16 -1.91
N PRO E 244 -46.39 24.27 -2.59
CA PRO E 244 -45.20 25.04 -2.23
C PRO E 244 -45.08 25.39 -0.74
N SER E 245 -46.19 25.43 -0.03
CA SER E 245 -46.17 25.78 1.39
C SER E 245 -45.94 24.57 2.28
N GLU E 246 -45.91 23.39 1.67
CA GLU E 246 -45.69 22.15 2.38
C GLU E 246 -44.32 21.56 2.03
N ALA E 247 -43.82 21.91 0.85
CA ALA E 247 -42.52 21.43 0.41
C ALA E 247 -41.89 22.36 -0.59
N ARG E 248 -40.64 22.74 -0.32
CA ARG E 248 -39.88 23.62 -1.18
C ARG E 248 -38.66 22.91 -1.74
N LEU E 249 -38.18 23.35 -2.88
CA LEU E 249 -37.04 22.69 -3.50
C LEU E 249 -35.86 23.55 -3.90
N ILE E 250 -34.67 22.97 -3.81
CA ILE E 250 -33.46 23.63 -4.25
C ILE E 250 -32.89 22.60 -5.23
N MET E 251 -32.80 22.99 -6.49
CA MET E 251 -32.28 22.12 -7.53
C MET E 251 -30.92 22.55 -8.09
N ILE E 252 -29.93 21.70 -7.90
CA ILE E 252 -28.57 21.96 -8.39
C ILE E 252 -28.31 21.05 -9.58
N ASP E 253 -28.14 21.68 -10.75
CA ASP E 253 -27.93 20.95 -11.99
C ASP E 253 -26.57 21.30 -12.62
N PRO E 254 -25.48 20.70 -12.13
CA PRO E 254 -24.15 20.98 -12.67
C PRO E 254 -24.07 20.87 -14.20
N LYS E 255 -25.04 20.20 -14.81
CA LYS E 255 -25.10 20.06 -16.26
C LYS E 255 -26.42 20.76 -16.57
N MET E 256 -26.40 21.91 -17.24
CA MET E 256 -27.65 22.65 -17.51
C MET E 256 -28.66 21.79 -18.26
N LEU E 257 -28.60 20.49 -18.00
CA LEU E 257 -29.43 19.49 -18.65
C LEU E 257 -30.68 19.07 -17.89
N GLU E 258 -30.58 17.92 -17.26
CA GLU E 258 -31.67 17.28 -16.53
C GLU E 258 -32.71 18.04 -15.71
N LEU E 259 -32.30 18.85 -14.75
CA LEU E 259 -33.27 19.54 -13.91
C LEU E 259 -33.80 20.86 -14.42
N SER E 260 -33.21 21.37 -15.48
CA SER E 260 -33.61 22.65 -16.05
C SER E 260 -35.04 22.63 -16.59
N ILE E 261 -35.60 21.44 -16.73
CA ILE E 261 -36.96 21.28 -17.22
C ILE E 261 -37.98 21.70 -16.15
N TYR E 262 -37.54 21.84 -14.90
CA TYR E 262 -38.43 22.22 -13.81
C TYR E 262 -38.42 23.70 -13.50
N GLU E 263 -37.69 24.47 -14.30
CA GLU E 263 -37.60 25.91 -14.06
C GLU E 263 -38.95 26.58 -13.93
N GLY E 264 -39.09 27.44 -12.91
CA GLY E 264 -40.34 28.17 -12.73
C GLY E 264 -41.42 27.61 -11.83
N ILE E 265 -41.38 26.32 -11.48
CA ILE E 265 -42.43 25.81 -10.60
C ILE E 265 -42.35 26.58 -9.28
N PRO E 266 -43.51 26.86 -8.69
CA PRO E 266 -43.58 27.61 -7.43
C PRO E 266 -42.86 27.02 -6.21
N HIS E 267 -42.53 25.73 -6.25
CA HIS E 267 -41.85 25.11 -5.11
C HIS E 267 -40.39 25.53 -4.97
N LEU E 268 -39.77 25.91 -6.09
CA LEU E 268 -38.38 26.33 -6.09
C LEU E 268 -38.13 27.54 -5.19
N LEU E 269 -37.07 27.46 -4.38
CA LEU E 269 -36.67 28.54 -3.47
C LEU E 269 -35.79 29.50 -4.23
N CYS E 270 -35.29 29.03 -5.36
CA CYS E 270 -34.44 29.84 -6.22
C CYS E 270 -34.43 29.15 -7.58
N PRO E 271 -33.86 29.80 -8.59
CA PRO E 271 -33.82 29.17 -9.92
C PRO E 271 -33.01 27.90 -9.84
N VAL E 272 -33.12 27.04 -10.84
CA VAL E 272 -32.35 25.79 -10.86
C VAL E 272 -30.88 26.23 -10.90
N VAL E 273 -30.12 25.87 -9.87
CA VAL E 273 -28.73 26.27 -9.76
C VAL E 273 -27.81 25.62 -10.79
N THR E 274 -27.22 26.49 -11.62
CA THR E 274 -26.33 26.09 -12.70
C THR E 274 -24.88 26.43 -12.43
N ASP E 275 -24.65 27.55 -11.74
CA ASP E 275 -23.30 27.97 -11.37
C ASP E 275 -22.92 27.22 -10.07
N MET E 276 -21.82 26.47 -10.10
CA MET E 276 -21.44 25.71 -8.91
C MET E 276 -21.07 26.54 -7.69
N LYS E 277 -20.48 27.71 -7.90
CA LYS E 277 -20.16 28.58 -6.78
C LYS E 277 -21.46 28.96 -6.08
N GLU E 278 -22.50 29.24 -6.87
CA GLU E 278 -23.82 29.57 -6.31
C GLU E 278 -24.41 28.37 -5.58
N ALA E 279 -24.20 27.17 -6.13
CA ALA E 279 -24.70 25.94 -5.52
C ALA E 279 -24.10 25.80 -4.14
N ALA E 280 -22.81 26.13 -4.02
CA ALA E 280 -22.13 26.04 -2.76
C ALA E 280 -22.86 26.94 -1.76
N ASN E 281 -23.28 28.13 -2.21
CA ASN E 281 -23.99 29.08 -1.36
C ASN E 281 -25.37 28.55 -0.97
N ALA E 282 -26.02 27.83 -1.89
CA ALA E 282 -27.34 27.29 -1.60
C ALA E 282 -27.19 26.30 -0.44
N LEU E 283 -26.08 25.56 -0.45
CA LEU E 283 -25.79 24.60 0.61
C LEU E 283 -25.51 25.36 1.92
N ARG E 284 -24.72 26.41 1.84
CA ARG E 284 -24.44 27.23 3.01
C ARG E 284 -25.77 27.78 3.54
N TRP E 285 -26.60 28.28 2.63
CA TRP E 285 -27.90 28.83 3.02
C TRP E 285 -28.69 27.78 3.78
N SER E 286 -28.66 26.55 3.29
CA SER E 286 -29.39 25.48 3.94
C SER E 286 -28.88 25.21 5.35
N VAL E 287 -27.57 25.32 5.54
CA VAL E 287 -27.05 25.07 6.88
C VAL E 287 -27.60 26.14 7.79
N ALA E 288 -27.64 27.36 7.31
CA ALA E 288 -28.14 28.47 8.10
C ALA E 288 -29.62 28.30 8.38
N GLU E 289 -30.39 28.01 7.33
CA GLU E 289 -31.81 27.84 7.49
C GLU E 289 -32.06 26.73 8.51
N MET E 290 -31.18 25.74 8.49
CA MET E 290 -31.29 24.61 9.42
C MET E 290 -31.06 25.09 10.83
N GLU E 291 -29.97 25.85 11.02
CA GLU E 291 -29.60 26.38 12.33
C GLU E 291 -30.70 27.28 12.88
N ARG E 292 -31.28 28.09 12.00
CA ARG E 292 -32.33 29.01 12.39
C ARG E 292 -33.57 28.25 12.85
N ARG E 293 -33.91 27.16 12.16
CA ARG E 293 -35.08 26.36 12.53
C ARG E 293 -34.86 25.71 13.87
N TYR E 294 -33.67 25.19 14.11
CA TYR E 294 -33.41 24.57 15.39
C TYR E 294 -33.58 25.58 16.49
N ARG E 295 -33.06 26.78 16.27
CA ARG E 295 -33.17 27.86 17.24
C ARG E 295 -34.63 28.16 17.52
N LEU E 296 -35.39 28.22 16.44
CA LEU E 296 -36.82 28.49 16.49
C LEU E 296 -37.51 27.43 17.36
N MET E 297 -37.41 26.17 16.92
CA MET E 297 -38.02 25.06 17.63
C MET E 297 -37.64 24.96 19.10
N ALA E 298 -36.41 25.33 19.43
CA ALA E 298 -35.98 25.29 20.82
C ALA E 298 -36.88 26.23 21.61
N ALA E 299 -37.02 27.45 21.11
CA ALA E 299 -37.84 28.48 21.76
C ALA E 299 -39.28 28.02 21.88
N MET E 300 -39.76 27.31 20.87
CA MET E 300 -41.14 26.84 20.85
C MET E 300 -41.37 25.62 21.72
N GLY E 301 -40.30 24.93 22.10
CA GLY E 301 -40.43 23.73 22.91
C GLY E 301 -40.92 22.58 22.05
N VAL E 302 -40.47 22.58 20.80
CA VAL E 302 -40.83 21.55 19.82
C VAL E 302 -39.59 20.75 19.41
N ARG E 303 -39.82 19.48 19.05
CA ARG E 303 -38.74 18.58 18.65
C ARG E 303 -38.43 18.55 17.16
N ASN E 304 -39.36 19.00 16.33
CA ASN E 304 -39.13 18.97 14.89
C ASN E 304 -40.14 19.77 14.10
N LEU E 305 -39.88 19.92 12.81
CA LEU E 305 -40.74 20.69 11.91
C LEU E 305 -42.20 20.34 12.09
N ALA E 306 -42.48 19.04 12.22
CA ALA E 306 -43.85 18.59 12.40
C ALA E 306 -44.46 19.23 13.66
N GLY E 307 -43.81 19.02 14.80
CA GLY E 307 -44.28 19.59 16.06
C GLY E 307 -44.38 21.10 16.00
N PHE E 308 -43.44 21.72 15.30
CA PHE E 308 -43.46 23.18 15.14
C PHE E 308 -44.76 23.55 14.44
N ASN E 309 -45.01 22.92 13.30
CA ASN E 309 -46.22 23.21 12.52
C ASN E 309 -47.54 22.93 13.23
N ARG E 310 -47.57 21.98 14.17
CA ARG E 310 -48.81 21.73 14.90
C ARG E 310 -49.03 22.96 15.76
N LYS E 311 -48.03 23.28 16.58
CA LYS E 311 -48.06 24.43 17.47
C LYS E 311 -48.63 25.66 16.73
N VAL E 312 -48.04 26.00 15.59
CA VAL E 312 -48.45 27.16 14.82
C VAL E 312 -49.85 27.03 14.22
N LYS E 313 -50.23 25.82 13.84
CA LYS E 313 -51.55 25.61 13.27
C LYS E 313 -52.60 25.74 14.37
N ASP E 314 -52.41 25.01 15.47
CA ASP E 314 -53.33 25.07 16.61
C ASP E 314 -53.57 26.52 16.99
N ALA E 315 -52.48 27.27 17.13
CA ALA E 315 -52.54 28.68 17.47
C ALA E 315 -53.49 29.43 16.54
N GLU E 316 -53.40 29.15 15.23
CA GLU E 316 -54.26 29.82 14.26
C GLU E 316 -55.72 29.36 14.37
N GLU E 317 -55.91 28.07 14.64
CA GLU E 317 -57.26 27.54 14.76
C GLU E 317 -57.89 28.02 16.06
N ALA E 318 -57.07 28.53 16.96
CA ALA E 318 -57.55 29.04 18.24
C ALA E 318 -57.54 30.57 18.22
N GLY E 319 -57.65 31.14 17.02
CA GLY E 319 -57.68 32.59 16.87
C GLY E 319 -56.48 33.37 17.40
N THR E 320 -55.68 32.74 18.27
CA THR E 320 -54.50 33.39 18.86
C THR E 320 -53.22 32.93 18.16
N PRO E 321 -52.94 33.46 16.95
CA PRO E 321 -51.73 33.06 16.24
C PRO E 321 -50.44 33.33 17.01
N LEU E 322 -49.43 32.50 16.78
CA LEU E 322 -48.15 32.66 17.46
C LEU E 322 -47.30 33.69 16.75
N THR E 323 -46.33 34.24 17.49
CA THR E 323 -45.44 35.26 16.93
C THR E 323 -43.98 34.83 17.06
N ASP E 324 -43.16 35.21 16.10
CA ASP E 324 -41.74 34.84 16.10
C ASP E 324 -41.04 35.13 17.44
N PRO E 325 -40.69 34.07 18.18
CA PRO E 325 -40.02 34.22 19.48
C PRO E 325 -38.56 34.64 19.35
N LEU E 326 -38.02 34.53 18.14
CA LEU E 326 -36.62 34.90 17.87
C LEU E 326 -36.53 36.32 17.33
N PHE E 327 -37.59 37.09 17.50
CA PHE E 327 -37.60 38.46 17.01
C PHE E 327 -36.96 39.41 18.01
N ARG E 328 -36.07 40.27 17.50
CA ARG E 328 -35.38 41.24 18.33
C ARG E 328 -35.78 42.68 17.96
N ARG E 329 -36.43 43.37 18.89
CA ARG E 329 -36.87 44.74 18.67
C ARG E 329 -35.67 45.66 18.50
N GLU E 330 -35.70 46.50 17.48
CA GLU E 330 -34.63 47.44 17.27
C GLU E 330 -35.18 48.85 17.35
N SER E 331 -36.52 48.93 17.38
CA SER E 331 -37.20 50.20 17.47
C SER E 331 -38.50 49.98 18.24
N PRO E 332 -39.04 51.03 18.87
CA PRO E 332 -40.28 50.86 19.62
C PRO E 332 -41.41 50.49 18.67
N ASP E 333 -41.20 50.80 17.40
CA ASP E 333 -42.16 50.52 16.34
C ASP E 333 -42.17 49.04 15.98
N ASP E 334 -41.00 48.49 15.69
CA ASP E 334 -40.88 47.07 15.34
C ASP E 334 -41.92 46.22 16.04
N GLU E 335 -42.62 45.40 15.29
CA GLU E 335 -43.62 44.50 15.86
C GLU E 335 -43.26 43.08 15.43
N PRO E 336 -43.32 42.15 16.38
CA PRO E 336 -42.99 40.74 16.11
C PRO E 336 -43.80 40.16 14.96
N PRO E 337 -43.14 39.76 13.88
CA PRO E 337 -43.92 39.18 12.77
C PRO E 337 -44.62 37.92 13.26
N GLN E 338 -45.72 37.56 12.61
CA GLN E 338 -46.48 36.37 13.00
C GLN E 338 -45.87 35.11 12.36
N LEU E 339 -45.90 34.00 13.09
CA LEU E 339 -45.37 32.74 12.57
C LEU E 339 -46.30 32.03 11.60
N SER E 340 -45.72 31.44 10.57
CA SER E 340 -46.50 30.68 9.61
C SER E 340 -45.82 29.33 9.48
N THR E 341 -46.57 28.30 9.05
CA THR E 341 -46.00 26.97 8.91
C THR E 341 -44.81 26.95 7.95
N LEU E 342 -43.80 26.17 8.30
CA LEU E 342 -42.59 26.04 7.48
C LEU E 342 -42.66 24.82 6.57
N PRO E 343 -42.17 24.96 5.34
CA PRO E 343 -42.19 23.86 4.38
C PRO E 343 -41.01 22.89 4.61
N THR E 344 -41.18 21.67 4.10
CA THR E 344 -40.12 20.68 4.17
C THR E 344 -39.22 21.11 3.01
N ILE E 345 -37.93 21.30 3.25
CA ILE E 345 -37.01 21.71 2.18
C ILE E 345 -36.32 20.47 1.62
N VAL E 346 -36.23 20.37 0.29
CA VAL E 346 -35.55 19.24 -0.33
C VAL E 346 -34.50 19.79 -1.27
N VAL E 347 -33.27 19.31 -1.10
CA VAL E 347 -32.17 19.75 -1.92
C VAL E 347 -31.75 18.57 -2.77
N VAL E 348 -31.88 18.71 -4.09
CA VAL E 348 -31.47 17.62 -4.96
C VAL E 348 -30.29 18.09 -5.83
N VAL E 349 -29.23 17.30 -5.84
CA VAL E 349 -28.05 17.61 -6.63
C VAL E 349 -27.97 16.51 -7.67
N ASP E 350 -28.25 16.88 -8.93
CA ASP E 350 -28.26 15.95 -10.03
C ASP E 350 -27.00 15.12 -10.22
N GLU E 351 -25.85 15.76 -10.17
CA GLU E 351 -24.56 15.07 -10.34
C GLU E 351 -23.56 15.65 -9.34
N PHE E 352 -23.71 15.28 -8.07
CA PHE E 352 -22.83 15.83 -7.05
C PHE E 352 -21.33 15.59 -7.27
N ALA E 353 -20.98 14.65 -8.14
CA ALA E 353 -19.55 14.43 -8.39
C ALA E 353 -19.03 15.65 -9.18
N ASP E 354 -19.87 16.21 -10.05
CA ASP E 354 -19.45 17.39 -10.80
C ASP E 354 -19.30 18.61 -9.88
N MET E 355 -20.22 18.75 -8.93
CA MET E 355 -20.17 19.88 -7.99
C MET E 355 -18.89 19.78 -7.17
N MET E 356 -18.55 18.55 -6.76
CA MET E 356 -17.34 18.34 -5.97
C MET E 356 -16.11 18.69 -6.81
N MET E 357 -16.13 18.24 -8.05
CA MET E 357 -15.00 18.52 -8.94
C MET E 357 -14.78 20.01 -9.21
N ILE E 358 -15.85 20.75 -9.49
CA ILE E 358 -15.70 22.16 -9.79
C ILE E 358 -15.43 23.00 -8.58
N VAL E 359 -16.10 22.71 -7.46
CA VAL E 359 -15.93 23.53 -6.26
C VAL E 359 -14.87 23.08 -5.26
N GLY E 360 -14.78 21.79 -4.95
CA GLY E 360 -13.76 21.36 -4.01
C GLY E 360 -14.22 20.71 -2.73
N LYS E 361 -13.27 20.52 -1.81
CA LYS E 361 -13.51 19.88 -0.52
C LYS E 361 -14.69 20.44 0.25
N LYS E 362 -15.00 21.72 0.06
CA LYS E 362 -16.10 22.35 0.78
C LYS E 362 -17.48 21.80 0.47
N VAL E 363 -17.65 21.22 -0.71
CA VAL E 363 -18.95 20.65 -1.07
C VAL E 363 -19.19 19.49 -0.13
N GLU E 364 -18.23 18.59 -0.09
CA GLU E 364 -18.29 17.42 0.77
C GLU E 364 -18.51 17.80 2.24
N GLU E 365 -17.83 18.84 2.71
CA GLU E 365 -17.99 19.29 4.09
C GLU E 365 -19.38 19.82 4.40
N LEU E 366 -19.96 20.57 3.47
CA LEU E 366 -21.29 21.13 3.62
C LEU E 366 -22.30 20.01 3.63
N ILE E 367 -22.18 19.09 2.67
CA ILE E 367 -23.10 17.94 2.61
C ILE E 367 -23.09 17.23 3.96
N ALA E 368 -21.91 16.92 4.48
CA ALA E 368 -21.77 16.23 5.77
C ALA E 368 -22.44 16.98 6.89
N ARG E 369 -22.27 18.30 6.89
CA ARG E 369 -22.84 19.15 7.91
C ARG E 369 -24.37 19.13 7.84
N ILE E 370 -24.93 19.18 6.63
CA ILE E 370 -26.37 19.14 6.42
C ILE E 370 -26.92 17.79 6.85
N ALA E 371 -26.34 16.74 6.29
CA ALA E 371 -26.76 15.37 6.55
C ALA E 371 -26.65 14.89 7.98
N GLN E 372 -25.78 15.52 8.77
CA GLN E 372 -25.59 15.12 10.16
C GLN E 372 -26.61 15.69 11.10
N LYS E 373 -27.27 16.77 10.71
CA LYS E 373 -28.20 17.45 11.62
C LYS E 373 -29.55 17.94 11.03
N ALA E 374 -29.66 18.03 9.71
CA ALA E 374 -30.86 18.53 9.05
C ALA E 374 -32.23 17.85 9.28
N ARG E 375 -32.25 16.54 9.52
CA ARG E 375 -33.52 15.82 9.69
C ARG E 375 -34.63 16.53 10.47
N ALA E 376 -34.47 16.63 11.79
CA ALA E 376 -35.47 17.24 12.65
C ALA E 376 -35.92 18.62 12.16
N ALA E 377 -35.06 19.31 11.41
CA ALA E 377 -35.43 20.63 10.93
C ALA E 377 -36.23 20.59 9.64
N GLY E 378 -36.41 19.40 9.06
CA GLY E 378 -37.18 19.30 7.84
C GLY E 378 -36.45 19.62 6.54
N ILE E 379 -35.12 19.54 6.54
CA ILE E 379 -34.36 19.78 5.32
C ILE E 379 -33.81 18.41 4.95
N HIS E 380 -34.00 18.00 3.69
CA HIS E 380 -33.55 16.69 3.24
C HIS E 380 -32.76 16.73 1.95
N LEU E 381 -31.78 15.83 1.87
CA LEU E 381 -30.87 15.73 0.74
C LEU E 381 -31.11 14.59 -0.24
N ILE E 382 -31.04 14.90 -1.54
CA ILE E 382 -31.16 13.87 -2.59
C ILE E 382 -29.88 14.09 -3.44
N LEU E 383 -28.90 13.19 -3.33
CA LEU E 383 -27.64 13.32 -4.06
C LEU E 383 -27.49 12.17 -5.05
N ALA E 384 -27.33 12.51 -6.33
CA ALA E 384 -27.21 11.49 -7.36
C ALA E 384 -25.94 11.68 -8.12
N THR E 385 -25.45 10.57 -8.67
CA THR E 385 -24.22 10.57 -9.44
C THR E 385 -24.16 9.33 -10.34
N GLN E 386 -23.38 9.45 -11.41
CA GLN E 386 -23.18 8.35 -12.35
C GLN E 386 -21.77 7.82 -12.17
N ARG E 387 -21.03 8.45 -11.26
CA ARG E 387 -19.65 8.10 -10.95
C ARG E 387 -19.52 7.57 -9.52
N PRO E 388 -20.08 6.38 -9.23
CA PRO E 388 -19.99 5.83 -7.87
C PRO E 388 -18.58 5.32 -7.52
N SER E 389 -17.69 6.24 -7.18
CA SER E 389 -16.34 5.85 -6.82
C SER E 389 -16.03 6.23 -5.38
N VAL E 390 -14.92 5.72 -4.86
CA VAL E 390 -14.54 6.02 -3.49
C VAL E 390 -14.23 7.51 -3.35
N ASP E 391 -13.86 8.14 -4.46
CA ASP E 391 -13.53 9.56 -4.46
C ASP E 391 -14.77 10.42 -4.39
N VAL E 392 -15.88 9.89 -4.90
CA VAL E 392 -17.13 10.63 -4.91
C VAL E 392 -18.01 10.33 -3.69
N ILE E 393 -18.47 9.08 -3.58
CA ILE E 393 -19.29 8.69 -2.43
C ILE E 393 -18.30 8.39 -1.32
N THR E 394 -17.80 9.45 -0.71
CA THR E 394 -16.81 9.36 0.34
C THR E 394 -17.37 9.05 1.73
N GLY E 395 -16.45 8.89 2.68
CA GLY E 395 -16.82 8.58 4.04
C GLY E 395 -17.61 9.73 4.60
N LEU E 396 -17.14 10.95 4.33
CA LEU E 396 -17.84 12.11 4.83
C LEU E 396 -19.27 12.12 4.30
N ILE E 397 -19.42 11.98 2.99
CA ILE E 397 -20.75 11.97 2.37
C ILE E 397 -21.60 10.85 2.95
N LYS E 398 -21.05 9.65 3.00
CA LYS E 398 -21.78 8.48 3.52
C LYS E 398 -22.13 8.52 4.99
N ALA E 399 -21.24 9.10 5.80
CA ALA E 399 -21.41 9.19 7.26
C ALA E 399 -22.84 9.17 7.78
N ASN E 400 -23.65 10.15 7.37
CA ASN E 400 -25.03 10.21 7.84
C ASN E 400 -26.13 10.13 6.79
N ILE E 401 -25.85 9.47 5.68
CA ILE E 401 -26.83 9.25 4.62
C ILE E 401 -26.92 7.72 4.49
N PRO E 402 -27.58 7.08 5.45
CA PRO E 402 -27.74 5.61 5.49
C PRO E 402 -28.60 4.97 4.39
N THR E 403 -29.50 5.75 3.80
CA THR E 403 -30.36 5.24 2.75
C THR E 403 -29.71 5.34 1.35
N ARG E 404 -29.69 4.22 0.64
CA ARG E 404 -29.07 4.19 -0.67
C ARG E 404 -29.96 3.56 -1.75
N ILE E 405 -29.91 4.12 -2.97
CA ILE E 405 -30.65 3.56 -4.10
C ILE E 405 -29.58 3.37 -5.16
N ALA E 406 -29.54 2.20 -5.74
CA ALA E 406 -28.55 1.96 -6.76
C ALA E 406 -29.18 1.35 -7.99
N PHE E 407 -28.99 2.03 -9.13
CA PHE E 407 -29.48 1.52 -10.38
C PHE E 407 -28.30 0.69 -10.88
N GLN E 408 -28.31 0.28 -12.15
CA GLN E 408 -27.21 -0.54 -12.62
C GLN E 408 -25.90 0.23 -12.65
N VAL E 409 -24.87 -0.42 -12.13
CA VAL E 409 -23.53 0.16 -12.08
C VAL E 409 -22.59 -0.77 -12.85
N SER E 410 -21.43 -0.25 -13.23
CA SER E 410 -20.48 -1.02 -14.01
C SER E 410 -19.83 -2.24 -13.36
N SER E 411 -19.64 -2.26 -12.04
CA SER E 411 -18.99 -3.42 -11.42
C SER E 411 -19.31 -3.64 -9.95
N LYS E 412 -18.90 -4.79 -9.39
CA LYS E 412 -19.15 -5.06 -7.97
C LYS E 412 -18.52 -3.98 -7.13
N ILE E 413 -17.35 -3.53 -7.57
CA ILE E 413 -16.63 -2.48 -6.86
C ILE E 413 -17.53 -1.26 -6.76
N ASP E 414 -18.05 -0.81 -7.90
CA ASP E 414 -18.94 0.34 -7.94
C ASP E 414 -20.14 0.12 -7.03
N SER E 415 -20.71 -1.09 -7.10
CA SER E 415 -21.88 -1.46 -6.31
C SER E 415 -21.59 -1.23 -4.84
N ARG E 416 -20.45 -1.73 -4.40
CA ARG E 416 -20.03 -1.61 -3.01
C ARG E 416 -19.87 -0.14 -2.62
N THR E 417 -19.37 0.67 -3.54
CA THR E 417 -19.18 2.08 -3.26
C THR E 417 -20.49 2.77 -2.83
N ILE E 418 -21.58 2.37 -3.47
CA ILE E 418 -22.87 2.97 -3.17
C ILE E 418 -23.69 2.17 -2.15
N LEU E 419 -23.69 0.84 -2.25
CA LEU E 419 -24.46 0.00 -1.33
C LEU E 419 -23.68 -0.69 -0.21
N ASP E 420 -22.34 -0.60 -0.27
CA ASP E 420 -21.46 -1.23 0.72
C ASP E 420 -21.84 -2.69 0.60
N GLN E 421 -22.00 -3.14 -0.63
CA GLN E 421 -22.47 -4.50 -0.87
C GLN E 421 -22.54 -4.76 -2.39
N GLY E 422 -22.20 -5.97 -2.83
CA GLY E 422 -22.25 -6.26 -4.25
C GLY E 422 -23.68 -6.46 -4.71
N GLY E 423 -23.92 -6.41 -6.02
CA GLY E 423 -25.27 -6.62 -6.50
C GLY E 423 -25.78 -5.66 -7.58
N ALA E 424 -25.59 -4.37 -7.36
CA ALA E 424 -26.06 -3.39 -8.33
C ALA E 424 -25.50 -3.64 -9.74
N GLU E 425 -24.44 -4.43 -9.84
CA GLU E 425 -23.87 -4.72 -11.17
C GLU E 425 -24.74 -5.74 -11.92
N GLN E 426 -25.52 -6.50 -11.15
CA GLN E 426 -26.40 -7.53 -11.67
C GLN E 426 -27.75 -7.00 -12.14
N LEU E 427 -27.98 -5.70 -11.94
CA LEU E 427 -29.24 -5.09 -12.35
C LEU E 427 -29.42 -5.06 -13.90
N LEU E 428 -30.67 -5.03 -14.34
CA LEU E 428 -30.98 -5.05 -15.76
C LEU E 428 -31.05 -3.73 -16.52
N GLY E 429 -30.77 -2.62 -15.86
CA GLY E 429 -30.88 -1.35 -16.56
C GLY E 429 -32.34 -0.93 -16.66
N HIS E 430 -32.59 0.17 -17.36
CA HIS E 430 -33.95 0.69 -17.50
C HIS E 430 -34.76 0.74 -16.21
N GLY E 431 -34.21 1.40 -15.21
CA GLY E 431 -34.92 1.55 -13.94
C GLY E 431 -34.84 0.43 -12.91
N ASP E 432 -34.16 -0.67 -13.25
CA ASP E 432 -34.01 -1.77 -12.29
C ASP E 432 -33.08 -1.21 -11.19
N MET E 433 -33.48 -1.34 -9.94
CA MET E 433 -32.66 -0.81 -8.87
C MET E 433 -32.66 -1.66 -7.58
N LEU E 434 -31.71 -1.36 -6.71
CA LEU E 434 -31.62 -2.00 -5.40
C LEU E 434 -31.81 -0.86 -4.41
N TYR E 435 -32.89 -0.91 -3.64
CA TYR E 435 -33.18 0.14 -2.65
C TYR E 435 -32.71 -0.37 -1.27
N LEU E 436 -31.83 0.39 -0.65
CA LEU E 436 -31.30 -0.01 0.65
C LEU E 436 -31.60 0.92 1.79
N PRO E 437 -32.69 0.68 2.52
CA PRO E 437 -33.05 1.53 3.65
C PRO E 437 -32.06 1.30 4.79
N PRO E 438 -32.08 2.16 5.80
CA PRO E 438 -31.16 2.00 6.94
C PRO E 438 -31.24 0.70 7.73
N GLY E 439 -30.11 0.35 8.33
CA GLY E 439 -30.01 -0.84 9.16
C GLY E 439 -29.67 -2.11 8.42
N THR E 440 -29.61 -3.22 9.16
CA THR E 440 -29.35 -4.54 8.58
C THR E 440 -30.54 -4.76 7.64
N GLY E 441 -30.54 -5.86 6.92
CA GLY E 441 -31.66 -6.07 6.03
C GLY E 441 -31.17 -5.99 4.61
N LEU E 442 -31.60 -6.98 3.84
CA LEU E 442 -31.21 -7.08 2.45
C LEU E 442 -31.88 -6.03 1.62
N PRO E 443 -31.14 -5.45 0.67
CA PRO E 443 -31.74 -4.42 -0.17
C PRO E 443 -33.01 -4.95 -0.84
N ILE E 444 -33.92 -4.06 -1.14
CA ILE E 444 -35.18 -4.40 -1.80
C ILE E 444 -35.03 -4.10 -3.29
N ARG E 445 -35.19 -5.13 -4.13
CA ARG E 445 -35.10 -4.91 -5.57
C ARG E 445 -36.37 -4.17 -6.01
N VAL E 446 -36.20 -3.11 -6.78
CA VAL E 446 -37.35 -2.35 -7.26
C VAL E 446 -37.24 -2.04 -8.73
N HIS E 447 -38.33 -2.26 -9.46
CA HIS E 447 -38.36 -1.99 -10.89
C HIS E 447 -38.96 -0.60 -11.00
N GLY E 448 -38.08 0.37 -11.19
CA GLY E 448 -38.50 1.75 -11.28
C GLY E 448 -39.58 2.04 -12.29
N ALA E 449 -40.47 2.95 -11.92
CA ALA E 449 -41.55 3.34 -12.79
C ALA E 449 -41.01 4.23 -13.91
N PHE E 450 -41.63 4.16 -15.07
CA PHE E 450 -41.20 4.98 -16.19
C PHE E 450 -42.02 6.28 -16.27
N VAL E 451 -41.32 7.39 -16.41
CA VAL E 451 -41.97 8.67 -16.52
C VAL E 451 -41.30 9.43 -17.66
N SER E 452 -42.12 9.69 -18.68
CA SER E 452 -41.70 10.38 -19.90
C SER E 452 -41.49 11.86 -19.69
N ASP E 453 -40.73 12.45 -20.61
CA ASP E 453 -40.45 13.88 -20.55
C ASP E 453 -41.74 14.66 -20.72
N ASP E 454 -42.73 14.01 -21.32
CA ASP E 454 -44.03 14.64 -21.53
C ASP E 454 -44.75 14.69 -20.19
N GLU E 455 -44.87 13.53 -19.54
CA GLU E 455 -45.53 13.47 -18.26
C GLU E 455 -44.92 14.54 -17.32
N VAL E 456 -43.59 14.69 -17.37
CA VAL E 456 -42.95 15.69 -16.53
C VAL E 456 -43.30 17.11 -17.01
N HIS E 457 -43.04 17.37 -18.29
CA HIS E 457 -43.34 18.67 -18.89
C HIS E 457 -44.78 19.08 -18.56
N ARG E 458 -45.66 18.08 -18.56
CA ARG E 458 -47.08 18.27 -18.26
C ARG E 458 -47.29 18.74 -16.83
N VAL E 459 -46.80 17.96 -15.87
CA VAL E 459 -46.95 18.29 -14.44
C VAL E 459 -46.33 19.63 -14.11
N VAL E 460 -45.28 20.00 -14.84
CA VAL E 460 -44.62 21.28 -14.59
C VAL E 460 -45.59 22.39 -14.95
N GLU E 461 -46.05 22.39 -16.20
CA GLU E 461 -47.00 23.39 -16.68
C GLU E 461 -48.21 23.51 -15.76
N ALA E 462 -48.70 22.36 -15.29
CA ALA E 462 -49.85 22.30 -14.39
C ALA E 462 -49.56 23.11 -13.13
N TRP E 463 -48.33 23.03 -12.63
CA TRP E 463 -47.94 23.77 -11.44
C TRP E 463 -47.63 25.22 -11.74
N LYS E 464 -47.02 25.49 -12.91
CA LYS E 464 -46.70 26.86 -13.28
C LYS E 464 -47.98 27.67 -13.37
N LEU E 465 -49.08 27.00 -13.70
CA LEU E 465 -50.37 27.67 -13.78
C LEU E 465 -50.84 27.98 -12.36
N ARG E 466 -50.75 27.00 -11.48
CA ARG E 466 -51.18 27.15 -10.10
C ARG E 466 -50.40 28.18 -9.29
N GLY E 467 -49.40 28.81 -9.89
CA GLY E 467 -48.64 29.80 -9.16
C GLY E 467 -47.31 30.16 -9.77
N ALA E 468 -46.81 31.35 -9.43
CA ALA E 468 -45.53 31.83 -9.94
C ALA E 468 -44.41 31.51 -8.96
N PRO E 469 -43.16 31.49 -9.47
CA PRO E 469 -41.96 31.20 -8.67
C PRO E 469 -41.66 32.23 -7.58
N ASP E 470 -41.72 31.79 -6.32
CA ASP E 470 -41.45 32.69 -5.20
C ASP E 470 -40.01 32.55 -4.71
N TYR E 471 -39.07 33.10 -5.46
CA TYR E 471 -37.65 33.02 -5.12
C TYR E 471 -37.21 33.87 -3.94
N ILE E 472 -36.08 33.48 -3.34
CA ILE E 472 -35.46 34.20 -2.23
C ILE E 472 -34.04 34.49 -2.72
N GLU E 473 -33.89 35.42 -3.65
CA GLU E 473 -32.58 35.76 -4.22
C GLU E 473 -31.43 35.70 -3.22
N ASP E 474 -31.78 35.88 -1.95
CA ASP E 474 -30.85 35.84 -0.84
C ASP E 474 -30.03 34.53 -0.83
N ILE E 475 -30.72 33.42 -1.07
CA ILE E 475 -30.13 32.08 -1.07
C ILE E 475 -28.93 31.79 -1.98
N LEU E 476 -28.97 32.23 -3.23
CA LEU E 476 -27.86 31.96 -4.15
C LEU E 476 -26.67 32.90 -3.97
N ALA E 477 -26.83 33.91 -3.12
CA ALA E 477 -25.76 34.88 -2.86
C ALA E 477 -25.35 34.85 -1.39
N LEU F 70 -17.34 22.13 -51.50
CA LEU F 70 -17.11 20.95 -50.62
C LEU F 70 -16.40 19.81 -51.38
N PRO F 71 -15.14 19.47 -51.00
CA PRO F 71 -14.35 18.41 -51.66
C PRO F 71 -15.09 17.08 -51.92
N PRO F 72 -14.82 16.47 -53.09
CA PRO F 72 -15.39 15.21 -53.59
C PRO F 72 -14.71 13.94 -53.10
N LEU F 73 -15.51 12.94 -52.80
CA LEU F 73 -15.01 11.64 -52.32
C LEU F 73 -14.11 11.01 -53.39
N SER F 74 -14.08 11.67 -54.54
CA SER F 74 -13.28 11.23 -55.69
C SER F 74 -11.80 11.31 -55.37
N LEU F 75 -11.45 12.12 -54.39
CA LEU F 75 -10.06 12.29 -53.99
C LEU F 75 -9.50 11.06 -53.29
N LEU F 76 -10.40 10.16 -52.87
CA LEU F 76 -9.99 8.94 -52.17
C LEU F 76 -9.67 7.73 -53.05
N ASP F 77 -8.57 7.05 -52.76
CA ASP F 77 -8.19 5.87 -53.51
C ASP F 77 -9.36 4.89 -53.47
N PRO F 78 -9.56 4.15 -54.56
CA PRO F 78 -10.65 3.16 -54.73
C PRO F 78 -10.48 1.86 -53.95
N ALA F 79 -11.60 1.20 -53.69
CA ALA F 79 -11.59 -0.07 -52.96
C ALA F 79 -10.86 -1.12 -53.78
N GLU F 80 -9.73 -1.59 -53.28
CA GLU F 80 -8.92 -2.60 -53.95
C GLU F 80 -9.71 -3.90 -54.13
N VAL F 81 -9.37 -4.68 -55.15
CA VAL F 81 -10.07 -5.94 -55.44
C VAL F 81 -10.24 -6.83 -54.21
N LYS F 82 -11.47 -6.88 -53.70
CA LYS F 82 -11.76 -7.69 -52.52
C LYS F 82 -11.68 -9.18 -52.81
N GLN F 83 -10.47 -9.70 -52.88
CA GLN F 83 -10.30 -11.14 -53.13
C GLN F 83 -10.51 -11.89 -51.82
N LYS F 84 -11.78 -12.00 -51.44
CA LYS F 84 -12.20 -12.66 -50.20
C LYS F 84 -12.70 -14.08 -50.48
N SER F 85 -13.88 -14.39 -49.92
CA SER F 85 -14.54 -15.68 -50.07
C SER F 85 -13.74 -16.88 -49.58
N TYR F 86 -14.26 -17.53 -48.54
CA TYR F 86 -13.64 -18.72 -47.99
C TYR F 86 -14.60 -19.86 -48.27
N SER F 87 -14.23 -20.75 -49.19
CA SER F 87 -15.09 -21.87 -49.55
C SER F 87 -15.76 -22.48 -48.34
N PRO F 88 -17.05 -22.84 -48.47
CA PRO F 88 -17.82 -23.44 -47.38
C PRO F 88 -17.04 -24.58 -46.74
N GLU F 89 -16.18 -25.21 -47.54
CA GLU F 89 -15.34 -26.31 -47.09
C GLU F 89 -14.20 -25.81 -46.20
N SER F 90 -13.56 -24.72 -46.60
CA SER F 90 -12.48 -24.16 -45.80
C SER F 90 -13.00 -23.81 -44.41
N LEU F 91 -14.07 -23.04 -44.38
CA LEU F 91 -14.66 -22.63 -43.12
C LEU F 91 -15.03 -23.84 -42.28
N GLU F 92 -15.56 -24.87 -42.92
CA GLU F 92 -15.95 -26.07 -42.19
C GLU F 92 -14.73 -26.81 -41.67
N ALA F 93 -13.60 -26.69 -42.37
CA ALA F 93 -12.38 -27.34 -41.95
C ALA F 93 -11.90 -26.66 -40.67
N MET F 94 -11.75 -25.34 -40.73
CA MET F 94 -11.30 -24.57 -39.57
C MET F 94 -12.20 -24.85 -38.36
N SER F 95 -13.50 -24.97 -38.60
CA SER F 95 -14.46 -25.25 -37.53
C SER F 95 -14.10 -26.54 -36.77
N ARG F 96 -13.79 -27.59 -37.50
CA ARG F 96 -13.43 -28.86 -36.87
C ARG F 96 -12.08 -28.72 -36.20
N LEU F 97 -11.18 -27.97 -36.83
CA LEU F 97 -9.85 -27.75 -36.27
C LEU F 97 -10.03 -27.13 -34.87
N LEU F 98 -10.81 -26.04 -34.84
CA LEU F 98 -11.09 -25.33 -33.58
C LEU F 98 -11.57 -26.36 -32.56
N GLU F 99 -12.62 -27.09 -32.91
CA GLU F 99 -13.19 -28.09 -32.02
C GLU F 99 -12.09 -29.03 -31.51
N ILE F 100 -11.30 -29.55 -32.45
CA ILE F 100 -10.23 -30.48 -32.09
C ILE F 100 -9.26 -29.87 -31.08
N LYS F 101 -8.68 -28.73 -31.44
CA LYS F 101 -7.71 -28.06 -30.58
C LYS F 101 -8.23 -27.77 -29.17
N LEU F 102 -9.46 -27.26 -29.06
CA LEU F 102 -10.03 -26.99 -27.75
C LEU F 102 -10.17 -28.31 -26.97
N LYS F 103 -10.50 -29.36 -27.73
CA LYS F 103 -10.67 -30.69 -27.17
C LYS F 103 -9.32 -31.20 -26.68
N GLU F 104 -8.26 -30.89 -27.41
CA GLU F 104 -6.93 -31.33 -27.00
C GLU F 104 -6.63 -30.74 -25.61
N PHE F 105 -7.10 -29.52 -25.40
CA PHE F 105 -6.94 -28.88 -24.11
C PHE F 105 -8.16 -29.36 -23.34
N GLY F 106 -8.45 -28.76 -22.21
CA GLY F 106 -9.60 -29.24 -21.47
C GLY F 106 -11.00 -29.29 -22.08
N VAL F 107 -11.44 -28.16 -22.64
CA VAL F 107 -12.80 -28.00 -23.18
C VAL F 107 -13.28 -28.71 -24.42
N GLU F 108 -14.53 -29.14 -24.32
CA GLU F 108 -15.23 -29.82 -25.40
C GLU F 108 -16.33 -28.88 -25.85
N VAL F 109 -16.22 -28.40 -27.09
CA VAL F 109 -17.23 -27.49 -27.59
C VAL F 109 -17.52 -27.83 -29.05
N SER F 110 -18.55 -27.22 -29.63
CA SER F 110 -18.88 -27.48 -31.02
C SER F 110 -19.31 -26.20 -31.73
N VAL F 111 -18.77 -25.98 -32.94
CA VAL F 111 -19.09 -24.79 -33.69
C VAL F 111 -20.57 -24.77 -34.03
N ASP F 112 -21.19 -23.63 -33.79
CA ASP F 112 -22.62 -23.44 -34.01
C ASP F 112 -22.85 -22.63 -35.28
N SER F 113 -21.86 -21.84 -35.66
CA SER F 113 -21.95 -21.02 -36.85
C SER F 113 -20.67 -20.26 -37.10
N VAL F 114 -20.43 -19.92 -38.37
CA VAL F 114 -19.24 -19.19 -38.75
C VAL F 114 -19.62 -17.92 -39.47
N HIS F 115 -18.91 -16.84 -39.16
CA HIS F 115 -19.20 -15.53 -39.74
C HIS F 115 -17.88 -14.90 -40.17
N PRO F 116 -17.50 -15.09 -41.45
CA PRO F 116 -16.23 -14.52 -41.95
C PRO F 116 -16.35 -13.02 -42.17
N GLY F 117 -15.20 -12.35 -42.13
CA GLY F 117 -15.16 -10.90 -42.31
C GLY F 117 -13.87 -10.48 -42.94
N PRO F 118 -13.65 -9.17 -43.10
CA PRO F 118 -12.44 -8.59 -43.70
C PRO F 118 -11.13 -8.93 -43.00
N VAL F 119 -11.12 -8.83 -41.68
CA VAL F 119 -9.91 -9.09 -40.92
C VAL F 119 -9.94 -10.39 -40.12
N ILE F 120 -11.08 -10.72 -39.52
CA ILE F 120 -11.14 -11.98 -38.76
C ILE F 120 -12.44 -12.69 -39.08
N THR F 121 -12.61 -13.88 -38.49
CA THR F 121 -13.81 -14.67 -38.70
C THR F 121 -14.23 -15.15 -37.31
N ARG F 122 -15.49 -14.89 -36.98
CA ARG F 122 -16.03 -15.30 -35.71
C ARG F 122 -16.70 -16.65 -35.79
N PHE F 123 -16.30 -17.53 -34.88
CA PHE F 123 -16.90 -18.87 -34.81
C PHE F 123 -17.71 -18.93 -33.54
N GLU F 124 -19.03 -18.90 -33.66
CA GLU F 124 -19.84 -18.98 -32.46
C GLU F 124 -19.85 -20.44 -32.08
N ILE F 125 -19.29 -20.77 -30.92
CA ILE F 125 -19.26 -22.17 -30.48
C ILE F 125 -20.22 -22.37 -29.32
N GLN F 126 -20.71 -23.60 -29.19
CA GLN F 126 -21.64 -23.94 -28.13
C GLN F 126 -20.91 -24.87 -27.14
N PRO F 127 -20.54 -24.34 -25.95
CA PRO F 127 -19.84 -25.10 -24.90
C PRO F 127 -20.65 -26.29 -24.44
N ALA F 128 -19.96 -27.40 -24.18
CA ALA F 128 -20.61 -28.62 -23.70
C ALA F 128 -21.23 -28.37 -22.32
N ALA F 129 -22.00 -29.32 -21.84
CA ALA F 129 -22.64 -29.17 -20.52
C ALA F 129 -21.58 -29.01 -19.43
N GLY F 130 -21.81 -28.05 -18.55
CA GLY F 130 -20.89 -27.82 -17.44
C GLY F 130 -19.61 -27.03 -17.68
N VAL F 131 -19.20 -26.80 -18.94
CA VAL F 131 -17.96 -26.04 -19.15
C VAL F 131 -18.22 -24.55 -18.99
N LYS F 132 -17.35 -23.89 -18.21
CA LYS F 132 -17.46 -22.44 -17.97
C LYS F 132 -16.60 -21.63 -18.93
N VAL F 133 -17.16 -20.52 -19.40
CA VAL F 133 -16.49 -19.65 -20.35
C VAL F 133 -15.05 -19.31 -19.99
N SER F 134 -14.82 -19.07 -18.70
CA SER F 134 -13.48 -18.70 -18.25
C SER F 134 -12.45 -19.68 -18.77
N ARG F 135 -12.82 -20.95 -18.78
CA ARG F 135 -11.91 -21.98 -19.26
C ARG F 135 -11.50 -21.64 -20.68
N ILE F 136 -12.46 -21.30 -21.53
CA ILE F 136 -12.19 -20.94 -22.93
C ILE F 136 -11.28 -19.72 -22.97
N SER F 137 -11.73 -18.62 -22.36
CA SER F 137 -10.94 -17.39 -22.33
C SER F 137 -9.50 -17.65 -21.87
N ASN F 138 -9.37 -18.40 -20.79
CA ASN F 138 -8.07 -18.71 -20.21
C ASN F 138 -7.02 -19.31 -21.10
N LEU F 139 -7.42 -20.07 -22.13
CA LEU F 139 -6.37 -20.60 -22.98
C LEU F 139 -6.44 -20.05 -24.39
N ALA F 140 -6.63 -18.73 -24.47
CA ALA F 140 -6.69 -18.05 -25.75
C ALA F 140 -5.27 -17.97 -26.27
N LYS F 141 -4.31 -17.86 -25.35
CA LYS F 141 -2.90 -17.75 -25.73
C LYS F 141 -2.43 -19.05 -26.36
N ASP F 142 -2.76 -20.17 -25.73
CA ASP F 142 -2.35 -21.46 -26.25
C ASP F 142 -3.15 -21.84 -27.49
N LEU F 143 -4.47 -21.60 -27.47
CA LEU F 143 -5.29 -21.93 -28.64
C LEU F 143 -4.70 -21.22 -29.85
N ALA F 144 -4.38 -19.94 -29.66
CA ALA F 144 -3.80 -19.12 -30.71
C ALA F 144 -2.59 -19.81 -31.32
N ARG F 145 -1.71 -20.31 -30.46
CA ARG F 145 -0.50 -20.98 -30.94
C ARG F 145 -0.84 -22.26 -31.68
N SER F 146 -1.70 -23.10 -31.09
CA SER F 146 -2.05 -24.36 -31.75
C SER F 146 -2.68 -24.09 -33.13
N LEU F 147 -3.27 -22.91 -33.30
CA LEU F 147 -3.89 -22.56 -34.58
C LEU F 147 -2.93 -21.75 -35.45
N ALA F 148 -1.71 -21.54 -34.96
CA ALA F 148 -0.71 -20.77 -35.69
C ALA F 148 -1.15 -19.35 -36.07
N VAL F 149 -2.00 -18.74 -35.24
CA VAL F 149 -2.45 -17.37 -35.47
C VAL F 149 -1.82 -16.52 -34.36
N ILE F 150 -1.56 -15.26 -34.65
CA ILE F 150 -0.93 -14.40 -33.66
C ILE F 150 -1.69 -14.23 -32.35
N SER F 151 -3.02 -14.33 -32.41
CA SER F 151 -3.86 -14.18 -31.21
C SER F 151 -5.29 -14.51 -31.57
N VAL F 152 -6.12 -14.72 -30.58
CA VAL F 152 -7.50 -15.05 -30.83
C VAL F 152 -8.33 -14.31 -29.78
N ARG F 153 -9.49 -13.82 -30.16
CA ARG F 153 -10.32 -13.05 -29.24
C ARG F 153 -11.57 -13.80 -28.80
N VAL F 154 -11.70 -14.05 -27.49
CA VAL F 154 -12.85 -14.77 -26.94
C VAL F 154 -13.97 -13.82 -26.51
N VAL F 155 -15.09 -13.83 -27.21
CA VAL F 155 -16.21 -12.98 -26.85
C VAL F 155 -17.13 -13.80 -25.94
N GLU F 156 -16.98 -13.61 -24.63
CA GLU F 156 -17.74 -14.36 -23.63
C GLU F 156 -19.25 -14.33 -23.70
N VAL F 157 -19.82 -13.32 -24.35
CA VAL F 157 -21.27 -13.25 -24.44
C VAL F 157 -21.79 -12.72 -25.77
N ILE F 158 -22.71 -13.48 -26.34
CA ILE F 158 -23.34 -13.13 -27.61
C ILE F 158 -24.84 -12.98 -27.32
N PRO F 159 -25.30 -11.73 -27.21
CA PRO F 159 -26.68 -11.37 -26.93
C PRO F 159 -27.75 -12.29 -27.49
N GLY F 160 -28.62 -12.78 -26.60
CA GLY F 160 -29.71 -13.65 -27.00
C GLY F 160 -29.35 -15.13 -27.14
N LYS F 161 -28.15 -15.41 -27.61
CA LYS F 161 -27.73 -16.79 -27.79
C LYS F 161 -27.05 -17.35 -26.54
N THR F 162 -26.88 -18.67 -26.50
CA THR F 162 -26.23 -19.32 -25.37
C THR F 162 -24.82 -19.68 -25.78
N THR F 163 -24.41 -19.19 -26.94
CA THR F 163 -23.09 -19.47 -27.47
C THR F 163 -22.05 -18.45 -27.04
N VAL F 164 -20.80 -18.81 -27.31
CA VAL F 164 -19.64 -17.99 -27.01
C VAL F 164 -19.00 -17.76 -28.38
N GLY F 165 -18.22 -16.70 -28.54
CA GLY F 165 -17.59 -16.46 -29.81
C GLY F 165 -16.07 -16.46 -29.79
N ILE F 166 -15.47 -16.94 -30.87
CA ILE F 166 -14.01 -16.94 -30.99
C ILE F 166 -13.65 -16.32 -32.33
N GLU F 167 -12.99 -15.17 -32.28
CA GLU F 167 -12.60 -14.44 -33.46
C GLU F 167 -11.16 -14.71 -33.84
N ILE F 168 -10.99 -15.49 -34.90
CA ILE F 168 -9.66 -15.87 -35.40
C ILE F 168 -9.20 -15.00 -36.58
N PRO F 169 -7.94 -14.57 -36.56
CA PRO F 169 -7.43 -13.74 -37.65
C PRO F 169 -7.38 -14.50 -38.97
N ASN F 170 -7.90 -13.89 -40.03
CA ASN F 170 -7.87 -14.52 -41.35
C ASN F 170 -6.42 -14.55 -41.84
N GLU F 171 -6.07 -15.60 -42.59
CA GLU F 171 -4.71 -15.70 -43.11
C GLU F 171 -4.35 -14.48 -43.92
N ASP F 172 -5.29 -14.04 -44.76
CA ASP F 172 -5.08 -12.87 -45.59
C ASP F 172 -6.07 -11.81 -45.16
N ARG F 173 -5.56 -10.79 -44.49
CA ARG F 173 -6.40 -9.69 -44.04
C ARG F 173 -6.66 -8.80 -45.23
N GLN F 174 -7.92 -8.60 -45.57
CA GLN F 174 -8.19 -7.73 -46.70
C GLN F 174 -8.38 -6.34 -46.10
N MET F 175 -7.72 -5.37 -46.71
CA MET F 175 -7.74 -4.00 -46.25
C MET F 175 -9.10 -3.31 -46.36
N VAL F 176 -9.27 -2.23 -45.61
CA VAL F 176 -10.49 -1.45 -45.64
C VAL F 176 -10.07 -0.05 -46.04
N ARG F 177 -10.52 0.39 -47.22
CA ARG F 177 -10.18 1.72 -47.73
C ARG F 177 -11.16 2.74 -47.19
N PHE F 178 -10.65 3.93 -46.86
CA PHE F 178 -11.51 4.97 -46.32
C PHE F 178 -12.72 5.20 -47.25
N SER F 179 -12.47 5.27 -48.56
CA SER F 179 -13.54 5.50 -49.54
C SER F 179 -14.65 4.45 -49.43
N GLU F 180 -14.24 3.25 -49.06
CA GLU F 180 -15.12 2.10 -48.88
C GLU F 180 -16.07 2.30 -47.70
N VAL F 181 -15.73 3.24 -46.83
CA VAL F 181 -16.53 3.50 -45.65
C VAL F 181 -17.43 4.71 -45.83
N LEU F 182 -16.85 5.81 -46.32
CA LEU F 182 -17.61 7.04 -46.54
C LEU F 182 -18.66 6.89 -47.64
N SER F 183 -18.53 5.83 -48.45
CA SER F 183 -19.47 5.58 -49.53
C SER F 183 -20.82 5.10 -48.99
N SER F 184 -20.82 4.58 -47.76
CA SER F 184 -22.02 4.06 -47.15
C SER F 184 -23.15 5.09 -47.05
N PRO F 185 -24.39 4.61 -47.00
CA PRO F 185 -25.52 5.53 -46.89
C PRO F 185 -25.58 6.16 -45.50
N GLU F 186 -25.06 5.43 -44.50
CA GLU F 186 -25.06 5.92 -43.12
C GLU F 186 -24.25 7.20 -43.02
N TYR F 187 -23.09 7.22 -43.67
CA TYR F 187 -22.25 8.41 -43.65
C TYR F 187 -22.79 9.51 -44.55
N ASP F 188 -23.30 9.08 -45.70
CA ASP F 188 -23.85 10.00 -46.68
C ASP F 188 -25.03 10.79 -46.15
N GLU F 189 -26.00 10.09 -45.56
CA GLU F 189 -27.20 10.72 -45.03
C GLU F 189 -27.04 11.25 -43.61
N HIS F 190 -25.85 11.12 -43.05
CA HIS F 190 -25.63 11.57 -41.67
C HIS F 190 -25.88 13.06 -41.53
N LYS F 191 -26.67 13.42 -40.52
CA LYS F 191 -27.05 14.80 -40.28
C LYS F 191 -26.13 15.64 -39.38
N SER F 192 -25.13 15.00 -38.77
CA SER F 192 -24.20 15.69 -37.87
C SER F 192 -23.11 16.48 -38.60
N THR F 193 -22.61 17.53 -37.95
CA THR F 193 -21.56 18.36 -38.53
C THR F 193 -20.23 17.68 -38.28
N VAL F 194 -20.24 16.73 -37.35
CA VAL F 194 -19.01 16.02 -36.98
C VAL F 194 -19.15 14.50 -36.91
N PRO F 195 -19.49 13.85 -38.04
CA PRO F 195 -19.62 12.39 -38.04
C PRO F 195 -18.23 11.75 -38.08
N LEU F 196 -18.10 10.56 -37.51
CA LEU F 196 -16.83 9.87 -37.51
C LEU F 196 -17.02 8.47 -38.06
N ALA F 197 -16.44 8.24 -39.24
CA ALA F 197 -16.52 6.94 -39.89
C ALA F 197 -15.31 6.16 -39.38
N LEU F 198 -15.55 5.19 -38.52
CA LEU F 198 -14.45 4.44 -37.94
C LEU F 198 -13.87 3.34 -38.81
N GLY F 199 -14.74 2.61 -39.52
CA GLY F 199 -14.28 1.54 -40.37
C GLY F 199 -15.36 0.49 -40.55
N HIS F 200 -14.98 -0.78 -40.58
CA HIS F 200 -15.95 -1.86 -40.74
C HIS F 200 -16.00 -2.75 -39.51
N ASP F 201 -17.19 -3.25 -39.14
CA ASP F 201 -17.29 -4.13 -38.00
C ASP F 201 -16.71 -5.50 -38.39
N ILE F 202 -16.69 -6.47 -37.48
CA ILE F 202 -16.10 -7.78 -37.80
C ILE F 202 -16.78 -8.46 -38.97
N GLY F 203 -17.94 -7.94 -39.35
CA GLY F 203 -18.68 -8.51 -40.47
C GLY F 203 -18.61 -7.70 -41.77
N GLY F 204 -17.76 -6.69 -41.83
CA GLY F 204 -17.64 -5.89 -43.04
C GLY F 204 -18.54 -4.67 -43.15
N ARG F 205 -19.51 -4.52 -42.24
CA ARG F 205 -20.43 -3.39 -42.25
C ARG F 205 -19.79 -2.12 -41.71
N PRO F 206 -20.09 -0.96 -42.35
CA PRO F 206 -19.55 0.34 -41.92
C PRO F 206 -20.10 0.85 -40.59
N ILE F 207 -19.18 1.37 -39.77
CA ILE F 207 -19.50 1.92 -38.47
C ILE F 207 -19.28 3.44 -38.50
N ILE F 208 -20.40 4.16 -38.51
CA ILE F 208 -20.38 5.61 -38.55
C ILE F 208 -20.96 6.16 -37.25
N THR F 209 -20.21 7.03 -36.58
CA THR F 209 -20.64 7.57 -35.30
C THR F 209 -20.79 9.10 -35.30
N ASP F 210 -21.28 9.64 -34.19
CA ASP F 210 -21.47 11.07 -34.07
C ASP F 210 -20.69 11.66 -32.87
N LEU F 211 -19.59 12.34 -33.18
CA LEU F 211 -18.77 12.98 -32.17
C LEU F 211 -19.65 13.81 -31.24
N ALA F 212 -20.56 14.56 -31.83
CA ALA F 212 -21.44 15.42 -31.06
C ALA F 212 -22.31 14.68 -30.03
N LYS F 213 -22.45 13.38 -30.21
CA LYS F 213 -23.26 12.60 -29.27
C LYS F 213 -22.43 11.79 -28.27
N MET F 214 -21.10 11.82 -28.45
CA MET F 214 -20.20 11.07 -27.59
C MET F 214 -20.10 11.50 -26.11
N PRO F 215 -19.92 12.80 -25.85
CA PRO F 215 -19.80 13.93 -26.78
C PRO F 215 -18.35 14.39 -26.78
N HIS F 216 -17.50 13.50 -26.28
CA HIS F 216 -16.05 13.72 -26.19
C HIS F 216 -15.44 12.36 -26.40
N LEU F 217 -14.22 12.32 -26.92
CA LEU F 217 -13.57 11.05 -27.21
C LEU F 217 -12.15 10.86 -26.69
N LEU F 218 -11.90 9.68 -26.11
CA LEU F 218 -10.56 9.34 -25.62
C LEU F 218 -10.06 8.25 -26.56
N VAL F 219 -8.85 8.44 -27.08
CA VAL F 219 -8.26 7.48 -28.01
C VAL F 219 -6.87 7.09 -27.56
N ALA F 220 -6.65 5.78 -27.47
CA ALA F 220 -5.36 5.26 -27.05
C ALA F 220 -4.86 4.12 -27.94
N GLY F 221 -3.53 4.02 -28.08
CA GLY F 221 -2.95 2.94 -28.87
C GLY F 221 -1.45 3.09 -28.92
N THR F 222 -0.70 2.01 -28.66
CA THR F 222 0.77 2.12 -28.70
C THR F 222 1.23 2.29 -30.13
N THR F 223 2.49 2.69 -30.29
CA THR F 223 3.00 2.90 -31.64
C THR F 223 2.85 1.59 -32.41
N GLY F 224 2.35 1.72 -33.65
CA GLY F 224 2.13 0.57 -34.51
C GLY F 224 0.69 0.06 -34.53
N SER F 225 -0.15 0.58 -33.64
CA SER F 225 -1.55 0.14 -33.56
C SER F 225 -2.42 0.72 -34.67
N GLY F 226 -2.01 1.87 -35.22
CA GLY F 226 -2.78 2.50 -36.28
C GLY F 226 -3.60 3.66 -35.74
N LYS F 227 -3.13 4.25 -34.65
CA LYS F 227 -3.84 5.36 -34.00
C LYS F 227 -3.81 6.65 -34.82
N SER F 228 -2.63 6.96 -35.35
CA SER F 228 -2.46 8.17 -36.15
C SER F 228 -3.37 8.18 -37.38
N VAL F 229 -3.38 7.05 -38.10
CA VAL F 229 -4.21 6.92 -39.28
C VAL F 229 -5.67 7.10 -38.85
N GLY F 230 -6.05 6.43 -37.75
CA GLY F 230 -7.42 6.52 -37.27
C GLY F 230 -7.86 7.94 -36.91
N VAL F 231 -6.90 8.74 -36.49
CA VAL F 231 -7.21 10.11 -36.13
C VAL F 231 -7.44 10.86 -37.44
N ASN F 232 -6.61 10.55 -38.45
CA ASN F 232 -6.76 11.18 -39.76
C ASN F 232 -8.13 10.80 -40.31
N ALA F 233 -8.51 9.54 -40.15
CA ALA F 233 -9.80 9.08 -40.63
C ALA F 233 -10.87 9.90 -39.96
N MET F 234 -10.67 10.21 -38.68
CA MET F 234 -11.64 11.00 -37.91
C MET F 234 -11.74 12.44 -38.47
N LEU F 235 -10.58 13.07 -38.68
CA LEU F 235 -10.53 14.42 -39.19
C LEU F 235 -11.14 14.53 -40.60
N LEU F 236 -10.75 13.59 -41.47
CA LEU F 236 -11.26 13.57 -42.83
C LEU F 236 -12.78 13.35 -42.79
N SER F 237 -13.29 12.58 -41.84
CA SER F 237 -14.73 12.38 -41.74
C SER F 237 -15.44 13.73 -41.62
N ILE F 238 -14.82 14.64 -40.89
CA ILE F 238 -15.38 15.97 -40.67
C ILE F 238 -15.23 16.77 -41.95
N LEU F 239 -13.98 16.89 -42.40
CA LEU F 239 -13.66 17.64 -43.60
C LEU F 239 -14.43 17.24 -44.86
N PHE F 240 -14.94 16.01 -44.91
CA PHE F 240 -15.68 15.57 -46.07
C PHE F 240 -17.16 15.86 -45.93
N LYS F 241 -17.57 16.41 -44.80
CA LYS F 241 -18.99 16.69 -44.62
C LYS F 241 -19.32 18.11 -44.18
N SER F 242 -18.36 18.80 -43.58
CA SER F 242 -18.65 20.15 -43.11
C SER F 242 -17.72 21.23 -43.60
N THR F 243 -18.30 22.44 -43.71
CA THR F 243 -17.60 23.62 -44.17
C THR F 243 -17.17 24.38 -42.93
N PRO F 244 -16.18 25.27 -43.07
CA PRO F 244 -15.68 26.05 -41.94
C PRO F 244 -16.76 26.75 -41.13
N SER F 245 -17.92 26.98 -41.72
CA SER F 245 -18.98 27.67 -41.01
C SER F 245 -19.87 26.71 -40.21
N GLU F 246 -19.65 25.42 -40.40
CA GLU F 246 -20.42 24.40 -39.72
C GLU F 246 -19.57 23.68 -38.67
N ALA F 247 -18.26 23.66 -38.90
CA ALA F 247 -17.31 23.00 -38.02
C ALA F 247 -15.95 23.67 -38.08
N ARG F 248 -15.42 24.01 -36.90
CA ARG F 248 -14.11 24.62 -36.79
C ARG F 248 -13.17 23.71 -36.00
N LEU F 249 -11.88 23.89 -36.16
CA LEU F 249 -10.94 23.03 -35.47
C LEU F 249 -9.82 23.73 -34.75
N ILE F 250 -9.41 23.13 -33.62
CA ILE F 250 -8.26 23.59 -32.86
C ILE F 250 -7.41 22.34 -32.78
N MET F 251 -6.22 22.38 -33.38
CA MET F 251 -5.33 21.24 -33.38
C MET F 251 -4.05 21.45 -32.58
N ILE F 252 -3.88 20.59 -31.56
CA ILE F 252 -2.72 20.65 -30.69
C ILE F 252 -1.86 19.45 -31.03
N ASP F 253 -0.65 19.74 -31.52
CA ASP F 253 0.31 18.71 -31.92
C ASP F 253 1.60 18.88 -31.13
N PRO F 254 1.63 18.35 -29.89
CA PRO F 254 2.83 18.44 -29.04
C PRO F 254 4.12 17.97 -29.74
N LYS F 255 3.95 17.19 -30.80
CA LYS F 255 5.07 16.70 -31.61
C LYS F 255 4.79 17.39 -32.96
N MET F 256 5.61 18.35 -33.37
CA MET F 256 5.39 19.06 -34.66
C MET F 256 5.30 18.08 -35.85
N LEU F 257 4.81 16.89 -35.54
CA LEU F 257 4.68 15.79 -36.47
C LEU F 257 3.31 15.65 -37.14
N GLU F 258 2.55 14.69 -36.62
CA GLU F 258 1.23 14.31 -37.14
C GLU F 258 0.22 15.30 -37.67
N LEU F 259 -0.19 16.27 -36.86
CA LEU F 259 -1.21 17.19 -37.31
C LEU F 259 -0.75 18.37 -38.15
N SER F 260 0.57 18.56 -38.21
CA SER F 260 1.13 19.67 -38.97
C SER F 260 0.84 19.59 -40.48
N ILE F 261 0.36 18.43 -40.92
CA ILE F 261 0.03 18.26 -42.33
C ILE F 261 -1.28 18.99 -42.70
N TYR F 262 -2.07 19.38 -41.71
CA TYR F 262 -3.34 20.08 -41.97
C TYR F 262 -3.21 21.61 -41.93
N GLU F 263 -2.01 22.11 -41.74
CA GLU F 263 -1.83 23.55 -41.64
C GLU F 263 -2.51 24.29 -42.79
N GLY F 264 -3.15 25.41 -42.47
CA GLY F 264 -3.80 26.20 -43.50
C GLY F 264 -5.25 25.94 -43.88
N ILE F 265 -5.80 24.78 -43.59
CA ILE F 265 -7.20 24.56 -43.97
C ILE F 265 -8.05 25.64 -43.29
N PRO F 266 -9.08 26.14 -43.98
CA PRO F 266 -9.97 27.17 -43.47
C PRO F 266 -10.73 26.86 -42.18
N HIS F 267 -10.82 25.58 -41.80
CA HIS F 267 -11.54 25.21 -40.57
C HIS F 267 -10.79 25.57 -39.27
N LEU F 268 -9.47 25.64 -39.36
CA LEU F 268 -8.64 25.97 -38.21
C LEU F 268 -8.94 27.35 -37.64
N LEU F 269 -9.14 27.40 -36.32
CA LEU F 269 -9.44 28.65 -35.60
C LEU F 269 -8.13 29.36 -35.32
N CYS F 270 -7.03 28.63 -35.48
CA CYS F 270 -5.71 29.16 -35.25
C CYS F 270 -4.76 28.16 -35.90
N PRO F 271 -3.47 28.48 -35.97
CA PRO F 271 -2.51 27.54 -36.57
C PRO F 271 -2.44 26.28 -35.73
N VAL F 272 -1.90 25.21 -36.28
CA VAL F 272 -1.76 23.98 -35.51
C VAL F 272 -0.85 24.35 -34.34
N VAL F 273 -1.38 24.19 -33.13
CA VAL F 273 -0.65 24.55 -31.91
C VAL F 273 0.51 23.62 -31.61
N THR F 274 1.69 24.22 -31.60
CA THR F 274 2.93 23.50 -31.34
C THR F 274 3.56 23.82 -29.97
N ASP F 275 3.41 25.07 -29.54
CA ASP F 275 3.92 25.49 -28.25
C ASP F 275 2.87 25.07 -27.21
N MET F 276 3.29 24.27 -26.23
CA MET F 276 2.33 23.79 -25.23
C MET F 276 1.69 24.87 -24.36
N LYS F 277 2.45 25.92 -24.05
CA LYS F 277 1.90 27.02 -23.24
C LYS F 277 0.73 27.63 -24.02
N GLU F 278 0.90 27.75 -25.34
CA GLU F 278 -0.15 28.29 -26.21
C GLU F 278 -1.34 27.36 -26.21
N ALA F 279 -1.05 26.06 -26.25
CA ALA F 279 -2.09 25.03 -26.24
C ALA F 279 -2.96 25.22 -24.98
N ALA F 280 -2.31 25.58 -23.88
CA ALA F 280 -3.01 25.79 -22.62
C ALA F 280 -4.01 26.92 -22.84
N ASN F 281 -3.56 27.98 -23.49
CA ASN F 281 -4.42 29.13 -23.77
C ASN F 281 -5.58 28.75 -24.68
N ALA F 282 -5.31 27.91 -25.67
CA ALA F 282 -6.36 27.48 -26.58
C ALA F 282 -7.46 26.79 -25.76
N LEU F 283 -7.06 26.00 -24.75
CA LEU F 283 -8.03 25.31 -23.89
C LEU F 283 -8.76 26.32 -23.04
N ARG F 284 -8.02 27.30 -22.55
CA ARG F 284 -8.65 28.33 -21.75
C ARG F 284 -9.66 29.06 -22.63
N TRP F 285 -9.25 29.36 -23.86
CA TRP F 285 -10.11 30.07 -24.81
C TRP F 285 -11.40 29.29 -24.99
N SER F 286 -11.27 27.99 -25.15
CA SER F 286 -12.42 27.11 -25.33
C SER F 286 -13.37 27.14 -24.14
N VAL F 287 -12.83 27.25 -22.93
CA VAL F 287 -13.73 27.29 -21.78
C VAL F 287 -14.51 28.61 -21.86
N ALA F 288 -13.83 29.67 -22.24
CA ALA F 288 -14.45 30.98 -22.37
C ALA F 288 -15.52 30.97 -23.45
N GLU F 289 -15.13 30.53 -24.64
CA GLU F 289 -16.05 30.46 -25.76
C GLU F 289 -17.27 29.65 -25.35
N MET F 290 -17.03 28.61 -24.56
CA MET F 290 -18.11 27.76 -24.07
C MET F 290 -19.04 28.55 -23.15
N GLU F 291 -18.45 29.28 -22.22
CA GLU F 291 -19.22 30.10 -21.28
C GLU F 291 -20.03 31.14 -22.04
N ARG F 292 -19.39 31.75 -23.03
CA ARG F 292 -20.06 32.78 -23.83
C ARG F 292 -21.27 32.22 -24.57
N ARG F 293 -21.11 31.03 -25.12
CA ARG F 293 -22.22 30.41 -25.84
C ARG F 293 -23.38 30.12 -24.91
N TYR F 294 -23.09 29.57 -23.73
CA TYR F 294 -24.16 29.27 -22.78
C TYR F 294 -24.91 30.55 -22.45
N ARG F 295 -24.17 31.64 -22.22
CA ARG F 295 -24.76 32.93 -21.89
C ARG F 295 -25.68 33.34 -23.03
N LEU F 296 -25.17 33.23 -24.25
CA LEU F 296 -25.91 33.57 -25.47
C LEU F 296 -27.22 32.77 -25.55
N MET F 297 -27.11 31.44 -25.54
CA MET F 297 -28.27 30.55 -25.61
C MET F 297 -29.30 30.80 -24.52
N ALA F 298 -28.85 31.23 -23.34
CA ALA F 298 -29.79 31.49 -22.24
C ALA F 298 -30.70 32.63 -22.64
N ALA F 299 -30.08 33.70 -23.15
CA ALA F 299 -30.78 34.89 -23.60
C ALA F 299 -31.72 34.55 -24.77
N MET F 300 -31.28 33.64 -25.62
CA MET F 300 -32.07 33.20 -26.78
C MET F 300 -33.20 32.26 -26.42
N GLY F 301 -33.15 31.66 -25.23
CA GLY F 301 -34.19 30.72 -24.85
C GLY F 301 -33.99 29.40 -25.58
N VAL F 302 -32.73 29.07 -25.83
CA VAL F 302 -32.38 27.84 -26.53
C VAL F 302 -31.61 26.90 -25.60
N ARG F 303 -31.69 25.60 -25.89
CA ARG F 303 -31.00 24.59 -25.09
C ARG F 303 -29.62 24.17 -25.60
N ASN F 304 -29.30 24.45 -26.86
CA ASN F 304 -27.99 24.04 -27.39
C ASN F 304 -27.68 24.67 -28.74
N LEU F 305 -26.43 24.49 -29.19
CA LEU F 305 -26.00 25.05 -30.47
C LEU F 305 -27.00 24.84 -31.61
N ALA F 306 -27.58 23.64 -31.68
CA ALA F 306 -28.57 23.33 -32.71
C ALA F 306 -29.76 24.29 -32.64
N GLY F 307 -30.41 24.33 -31.49
CA GLY F 307 -31.54 25.21 -31.32
C GLY F 307 -31.16 26.65 -31.59
N PHE F 308 -29.94 27.03 -31.19
CA PHE F 308 -29.49 28.40 -31.40
C PHE F 308 -29.50 28.67 -32.88
N ASN F 309 -28.84 27.80 -33.64
CA ASN F 309 -28.77 27.96 -35.09
C ASN F 309 -30.13 27.93 -35.81
N ARG F 310 -31.12 27.23 -35.28
CA ARG F 310 -32.43 27.23 -35.94
C ARG F 310 -32.95 28.66 -35.79
N LYS F 311 -33.04 29.09 -34.54
CA LYS F 311 -33.50 30.43 -34.19
C LYS F 311 -32.92 31.48 -35.14
N VAL F 312 -31.59 31.49 -35.29
CA VAL F 312 -30.90 32.46 -36.13
C VAL F 312 -31.19 32.24 -37.61
N LYS F 313 -31.34 30.99 -38.01
CA LYS F 313 -31.62 30.69 -39.42
C LYS F 313 -33.04 31.15 -39.77
N ASP F 314 -34.01 30.72 -38.97
CA ASP F 314 -35.39 31.12 -39.18
C ASP F 314 -35.45 32.64 -39.33
N ALA F 315 -34.83 33.34 -38.38
CA ALA F 315 -34.81 34.79 -38.38
C ALA F 315 -34.36 35.35 -39.72
N GLU F 316 -33.33 34.75 -40.31
CA GLU F 316 -32.80 35.20 -41.59
C GLU F 316 -33.75 34.85 -42.74
N GLU F 317 -34.38 33.68 -42.68
CA GLU F 317 -35.32 33.24 -43.70
C GLU F 317 -36.61 34.06 -43.62
N ALA F 318 -36.80 34.74 -42.49
CA ALA F 318 -37.98 35.57 -42.29
C ALA F 318 -37.59 37.04 -42.42
N GLY F 319 -36.53 37.29 -43.19
CA GLY F 319 -36.06 38.65 -43.41
C GLY F 319 -35.72 39.48 -42.18
N THR F 320 -36.12 39.03 -41.00
CA THR F 320 -35.85 39.75 -39.74
C THR F 320 -34.72 39.06 -38.97
N PRO F 321 -33.47 39.28 -39.38
CA PRO F 321 -32.34 38.65 -38.68
C PRO F 321 -32.26 39.07 -37.21
N LEU F 322 -31.73 38.15 -36.39
CA LEU F 322 -31.58 38.38 -34.96
C LEU F 322 -30.31 39.17 -34.68
N THR F 323 -30.29 39.85 -33.55
CA THR F 323 -29.13 40.63 -33.17
C THR F 323 -28.60 40.17 -31.81
N ASP F 324 -27.28 40.26 -31.63
CA ASP F 324 -26.63 39.83 -30.39
C ASP F 324 -27.29 40.40 -29.13
N PRO F 325 -27.96 39.56 -28.34
CA PRO F 325 -28.63 39.98 -27.11
C PRO F 325 -27.67 40.32 -25.99
N LEU F 326 -26.43 39.84 -26.11
CA LEU F 326 -25.40 40.09 -25.09
C LEU F 326 -24.58 41.33 -25.40
N PHE F 327 -25.07 42.16 -26.32
CA PHE F 327 -24.37 43.38 -26.69
C PHE F 327 -24.65 44.53 -25.73
N ARG F 328 -23.58 45.18 -25.28
CA ARG F 328 -23.68 46.29 -24.35
C ARG F 328 -23.24 47.61 -25.00
N ARG F 329 -24.17 48.54 -25.14
CA ARG F 329 -23.89 49.83 -25.75
C ARG F 329 -22.91 50.62 -24.90
N GLU F 330 -21.89 51.19 -25.52
CA GLU F 330 -20.92 51.99 -24.78
C GLU F 330 -20.97 53.40 -25.31
N SER F 331 -21.62 53.54 -26.46
CA SER F 331 -21.77 54.83 -27.12
C SER F 331 -23.13 54.86 -27.82
N PRO F 332 -23.69 56.05 -28.02
CA PRO F 332 -24.99 56.15 -28.69
C PRO F 332 -24.88 55.63 -30.12
N ASP F 333 -23.64 55.57 -30.61
CA ASP F 333 -23.34 55.11 -31.96
C ASP F 333 -23.39 53.59 -32.04
N ASP F 334 -22.70 52.94 -31.12
CA ASP F 334 -22.67 51.49 -31.07
C ASP F 334 -24.00 50.87 -31.52
N GLU F 335 -23.92 49.93 -32.45
CA GLU F 335 -25.10 49.25 -32.95
C GLU F 335 -24.90 47.75 -32.75
N PRO F 336 -25.94 47.07 -32.23
CA PRO F 336 -25.90 45.63 -31.98
C PRO F 336 -25.51 44.81 -33.20
N PRO F 337 -24.36 44.10 -33.15
CA PRO F 337 -23.99 43.32 -34.32
C PRO F 337 -25.05 42.23 -34.57
N GLN F 338 -25.17 41.81 -35.82
CA GLN F 338 -26.15 40.80 -36.18
C GLN F 338 -25.63 39.38 -35.90
N LEU F 339 -26.51 38.50 -35.44
CA LEU F 339 -26.12 37.12 -35.15
C LEU F 339 -26.00 36.23 -36.38
N SER F 340 -24.98 35.39 -36.39
CA SER F 340 -24.77 34.46 -37.47
C SER F 340 -24.64 33.10 -36.82
N THR F 341 -24.90 32.04 -37.59
CA THR F 341 -24.80 30.68 -37.05
C THR F 341 -23.39 30.36 -36.54
N LEU F 342 -23.35 29.63 -35.43
CA LEU F 342 -22.08 29.25 -34.81
C LEU F 342 -21.65 27.84 -35.23
N PRO F 343 -20.34 27.64 -35.44
CA PRO F 343 -19.82 26.34 -35.85
C PRO F 343 -19.61 25.41 -34.66
N THR F 344 -19.59 24.11 -34.95
CA THR F 344 -19.32 23.11 -33.95
C THR F 344 -17.79 23.19 -33.83
N ILE F 345 -17.28 23.43 -32.61
CA ILE F 345 -15.84 23.50 -32.43
C ILE F 345 -15.33 22.11 -32.05
N VAL F 346 -14.16 21.75 -32.57
CA VAL F 346 -13.56 20.47 -32.24
C VAL F 346 -12.11 20.72 -31.88
N VAL F 347 -11.73 20.23 -30.69
CA VAL F 347 -10.38 20.38 -30.19
C VAL F 347 -9.76 18.98 -30.17
N VAL F 348 -8.69 18.79 -30.95
CA VAL F 348 -8.04 17.49 -30.99
C VAL F 348 -6.62 17.64 -30.49
N VAL F 349 -6.27 16.83 -29.50
CA VAL F 349 -4.93 16.87 -28.93
C VAL F 349 -4.31 15.55 -29.31
N ASP F 350 -3.33 15.60 -30.22
CA ASP F 350 -2.65 14.41 -30.71
C ASP F 350 -2.03 13.49 -29.65
N GLU F 351 -1.29 14.07 -28.73
CA GLU F 351 -0.65 13.30 -27.67
C GLU F 351 -0.83 14.08 -26.37
N PHE F 352 -2.02 14.02 -25.82
CA PHE F 352 -2.28 14.78 -24.61
C PHE F 352 -1.38 14.39 -23.42
N ALA F 353 -0.70 13.25 -23.48
CA ALA F 353 0.20 12.90 -22.37
C ALA F 353 1.39 13.86 -22.40
N ASP F 354 1.81 14.25 -23.60
CA ASP F 354 2.92 15.19 -23.76
C ASP F 354 2.51 16.59 -23.29
N MET F 355 1.25 16.98 -23.53
CA MET F 355 0.81 18.31 -23.11
C MET F 355 0.82 18.38 -21.57
N MET F 356 0.32 17.30 -20.97
CA MET F 356 0.27 17.20 -19.51
C MET F 356 1.69 17.29 -18.96
N MET F 357 2.58 16.49 -19.54
CA MET F 357 3.96 16.48 -19.11
C MET F 357 4.63 17.87 -19.18
N ILE F 358 4.49 18.55 -20.31
CA ILE F 358 5.13 19.85 -20.47
C ILE F 358 4.49 20.97 -19.66
N VAL F 359 3.17 21.00 -19.64
CA VAL F 359 2.45 22.06 -18.93
C VAL F 359 2.12 21.82 -17.45
N GLY F 360 1.53 20.69 -17.12
CA GLY F 360 1.20 20.42 -15.73
C GLY F 360 -0.25 20.13 -15.40
N LYS F 361 -0.54 20.12 -14.11
CA LYS F 361 -1.88 19.83 -13.59
C LYS F 361 -2.99 20.63 -14.27
N LYS F 362 -2.68 21.85 -14.71
CA LYS F 362 -3.69 22.68 -15.36
C LYS F 362 -4.29 22.13 -16.64
N VAL F 363 -3.50 21.34 -17.37
CA VAL F 363 -4.03 20.77 -18.60
C VAL F 363 -5.24 19.90 -18.22
N GLU F 364 -4.98 18.95 -17.32
CA GLU F 364 -5.99 18.04 -16.83
C GLU F 364 -7.23 18.78 -16.29
N GLU F 365 -7.02 19.83 -15.52
CA GLU F 365 -8.13 20.62 -14.97
C GLU F 365 -8.98 21.27 -16.06
N LEU F 366 -8.30 21.85 -17.06
CA LEU F 366 -9.02 22.48 -18.17
C LEU F 366 -9.81 21.41 -18.91
N ILE F 367 -9.17 20.30 -19.27
CA ILE F 367 -9.87 19.21 -19.97
C ILE F 367 -11.15 18.83 -19.23
N ALA F 368 -11.04 18.63 -17.91
CA ALA F 368 -12.17 18.24 -17.09
C ALA F 368 -13.28 19.29 -17.12
N ARG F 369 -12.86 20.56 -17.13
CA ARG F 369 -13.78 21.68 -17.17
C ARG F 369 -14.53 21.71 -18.52
N ILE F 370 -13.79 21.51 -19.60
CA ILE F 370 -14.41 21.49 -20.94
C ILE F 370 -15.38 20.31 -21.02
N ALA F 371 -14.86 19.11 -20.78
CA ALA F 371 -15.65 17.88 -20.87
C ALA F 371 -16.85 17.73 -19.95
N GLN F 372 -16.96 18.57 -18.93
CA GLN F 372 -18.06 18.44 -17.99
C GLN F 372 -19.27 19.26 -18.42
N LYS F 373 -19.05 20.25 -19.29
CA LYS F 373 -20.10 21.19 -19.69
C LYS F 373 -20.16 21.59 -21.20
N ALA F 374 -19.08 21.37 -21.95
CA ALA F 374 -19.05 21.77 -23.36
C ALA F 374 -20.08 21.21 -24.35
N ARG F 375 -20.67 20.06 -24.08
CA ARG F 375 -21.64 19.48 -25.03
C ARG F 375 -22.67 20.39 -25.66
N ALA F 376 -23.66 20.81 -24.87
CA ALA F 376 -24.73 21.67 -25.35
C ALA F 376 -24.23 22.90 -26.12
N ALA F 377 -23.02 23.36 -25.79
CA ALA F 377 -22.46 24.53 -26.47
C ALA F 377 -21.84 24.20 -27.83
N GLY F 378 -21.73 22.91 -28.16
CA GLY F 378 -21.15 22.53 -29.42
C GLY F 378 -19.63 22.46 -29.50
N ILE F 379 -18.95 22.38 -28.35
CA ILE F 379 -17.49 22.25 -28.36
C ILE F 379 -17.22 20.80 -27.98
N HIS F 380 -16.36 20.12 -28.75
CA HIS F 380 -16.07 18.71 -28.48
C HIS F 380 -14.59 18.35 -28.49
N LEU F 381 -14.25 17.42 -27.59
CA LEU F 381 -12.88 16.96 -27.38
C LEU F 381 -12.48 15.61 -28.02
N ILE F 382 -11.30 15.58 -28.62
CA ILE F 382 -10.73 14.37 -29.20
C ILE F 382 -9.33 14.30 -28.58
N LEU F 383 -9.15 13.44 -27.58
CA LEU F 383 -7.85 13.33 -26.93
C LEU F 383 -7.25 11.98 -27.25
N ALA F 384 -6.03 11.98 -27.78
CA ALA F 384 -5.39 10.72 -28.10
C ALA F 384 -4.04 10.60 -27.40
N THR F 385 -3.60 9.37 -27.19
CA THR F 385 -2.30 9.10 -26.55
C THR F 385 -1.80 7.68 -26.85
N GLN F 386 -0.49 7.51 -26.74
CA GLN F 386 0.13 6.20 -26.96
C GLN F 386 0.57 5.65 -25.58
N ARG F 387 0.37 6.49 -24.57
CA ARG F 387 0.72 6.16 -23.21
C ARG F 387 -0.52 6.01 -22.33
N PRO F 388 -1.32 4.95 -22.53
CA PRO F 388 -2.53 4.80 -21.71
C PRO F 388 -2.20 4.28 -20.30
N SER F 389 -1.80 5.17 -19.42
CA SER F 389 -1.48 4.77 -18.05
C SER F 389 -2.39 5.49 -17.09
N VAL F 390 -2.39 5.06 -15.85
CA VAL F 390 -3.24 5.70 -14.84
C VAL F 390 -2.84 7.17 -14.65
N ASP F 391 -1.57 7.47 -14.92
CA ASP F 391 -1.05 8.85 -14.78
C ASP F 391 -1.53 9.76 -15.88
N VAL F 392 -1.83 9.18 -17.04
CA VAL F 392 -2.29 9.97 -18.17
C VAL F 392 -3.81 10.02 -18.28
N ILE F 393 -4.44 8.86 -18.48
CA ILE F 393 -5.89 8.79 -18.57
C ILE F 393 -6.38 8.74 -17.11
N THR F 394 -6.38 9.90 -16.46
CA THR F 394 -6.78 10.02 -15.07
C THR F 394 -8.27 10.10 -14.84
N GLY F 395 -8.64 10.05 -13.56
CA GLY F 395 -10.02 10.13 -13.17
C GLY F 395 -10.62 11.46 -13.59
N LEU F 396 -9.85 12.53 -13.44
CA LEU F 396 -10.34 13.84 -13.85
C LEU F 396 -10.67 13.81 -15.33
N ILE F 397 -9.70 13.36 -16.14
CA ILE F 397 -9.88 13.29 -17.58
C ILE F 397 -11.08 12.39 -17.90
N LYS F 398 -11.09 11.19 -17.33
CA LYS F 398 -12.16 10.24 -17.59
C LYS F 398 -13.55 10.65 -17.11
N ALA F 399 -13.61 11.38 -16.00
CA ALA F 399 -14.88 11.79 -15.42
C ALA F 399 -16.05 12.03 -16.38
N ASN F 400 -15.87 12.89 -17.38
CA ASN F 400 -16.98 13.14 -18.30
C ASN F 400 -16.70 12.87 -19.79
N ILE F 401 -15.82 11.93 -20.05
CA ILE F 401 -15.48 11.51 -21.41
C ILE F 401 -15.78 10.00 -21.39
N PRO F 402 -17.08 9.64 -21.45
CA PRO F 402 -17.54 8.25 -21.43
C PRO F 402 -17.26 7.42 -22.67
N THR F 403 -17.00 8.09 -23.79
CA THR F 403 -16.72 7.37 -25.03
C THR F 403 -15.23 7.09 -25.22
N ARG F 404 -14.92 5.82 -25.45
CA ARG F 404 -13.52 5.40 -25.61
C ARG F 404 -13.28 4.56 -26.86
N ILE F 405 -12.13 4.81 -27.51
CA ILE F 405 -11.69 4.04 -28.67
C ILE F 405 -10.29 3.54 -28.27
N ALA F 406 -10.06 2.25 -28.43
CA ALA F 406 -8.78 1.69 -28.07
C ALA F 406 -8.21 0.82 -29.18
N PHE F 407 -7.06 1.24 -29.70
CA PHE F 407 -6.38 0.45 -30.70
C PHE F 407 -5.55 -0.55 -29.88
N GLN F 408 -4.64 -1.26 -30.53
CA GLN F 408 -3.87 -2.23 -29.77
C GLN F 408 -2.99 -1.55 -28.73
N VAL F 409 -3.05 -2.08 -27.51
CA VAL F 409 -2.25 -1.58 -26.40
C VAL F 409 -1.36 -2.71 -25.91
N SER F 410 -0.31 -2.35 -25.18
CA SER F 410 0.64 -3.34 -24.68
C SER F 410 0.16 -4.41 -23.69
N SER F 411 -0.85 -4.12 -22.88
CA SER F 411 -1.30 -5.11 -21.90
C SER F 411 -2.74 -4.95 -21.40
N LYS F 412 -3.22 -5.95 -20.68
CA LYS F 412 -4.57 -5.88 -20.13
C LYS F 412 -4.66 -4.65 -19.24
N ILE F 413 -3.58 -4.38 -18.52
CA ILE F 413 -3.53 -3.23 -17.61
C ILE F 413 -3.80 -1.97 -18.43
N ASP F 414 -3.04 -1.79 -19.51
CA ASP F 414 -3.20 -0.63 -20.40
C ASP F 414 -4.62 -0.56 -20.94
N SER F 415 -5.13 -1.72 -21.36
CA SER F 415 -6.47 -1.79 -21.89
C SER F 415 -7.49 -1.25 -20.88
N ARG F 416 -7.35 -1.67 -19.63
CA ARG F 416 -8.28 -1.24 -18.60
C ARG F 416 -8.19 0.25 -18.39
N THR F 417 -6.99 0.79 -18.50
CA THR F 417 -6.80 2.22 -18.32
C THR F 417 -7.66 3.05 -19.25
N ILE F 418 -7.74 2.62 -20.50
CA ILE F 418 -8.52 3.34 -21.50
C ILE F 418 -9.97 2.84 -21.60
N LEU F 419 -10.19 1.52 -21.57
CA LEU F 419 -11.56 1.00 -21.68
C LEU F 419 -12.24 0.62 -20.38
N ASP F 420 -11.48 0.57 -19.28
CA ASP F 420 -12.00 0.17 -17.96
C ASP F 420 -12.44 -1.26 -18.19
N GLN F 421 -11.61 -2.02 -18.90
CA GLN F 421 -11.98 -3.36 -19.29
C GLN F 421 -10.83 -3.95 -20.11
N GLY F 422 -10.60 -5.25 -20.00
CA GLY F 422 -9.53 -5.88 -20.76
C GLY F 422 -9.95 -6.19 -22.19
N GLY F 423 -8.99 -6.39 -23.08
CA GLY F 423 -9.34 -6.69 -24.46
C GLY F 423 -8.47 -6.04 -25.53
N ALA F 424 -8.31 -4.73 -25.45
CA ALA F 424 -7.49 -4.01 -26.42
C ALA F 424 -6.09 -4.60 -26.63
N GLU F 425 -5.65 -5.46 -25.71
CA GLU F 425 -4.33 -6.07 -25.83
C GLU F 425 -4.38 -7.21 -26.86
N GLN F 426 -5.59 -7.71 -27.06
CA GLN F 426 -5.85 -8.78 -28.01
C GLN F 426 -6.02 -8.29 -29.46
N LEU F 427 -6.07 -6.98 -29.65
CA LEU F 427 -6.23 -6.41 -30.99
C LEU F 427 -5.06 -6.77 -31.88
N LEU F 428 -5.30 -6.74 -33.19
CA LEU F 428 -4.30 -7.14 -34.19
C LEU F 428 -3.37 -6.06 -34.73
N GLY F 429 -3.55 -4.83 -34.30
CA GLY F 429 -2.72 -3.75 -34.83
C GLY F 429 -3.30 -3.30 -36.15
N HIS F 430 -2.60 -2.40 -36.83
CA HIS F 430 -3.06 -1.87 -38.11
C HIS F 430 -4.53 -1.47 -38.14
N GLY F 431 -4.94 -0.60 -37.23
CA GLY F 431 -6.32 -0.13 -37.23
C GLY F 431 -7.36 -0.97 -36.51
N ASP F 432 -6.99 -2.16 -36.02
CA ASP F 432 -7.94 -3.00 -35.30
C ASP F 432 -8.21 -2.23 -34.00
N MET F 433 -9.48 -2.05 -33.66
CA MET F 433 -9.84 -1.30 -32.47
C MET F 433 -11.08 -1.80 -31.75
N LEU F 434 -11.23 -1.30 -30.53
CA LEU F 434 -12.39 -1.59 -29.70
C LEU F 434 -13.04 -0.22 -29.46
N TYR F 435 -14.27 -0.06 -29.93
CA TYR F 435 -15.00 1.19 -29.77
C TYR F 435 -16.02 1.02 -28.64
N LEU F 436 -15.90 1.86 -27.61
CA LEU F 436 -16.80 1.75 -26.47
C LEU F 436 -17.67 2.97 -26.23
N PRO F 437 -18.90 2.97 -26.78
CA PRO F 437 -19.80 4.12 -26.57
C PRO F 437 -20.28 4.09 -25.11
N PRO F 438 -20.86 5.20 -24.64
CA PRO F 438 -21.35 5.29 -23.27
C PRO F 438 -22.36 4.22 -22.82
N GLY F 439 -22.36 3.98 -21.50
CA GLY F 439 -23.27 3.03 -20.91
C GLY F 439 -22.79 1.60 -20.90
N THR F 440 -23.64 0.70 -20.39
CA THR F 440 -23.34 -0.74 -20.35
C THR F 440 -23.26 -1.13 -21.81
N GLY F 441 -22.92 -2.37 -22.09
CA GLY F 441 -22.83 -2.75 -23.49
C GLY F 441 -21.40 -3.06 -23.80
N LEU F 442 -21.20 -4.18 -24.47
CA LEU F 442 -19.87 -4.63 -24.83
C LEU F 442 -19.29 -3.74 -25.92
N PRO F 443 -17.98 -3.47 -25.83
CA PRO F 443 -17.36 -2.62 -26.85
C PRO F 443 -17.60 -3.22 -28.24
N ILE F 444 -17.58 -2.38 -29.26
CA ILE F 444 -17.78 -2.82 -30.64
C ILE F 444 -16.43 -2.91 -31.32
N ARG F 445 -16.08 -4.12 -31.79
CA ARG F 445 -14.80 -4.28 -32.48
C ARG F 445 -14.92 -3.63 -33.89
N VAL F 446 -13.93 -2.81 -34.25
CA VAL F 446 -13.98 -2.14 -35.53
C VAL F 446 -12.64 -2.21 -36.22
N HIS F 447 -12.65 -2.53 -37.50
CA HIS F 447 -11.41 -2.61 -38.27
C HIS F 447 -11.32 -1.26 -38.95
N GLY F 448 -10.51 -0.39 -38.35
CA GLY F 448 -10.34 0.94 -38.87
C GLY F 448 -9.96 1.00 -40.33
N ALA F 449 -10.51 1.99 -41.01
CA ALA F 449 -10.26 2.22 -42.43
C ALA F 449 -8.85 2.80 -42.62
N PHE F 450 -8.21 2.43 -43.72
CA PHE F 450 -6.88 2.93 -43.98
C PHE F 450 -6.96 4.20 -44.81
N VAL F 451 -6.22 5.21 -44.40
CA VAL F 451 -6.18 6.46 -45.13
C VAL F 451 -4.73 6.85 -45.23
N SER F 452 -4.26 6.98 -46.48
CA SER F 452 -2.88 7.32 -46.79
C SER F 452 -2.57 8.80 -46.63
N ASP F 453 -1.29 9.11 -46.54
CA ASP F 453 -0.86 10.49 -46.38
C ASP F 453 -1.21 11.26 -47.63
N ASP F 454 -1.33 10.53 -48.75
CA ASP F 454 -1.69 11.14 -50.02
C ASP F 454 -3.14 11.55 -49.95
N GLU F 455 -4.01 10.60 -49.62
CA GLU F 455 -5.43 10.91 -49.51
C GLU F 455 -5.63 12.12 -48.59
N VAL F 456 -4.85 12.20 -47.51
CA VAL F 456 -4.96 13.32 -46.58
C VAL F 456 -4.43 14.58 -47.26
N HIS F 457 -3.19 14.51 -47.73
CA HIS F 457 -2.56 15.63 -48.42
C HIS F 457 -3.49 16.21 -49.49
N ARG F 458 -4.18 15.30 -50.19
CA ARG F 458 -5.12 15.64 -51.26
C ARG F 458 -6.30 16.46 -50.70
N VAL F 459 -7.04 15.89 -49.74
CA VAL F 459 -8.18 16.57 -49.14
C VAL F 459 -7.79 17.92 -48.50
N VAL F 460 -6.55 18.04 -48.06
CA VAL F 460 -6.11 19.29 -47.47
C VAL F 460 -6.06 20.33 -48.57
N GLU F 461 -5.29 20.04 -49.63
CA GLU F 461 -5.15 20.95 -50.77
C GLU F 461 -6.51 21.35 -51.33
N ALA F 462 -7.41 20.37 -51.43
CA ALA F 462 -8.76 20.61 -51.93
C ALA F 462 -9.46 21.70 -51.11
N TRP F 463 -9.25 21.68 -49.80
CA TRP F 463 -9.86 22.67 -48.92
C TRP F 463 -9.11 23.98 -48.94
N LYS F 464 -7.79 23.91 -49.05
CA LYS F 464 -6.97 25.13 -49.09
C LYS F 464 -7.35 25.97 -50.30
N LEU F 465 -7.84 25.31 -51.33
CA LEU F 465 -8.27 26.01 -52.54
C LEU F 465 -9.61 26.69 -52.25
N ARG F 466 -10.53 25.93 -51.65
CA ARG F 466 -11.86 26.45 -51.31
C ARG F 466 -11.88 27.60 -50.29
N GLY F 467 -10.72 28.01 -49.80
CA GLY F 467 -10.71 29.10 -48.84
C GLY F 467 -9.42 29.22 -48.05
N ALA F 468 -9.16 30.43 -47.56
CA ALA F 468 -7.96 30.71 -46.78
C ALA F 468 -8.25 30.54 -45.29
N PRO F 469 -7.19 30.37 -44.48
CA PRO F 469 -7.29 30.21 -43.03
C PRO F 469 -7.76 31.45 -42.29
N ASP F 470 -8.94 31.36 -41.68
CA ASP F 470 -9.52 32.48 -40.94
C ASP F 470 -9.21 32.40 -39.43
N TYR F 471 -7.96 32.69 -39.07
CA TYR F 471 -7.52 32.63 -37.68
C TYR F 471 -8.06 33.74 -36.77
N ILE F 472 -8.05 33.46 -35.46
CA ILE F 472 -8.46 34.40 -34.42
C ILE F 472 -7.25 34.46 -33.49
N GLU F 473 -6.18 35.12 -33.92
CA GLU F 473 -4.94 35.23 -33.13
C GLU F 473 -5.17 35.38 -31.63
N ASP F 474 -6.36 35.88 -31.29
CA ASP F 474 -6.82 36.07 -29.92
C ASP F 474 -6.73 34.77 -29.10
N ILE F 475 -7.15 33.66 -29.72
CA ILE F 475 -7.16 32.33 -29.09
C ILE F 475 -5.85 31.79 -28.51
N LEU F 476 -4.74 31.90 -29.24
CA LEU F 476 -3.47 31.38 -28.74
C LEU F 476 -2.77 32.26 -27.72
N ALA F 477 -3.30 33.46 -27.49
CA ALA F 477 -2.72 34.39 -26.52
C ALA F 477 -3.72 34.70 -25.43
#